data_7OJG
#
_entry.id   7OJG
#
_cell.length_a   1.000
_cell.length_b   1.000
_cell.length_c   1.000
_cell.angle_alpha   90.00
_cell.angle_beta   90.00
_cell.angle_gamma   90.00
#
_symmetry.space_group_name_H-M   'P 1'
#
loop_
_entity.id
_entity.type
_entity.pdbx_description
1 polymer 'Outer membrane lipoprotein slyB'
2 non-polymer 'PALMITIC ACID'
3 non-polymer GLYCEROL
4 non-polymer '(2~{R},4~{R},5~{R},6~{R})-6-[(1~{R})-1,2-bis(oxidanyl)ethyl]-2-[[(2~{R},3~{S},4~{R},5~{R},6~{R})-5-[[(~{E},3~{R})-3-dodecanoyloxytetradec-5-enoyl]amino]-6-[[(2~{R},3~{S},4~{R},5~{R},6~{R})-3-oxidanyl-5-[[(~{E},3~{R})-3-oxidanyltetradec-11-enoyl]amino]-4-[(~{E},3~{R})-3-oxidanyltetradec-5-enoyl]oxy-6-phosphonooxy-oxan-2-yl]methoxy]-3-phosphonooxy-4-[(~{E},3~{R})-3-tetradecanoyloxytetradec-7-enoyl]oxy-oxan-2-yl]methoxy]-4,5-bis(oxidanyl)oxane-2-carboxylic acid'
5 non-polymer '2-(HEXADECANOYLOXY)-1-[(PHOSPHONOOXY)METHYL]ETHYL HEXADECANOATE'
#
_entity_poly.entity_id   1
_entity_poly.type   'polypeptide(L)'
_entity_poly.pdbx_seq_one_letter_code
;MIKRVLVVSMVGLSLVGCVNNDTLSGDVYTASEAKQVQNVSYGTIVNVRPVQIQGGDDSNVIGAIGGAVLGGFLGNTVGG
GTGRSLATAAGAVAGGVAGQGVQSAMNKTQGVELEIRKDDGNTIMVVQKQGNTRFSPGQRVVLASNGSQVTVSPR
;
_entity_poly.pdbx_strand_id   A,B,C,D,E,F,G,H,I,J,K
#
# COMPACT_ATOMS: atom_id res chain seq x y z
N CYS A 18 32.68 -2.68 2.20
CA CYS A 18 33.38 -1.41 2.11
C CYS A 18 32.45 -0.33 1.55
N VAL A 19 32.72 0.92 1.90
CA VAL A 19 32.01 2.06 1.34
C VAL A 19 33.05 3.00 0.75
N ASN A 20 32.81 3.43 -0.49
CA ASN A 20 33.79 4.21 -1.25
C ASN A 20 33.51 5.69 -1.01
N ASN A 21 34.00 6.20 0.12
CA ASN A 21 33.83 7.61 0.47
C ASN A 21 35.04 8.43 0.01
N ASP A 22 35.32 8.33 -1.28
CA ASP A 22 36.31 9.19 -1.92
C ASP A 22 35.65 10.30 -2.72
N THR A 23 34.32 10.31 -2.80
CA THR A 23 33.59 11.40 -3.41
C THR A 23 33.38 12.57 -2.45
N LEU A 24 34.11 12.60 -1.34
CA LEU A 24 34.03 13.67 -0.36
C LEU A 24 35.32 14.49 -0.35
N SER A 25 35.95 14.63 -1.51
CA SER A 25 37.14 15.44 -1.67
C SER A 25 36.84 16.65 -2.54
N GLY A 26 37.83 17.50 -2.71
CA GLY A 26 37.65 18.70 -3.50
C GLY A 26 38.18 18.54 -4.91
N ASP A 27 38.35 17.28 -5.32
CA ASP A 27 38.96 16.96 -6.61
C ASP A 27 38.22 15.80 -7.30
N VAL A 28 37.04 15.45 -6.82
CA VAL A 28 36.27 14.34 -7.38
C VAL A 28 34.80 14.68 -7.29
N TYR A 29 34.09 14.60 -8.41
CA TYR A 29 32.67 14.90 -8.47
C TYR A 29 31.88 13.63 -8.71
N THR A 30 30.81 13.43 -7.95
CA THR A 30 29.89 12.35 -8.27
C THR A 30 29.21 12.64 -9.60
N ALA A 31 28.80 11.57 -10.29
CA ALA A 31 28.34 11.71 -11.67
C ALA A 31 26.88 12.12 -11.77
N SER A 32 26.19 12.30 -10.65
CA SER A 32 24.82 12.78 -10.67
C SER A 32 24.73 14.30 -10.59
N GLU A 33 25.86 14.99 -10.59
CA GLU A 33 25.90 16.44 -10.60
C GLU A 33 26.88 16.95 -11.65
N ALA A 34 26.94 16.26 -12.77
CA ALA A 34 27.61 16.77 -13.96
C ALA A 34 26.56 17.26 -14.94
N LYS A 35 26.95 18.25 -15.74
CA LYS A 35 26.03 18.96 -16.64
C LYS A 35 24.89 19.59 -15.86
N GLN A 36 25.25 20.47 -14.93
CA GLN A 36 24.29 21.29 -14.19
C GLN A 36 24.93 22.65 -13.95
N VAL A 37 24.16 23.57 -13.38
CA VAL A 37 24.61 24.94 -13.17
C VAL A 37 24.85 25.18 -11.69
N GLN A 38 25.96 25.85 -11.39
CA GLN A 38 26.38 26.12 -10.02
C GLN A 38 26.88 27.55 -9.92
N ASN A 39 26.58 28.21 -8.80
CA ASN A 39 26.90 29.60 -8.58
C ASN A 39 28.30 29.76 -8.00
N VAL A 40 28.81 30.98 -8.03
CA VAL A 40 30.20 31.27 -7.66
C VAL A 40 30.25 32.43 -6.67
N SER A 41 31.04 32.27 -5.61
CA SER A 41 31.29 33.31 -4.63
C SER A 41 32.78 33.31 -4.28
N TYR A 42 33.20 34.33 -3.53
CA TYR A 42 34.61 34.47 -3.14
C TYR A 42 34.69 34.65 -1.63
N GLY A 43 35.87 34.35 -1.07
CA GLY A 43 36.02 34.46 0.36
C GLY A 43 37.48 34.47 0.80
N THR A 44 37.68 34.30 2.10
CA THR A 44 38.99 34.25 2.72
C THR A 44 38.97 33.20 3.83
N ILE A 45 40.14 32.67 4.17
CA ILE A 45 40.26 31.44 4.95
C ILE A 45 40.98 31.74 6.27
N VAL A 46 40.44 31.21 7.37
CA VAL A 46 41.06 31.31 8.69
C VAL A 46 40.78 30.05 9.49
N ASN A 47 41.73 29.69 10.36
CA ASN A 47 41.54 28.71 11.43
C ASN A 47 41.15 27.33 10.91
N VAL A 48 42.11 26.69 10.24
CA VAL A 48 42.01 25.29 9.86
C VAL A 48 42.50 24.41 11.01
N ARG A 49 41.74 23.36 11.34
CA ARG A 49 42.19 22.37 12.31
C ARG A 49 41.82 20.98 11.85
N PRO A 50 42.60 19.96 12.21
CA PRO A 50 42.37 18.61 11.69
C PRO A 50 41.28 17.85 12.45
N VAL A 51 40.64 16.92 11.72
CA VAL A 51 39.43 16.24 12.16
C VAL A 51 39.38 14.88 11.48
N GLN A 52 38.71 13.92 12.11
CA GLN A 52 38.51 12.59 11.54
C GLN A 52 37.07 12.45 11.05
N ILE A 53 36.86 11.57 10.07
CA ILE A 53 35.56 11.40 9.42
C ILE A 53 35.19 9.91 9.44
N GLN A 54 33.97 9.62 9.84
CA GLN A 54 33.48 8.26 10.01
C GLN A 54 32.30 8.04 9.07
N GLY A 55 32.52 7.30 7.99
CA GLY A 55 31.50 7.02 7.01
C GLY A 55 30.68 5.79 7.36
N GLY A 56 29.95 5.28 6.37
CA GLY A 56 29.23 4.05 6.54
C GLY A 56 27.93 4.23 7.31
N ASP A 57 27.47 3.14 7.93
CA ASP A 57 26.25 3.12 8.71
C ASP A 57 26.51 2.53 10.08
N ASP A 58 25.67 2.91 11.05
CA ASP A 58 25.92 2.56 12.44
C ASP A 58 25.61 1.09 12.73
N SER A 59 24.52 0.56 12.17
CA SER A 59 24.16 -0.84 12.37
C SER A 59 24.91 -1.67 11.32
N ASN A 60 26.01 -2.29 11.74
CA ASN A 60 26.85 -3.07 10.83
C ASN A 60 26.23 -4.45 10.65
N VAL A 61 25.79 -4.76 9.43
CA VAL A 61 25.16 -6.03 9.13
C VAL A 61 26.08 -6.94 8.32
N ILE A 62 26.75 -6.40 7.30
CA ILE A 62 27.60 -7.22 6.45
C ILE A 62 28.78 -7.79 7.23
N GLY A 63 29.32 -7.04 8.19
CA GLY A 63 30.40 -7.56 8.99
C GLY A 63 29.98 -8.73 9.86
N ALA A 64 28.74 -8.69 10.37
CA ALA A 64 28.27 -9.74 11.27
C ALA A 64 28.22 -11.09 10.57
N ILE A 65 27.68 -11.13 9.35
CA ILE A 65 27.52 -12.40 8.66
C ILE A 65 28.87 -12.99 8.25
N GLY A 66 29.77 -12.15 7.72
CA GLY A 66 31.09 -12.64 7.37
C GLY A 66 31.84 -13.18 8.58
N GLY A 67 31.83 -12.43 9.68
CA GLY A 67 32.46 -12.92 10.89
C GLY A 67 31.83 -14.20 11.40
N ALA A 68 30.50 -14.30 11.30
CA ALA A 68 29.80 -15.48 11.79
C ALA A 68 30.20 -16.73 11.01
N VAL A 69 30.16 -16.66 9.68
CA VAL A 69 30.49 -17.85 8.90
C VAL A 69 31.96 -18.22 9.09
N LEU A 70 32.86 -17.23 9.04
CA LEU A 70 34.27 -17.58 9.15
C LEU A 70 34.63 -18.09 10.55
N GLY A 71 33.89 -17.68 11.58
CA GLY A 71 34.14 -18.23 12.90
C GLY A 71 33.51 -19.58 13.11
N GLY A 72 32.33 -19.79 12.54
CA GLY A 72 31.67 -21.07 12.67
C GLY A 72 32.40 -22.20 11.98
N PHE A 73 32.89 -21.96 10.77
CA PHE A 73 33.58 -23.04 10.07
C PHE A 73 34.96 -23.34 10.65
N LEU A 74 35.42 -22.56 11.61
CA LEU A 74 36.64 -22.86 12.35
C LEU A 74 36.35 -23.68 13.61
N GLY A 75 35.10 -24.06 13.82
CA GLY A 75 34.74 -24.78 15.02
C GLY A 75 34.66 -26.28 14.86
N ASN A 76 34.34 -26.76 13.65
CA ASN A 76 34.19 -28.20 13.44
C ASN A 76 35.49 -28.96 13.68
N THR A 77 36.64 -28.31 13.55
CA THR A 77 37.90 -29.03 13.52
C THR A 77 38.41 -29.44 14.90
N VAL A 78 37.64 -29.22 15.97
CA VAL A 78 38.03 -29.68 17.30
C VAL A 78 36.97 -30.64 17.82
N GLY A 79 37.43 -31.64 18.57
CA GLY A 79 36.54 -32.54 19.28
C GLY A 79 35.72 -33.43 18.36
N GLY A 80 34.82 -34.20 18.98
CA GLY A 80 33.92 -35.05 18.25
C GLY A 80 32.80 -35.54 19.15
N GLY A 81 31.67 -35.83 18.54
CA GLY A 81 30.50 -36.29 19.28
C GLY A 81 29.50 -35.17 19.49
N THR A 82 29.10 -34.96 20.75
CA THR A 82 28.26 -33.83 21.12
C THR A 82 29.08 -32.65 21.63
N GLY A 83 30.39 -32.79 21.73
CA GLY A 83 31.26 -31.69 22.07
C GLY A 83 31.73 -30.88 20.90
N ARG A 84 31.34 -31.26 19.68
CA ARG A 84 31.64 -30.46 18.50
C ARG A 84 30.59 -29.38 18.29
N SER A 85 29.33 -29.69 18.55
CA SER A 85 28.27 -28.72 18.39
C SER A 85 28.48 -27.52 19.31
N LEU A 86 28.89 -27.77 20.55
CA LEU A 86 29.17 -26.67 21.46
C LEU A 86 30.28 -25.77 20.93
N ALA A 87 31.33 -26.37 20.38
CA ALA A 87 32.44 -25.58 19.85
C ALA A 87 32.00 -24.71 18.68
N THR A 88 31.25 -25.28 17.73
CA THR A 88 30.82 -24.47 16.60
C THR A 88 29.86 -23.37 17.04
N ALA A 89 28.97 -23.67 18.00
CA ALA A 89 28.04 -22.64 18.46
C ALA A 89 28.77 -21.50 19.15
N ALA A 90 29.79 -21.80 19.96
CA ALA A 90 30.54 -20.72 20.60
C ALA A 90 31.32 -19.91 19.58
N GLY A 91 31.97 -20.59 18.63
CA GLY A 91 32.74 -19.87 17.63
C GLY A 91 31.89 -18.95 16.79
N ALA A 92 30.64 -19.33 16.52
CA ALA A 92 29.78 -18.49 15.69
C ALA A 92 29.63 -17.09 16.29
N VAL A 93 29.23 -16.99 17.56
CA VAL A 93 29.02 -15.66 18.14
C VAL A 93 30.34 -14.96 18.42
N ALA A 94 31.36 -15.72 18.85
CA ALA A 94 32.63 -15.07 19.12
C ALA A 94 33.31 -14.54 17.87
N GLY A 95 32.87 -14.98 16.68
CA GLY A 95 33.33 -14.36 15.46
C GLY A 95 32.37 -13.29 14.98
N GLY A 96 31.09 -13.46 15.32
CA GLY A 96 30.09 -12.49 14.93
C GLY A 96 30.36 -11.11 15.49
N VAL A 97 30.70 -11.04 16.77
CA VAL A 97 30.96 -9.71 17.34
C VAL A 97 32.26 -9.11 16.77
N ALA A 98 33.28 -9.94 16.51
CA ALA A 98 34.51 -9.42 15.93
C ALA A 98 34.29 -8.91 14.52
N GLY A 99 33.30 -9.46 13.81
CA GLY A 99 32.98 -8.94 12.49
C GLY A 99 32.61 -7.46 12.52
N GLN A 100 31.69 -7.10 13.42
CA GLN A 100 31.35 -5.70 13.60
C GLN A 100 32.51 -4.91 14.18
N GLY A 101 33.37 -5.57 14.95
CA GLY A 101 34.55 -4.89 15.45
C GLY A 101 35.48 -4.42 14.34
N VAL A 102 35.64 -5.24 13.31
CA VAL A 102 36.58 -4.90 12.24
C VAL A 102 35.93 -4.09 11.12
N GLN A 103 34.66 -4.35 10.79
CA GLN A 103 34.04 -3.70 9.65
C GLN A 103 33.80 -2.21 9.86
N SER A 104 33.95 -1.71 11.09
CA SER A 104 33.78 -0.30 11.39
C SER A 104 35.09 0.34 11.83
N ALA A 105 36.21 -0.18 11.37
CA ALA A 105 37.50 0.46 11.54
C ALA A 105 38.26 0.60 10.22
N MET A 106 37.66 0.18 9.11
CA MET A 106 38.21 0.40 7.79
C MET A 106 37.44 1.47 7.03
N ASN A 107 36.55 2.21 7.70
CA ASN A 107 35.81 3.28 7.06
C ASN A 107 36.08 4.59 7.77
N LYS A 108 37.35 4.88 8.06
CA LYS A 108 37.75 6.02 8.86
C LYS A 108 38.88 6.76 8.17
N THR A 109 38.60 8.00 7.74
CA THR A 109 39.56 8.81 7.01
C THR A 109 39.87 10.08 7.79
N GLN A 110 40.81 10.86 7.29
CA GLN A 110 41.25 12.08 7.94
C GLN A 110 40.98 13.29 7.06
N GLY A 111 40.38 14.33 7.63
CA GLY A 111 40.08 15.54 6.90
C GLY A 111 40.40 16.81 7.66
N VAL A 112 39.98 17.96 7.14
CA VAL A 112 40.24 19.25 7.78
C VAL A 112 38.92 20.00 7.93
N GLU A 113 38.92 20.96 8.86
CA GLU A 113 37.79 21.85 9.07
C GLU A 113 38.26 23.28 8.85
N LEU A 114 37.54 24.02 8.01
CA LEU A 114 37.93 25.35 7.55
C LEU A 114 36.89 26.36 7.96
N GLU A 115 37.33 27.54 8.42
CA GLU A 115 36.44 28.66 8.72
C GLU A 115 36.72 29.77 7.70
N ILE A 116 35.76 29.99 6.80
CA ILE A 116 35.91 30.97 5.73
C ILE A 116 34.98 32.14 5.97
N ARG A 117 35.50 33.34 5.80
CA ARG A 117 34.75 34.58 5.91
C ARG A 117 34.53 35.15 4.52
N LYS A 118 33.27 35.30 4.12
CA LYS A 118 32.96 35.75 2.78
C LYS A 118 33.13 37.26 2.67
N ASP A 119 33.10 37.76 1.43
CA ASP A 119 33.17 39.20 1.18
C ASP A 119 31.88 39.92 1.50
N ASP A 120 30.79 39.19 1.70
CA ASP A 120 29.56 39.80 2.20
C ASP A 120 29.76 40.38 3.59
N GLY A 121 30.44 39.65 4.47
CA GLY A 121 30.64 40.05 5.84
C GLY A 121 30.11 38.97 6.76
N ASN A 122 29.74 37.84 6.17
CA ASN A 122 29.16 36.72 6.87
C ASN A 122 30.19 35.60 6.96
N THR A 123 30.13 34.84 8.06
CA THR A 123 31.11 33.82 8.37
C THR A 123 30.47 32.44 8.39
N ILE A 124 31.17 31.45 7.83
CA ILE A 124 30.74 30.06 7.84
C ILE A 124 31.96 29.16 8.02
N MET A 125 31.71 27.88 8.27
CA MET A 125 32.77 26.88 8.25
C MET A 125 32.28 25.61 7.58
N VAL A 126 33.21 24.90 6.93
CA VAL A 126 32.92 23.70 6.15
C VAL A 126 34.02 22.68 6.40
N VAL A 127 33.65 21.39 6.35
CA VAL A 127 34.55 20.30 6.66
C VAL A 127 34.72 19.42 5.42
N GLN A 128 35.96 19.00 5.15
CA GLN A 128 36.28 18.41 3.86
C GLN A 128 37.49 17.51 4.00
N LYS A 129 37.53 16.45 3.19
CA LYS A 129 38.55 15.42 3.32
C LYS A 129 39.92 15.92 2.86
N GLN A 130 40.96 15.49 3.55
CA GLN A 130 42.33 15.85 3.20
C GLN A 130 42.71 15.24 1.86
N GLY A 131 43.37 16.05 1.02
CA GLY A 131 43.80 15.59 -0.29
C GLY A 131 45.30 15.68 -0.48
N ASN A 132 45.74 16.43 -1.48
CA ASN A 132 47.16 16.64 -1.75
C ASN A 132 47.54 18.11 -1.83
N THR A 133 46.64 19.01 -1.47
CA THR A 133 46.92 20.43 -1.37
C THR A 133 46.83 20.87 0.08
N ARG A 134 47.73 21.76 0.48
CA ARG A 134 47.80 22.23 1.86
C ARG A 134 47.14 23.60 1.97
N PHE A 135 46.18 23.72 2.89
CA PHE A 135 45.55 24.99 3.17
C PHE A 135 46.30 25.70 4.29
N SER A 136 46.42 27.02 4.18
CA SER A 136 47.19 27.84 5.10
C SER A 136 46.32 28.99 5.59
N PRO A 137 46.65 29.58 6.74
CA PRO A 137 45.90 30.75 7.22
C PRO A 137 46.27 31.99 6.41
N GLY A 138 45.30 32.51 5.65
CA GLY A 138 45.51 33.66 4.80
C GLY A 138 45.68 33.23 3.35
N GLN A 139 44.60 33.32 2.58
CA GLN A 139 44.56 32.79 1.22
C GLN A 139 43.21 33.18 0.64
N ARG A 140 43.08 33.01 -0.67
CA ARG A 140 41.85 33.33 -1.39
C ARG A 140 41.27 32.05 -1.97
N VAL A 141 39.98 31.81 -1.69
CA VAL A 141 39.31 30.63 -2.18
C VAL A 141 38.04 31.05 -2.89
N VAL A 142 37.57 30.19 -3.79
CA VAL A 142 36.35 30.41 -4.57
C VAL A 142 35.39 29.29 -4.26
N LEU A 143 34.17 29.63 -3.86
CA LEU A 143 33.17 28.66 -3.47
C LEU A 143 32.26 28.36 -4.64
N ALA A 144 32.20 27.11 -5.05
CA ALA A 144 31.24 26.65 -6.05
C ALA A 144 30.08 26.02 -5.32
N SER A 145 28.89 26.61 -5.46
CA SER A 145 27.78 26.30 -4.58
C SER A 145 26.55 25.89 -5.37
N ASN A 146 25.70 25.12 -4.70
CA ASN A 146 24.38 24.75 -5.19
C ASN A 146 23.42 24.91 -4.02
N GLY A 147 22.20 24.41 -4.12
CA GLY A 147 21.34 24.42 -2.95
C GLY A 147 21.82 23.45 -1.91
N SER A 148 22.39 23.97 -0.83
CA SER A 148 22.91 23.16 0.28
C SER A 148 23.97 22.16 -0.19
N GLN A 149 24.91 22.64 -0.99
CA GLN A 149 26.10 21.90 -1.39
C GLN A 149 27.20 22.91 -1.68
N VAL A 150 28.42 22.61 -1.26
CA VAL A 150 29.54 23.52 -1.43
C VAL A 150 30.82 22.73 -1.66
N THR A 151 31.66 23.20 -2.57
CA THR A 151 33.02 22.70 -2.75
C THR A 151 33.97 23.88 -2.67
N VAL A 152 35.08 23.71 -1.97
CA VAL A 152 36.08 24.75 -1.80
C VAL A 152 37.35 24.32 -2.52
N SER A 153 37.89 25.23 -3.35
CA SER A 153 39.08 24.96 -4.13
C SER A 153 40.01 26.15 -4.04
N PRO A 154 41.31 25.94 -4.08
CA PRO A 154 42.25 27.04 -3.89
C PRO A 154 42.25 27.98 -5.09
N ARG A 155 43.01 29.07 -4.94
CA ARG A 155 43.07 30.13 -5.93
C ARG A 155 43.36 29.64 -7.34
N CYS B 18 26.69 -4.70 18.63
CA CYS B 18 27.31 -3.46 19.08
C CYS B 18 26.79 -2.28 18.28
N VAL B 19 26.81 -1.09 18.88
CA VAL B 19 26.47 0.14 18.20
C VAL B 19 27.65 1.10 18.37
N ASN B 20 28.09 1.69 17.26
CA ASN B 20 29.30 2.50 17.24
C ASN B 20 28.91 3.95 17.49
N ASN B 21 28.73 4.29 18.76
CA ASN B 21 28.37 5.65 19.15
C ASN B 21 29.62 6.46 19.51
N ASP B 22 30.54 6.51 18.56
CA ASP B 22 31.71 7.38 18.66
C ASP B 22 31.54 8.62 17.79
N THR B 23 30.46 8.71 17.03
CA THR B 23 30.13 9.91 16.27
C THR B 23 29.43 10.95 17.13
N LEU B 24 29.46 10.80 18.46
CA LEU B 24 28.86 11.75 19.38
C LEU B 24 29.93 12.49 20.17
N SER B 25 31.07 12.74 19.54
CA SER B 25 32.16 13.50 20.14
C SER B 25 32.33 14.83 19.41
N GLY B 26 33.25 15.64 19.90
CA GLY B 26 33.49 16.93 19.31
C GLY B 26 34.68 16.92 18.37
N ASP B 27 35.06 15.71 17.94
CA ASP B 27 36.27 15.52 17.14
C ASP B 27 36.02 14.51 16.02
N VAL B 28 34.78 14.15 15.75
CA VAL B 28 34.44 13.16 14.72
C VAL B 28 33.13 13.57 14.08
N TYR B 29 33.12 13.66 12.75
CA TYR B 29 31.94 14.05 12.00
C TYR B 29 31.41 12.86 11.21
N THR B 30 30.11 12.63 11.27
CA THR B 30 29.51 11.65 10.38
C THR B 30 29.63 12.14 8.94
N ALA B 31 29.67 11.19 8.01
CA ALA B 31 29.99 11.53 6.62
C ALA B 31 28.79 12.03 5.83
N SER B 32 27.61 12.09 6.43
CA SER B 32 26.45 12.65 5.76
C SER B 32 26.32 14.15 5.98
N GLU B 33 27.26 14.77 6.67
CA GLU B 33 27.27 16.21 6.88
C GLU B 33 28.62 16.80 6.58
N ALA B 34 29.29 16.24 5.57
CA ALA B 34 30.48 16.85 4.99
C ALA B 34 30.10 17.53 3.67
N LYS B 35 30.83 18.59 3.34
CA LYS B 35 30.50 19.44 2.20
C LYS B 35 29.10 20.03 2.34
N GLN B 36 28.90 20.77 3.44
CA GLN B 36 27.69 21.55 3.66
C GLN B 36 28.08 22.84 4.38
N VAL B 37 27.11 23.71 4.58
CA VAL B 37 27.35 25.03 5.18
C VAL B 37 26.77 25.06 6.58
N GLN B 38 27.56 25.62 7.51
CA GLN B 38 27.17 25.70 8.91
C GLN B 38 27.51 27.08 9.46
N ASN B 39 26.65 27.61 10.32
CA ASN B 39 26.80 28.94 10.86
C ASN B 39 27.68 28.95 12.10
N VAL B 40 28.10 30.15 12.52
CA VAL B 40 29.08 30.30 13.59
C VAL B 40 28.58 31.32 14.61
N SER B 41 28.70 30.99 15.89
CA SER B 41 28.39 31.89 16.98
C SER B 41 29.46 31.77 18.05
N TYR B 42 29.42 32.66 19.04
CA TYR B 42 30.39 32.67 20.13
C TYR B 42 29.67 32.66 21.47
N GLY B 43 30.38 32.24 22.51
CA GLY B 43 29.76 32.15 23.81
C GLY B 43 30.77 32.03 24.95
N THR B 44 30.24 31.70 26.13
CA THR B 44 31.05 31.49 27.33
C THR B 44 30.47 30.32 28.09
N ILE B 45 31.30 29.69 28.93
CA ILE B 45 31.01 28.36 29.49
C ILE B 45 30.93 28.46 31.02
N VAL B 46 29.90 27.83 31.59
CA VAL B 46 29.74 27.74 33.04
C VAL B 46 29.10 26.39 33.40
N ASN B 47 29.45 25.88 34.58
CA ASN B 47 28.75 24.78 35.25
C ASN B 47 28.72 23.50 34.42
N VAL B 48 29.90 22.91 34.27
CA VAL B 48 30.04 21.56 33.72
C VAL B 48 29.87 20.52 34.82
N ARG B 49 29.08 19.48 34.56
CA ARG B 49 28.96 18.36 35.48
C ARG B 49 28.91 17.05 34.70
N PRO B 50 29.42 15.96 35.28
CA PRO B 50 29.52 14.69 34.54
C PRO B 50 28.22 13.91 34.51
N VAL B 51 28.07 13.11 33.44
CA VAL B 51 26.82 12.45 33.09
C VAL B 51 27.16 11.19 32.30
N GLN B 52 26.28 10.20 32.35
CA GLN B 52 26.43 8.96 31.59
C GLN B 52 25.47 8.96 30.41
N ILE B 53 25.82 8.22 29.36
CA ILE B 53 25.06 8.20 28.10
C ILE B 53 24.77 6.75 27.73
N GLN B 54 23.52 6.47 27.38
CA GLN B 54 23.04 5.12 27.09
C GLN B 54 22.53 5.09 25.65
N GLY B 55 23.31 4.49 24.76
CA GLY B 55 22.96 4.39 23.36
C GLY B 55 22.10 3.16 23.07
N GLY B 56 22.02 2.82 21.79
CA GLY B 56 21.34 1.61 21.39
C GLY B 56 19.82 1.76 21.38
N ASP B 57 19.13 0.63 21.52
CA ASP B 57 17.68 0.59 21.52
C ASP B 57 17.19 -0.19 22.73
N ASP B 58 15.96 0.12 23.17
CA ASP B 58 15.45 -0.42 24.42
C ASP B 58 15.06 -1.89 24.30
N SER B 59 14.44 -2.28 23.19
CA SER B 59 14.07 -3.69 22.98
C SER B 59 15.26 -4.41 22.39
N ASN B 60 15.99 -5.14 23.23
CA ASN B 60 17.19 -5.84 22.80
C ASN B 60 16.80 -7.15 22.14
N VAL B 61 17.07 -7.28 20.84
CA VAL B 61 16.72 -8.47 20.08
C VAL B 61 17.94 -9.33 19.77
N ILE B 62 19.03 -8.69 19.33
CA ILE B 62 20.22 -9.45 18.94
C ILE B 62 20.83 -10.17 20.14
N GLY B 63 20.77 -9.58 21.33
CA GLY B 63 21.28 -10.26 22.50
C GLY B 63 20.49 -11.50 22.85
N ALA B 64 19.16 -11.46 22.65
CA ALA B 64 18.31 -12.58 23.01
C ALA B 64 18.66 -13.82 22.22
N ILE B 65 18.85 -13.68 20.91
CA ILE B 65 19.09 -14.86 20.07
C ILE B 65 20.47 -15.46 20.36
N GLY B 66 21.49 -14.62 20.49
CA GLY B 66 22.81 -15.13 20.81
C GLY B 66 22.82 -15.85 22.16
N GLY B 67 22.22 -15.23 23.17
CA GLY B 67 22.14 -15.91 24.46
C GLY B 67 21.36 -17.21 24.38
N ALA B 68 20.28 -17.22 23.59
CA ALA B 68 19.46 -18.42 23.49
C ALA B 68 20.23 -19.57 22.86
N VAL B 69 20.89 -19.34 21.73
CA VAL B 69 21.61 -20.45 21.10
C VAL B 69 22.76 -20.91 21.98
N LEU B 70 23.54 -19.98 22.53
CA LEU B 70 24.69 -20.40 23.33
C LEU B 70 24.26 -21.11 24.61
N GLY B 71 23.08 -20.80 25.15
CA GLY B 71 22.62 -21.50 26.32
C GLY B 71 21.99 -22.84 25.99
N GLY B 72 21.31 -22.92 24.86
CA GLY B 72 20.68 -24.18 24.45
C GLY B 72 21.70 -25.24 24.10
N PHE B 73 22.75 -24.88 23.37
CA PHE B 73 23.72 -25.89 23.00
C PHE B 73 24.60 -26.33 24.16
N LEU B 74 24.48 -25.70 25.32
CA LEU B 74 25.12 -26.17 26.54
C LEU B 74 24.24 -27.11 27.34
N GLY B 75 23.05 -27.45 26.82
CA GLY B 75 22.14 -28.31 27.54
C GLY B 75 22.18 -29.77 27.15
N ASN B 76 22.57 -30.07 25.91
CA ASN B 76 22.58 -31.46 25.46
C ASN B 76 23.57 -32.31 26.24
N THR B 77 24.59 -31.71 26.83
CA THR B 77 25.70 -32.48 27.36
C THR B 77 25.42 -33.10 28.72
N VAL B 78 24.20 -32.98 29.26
CA VAL B 78 23.84 -33.61 30.52
C VAL B 78 22.69 -34.58 30.28
N GLY B 79 22.70 -35.68 31.01
CA GLY B 79 21.58 -36.61 31.02
C GLY B 79 21.39 -37.33 29.70
N GLY B 80 20.32 -38.12 29.66
CA GLY B 80 19.96 -38.84 28.45
C GLY B 80 18.54 -39.36 28.55
N GLY B 81 17.90 -39.52 27.41
CA GLY B 81 16.53 -40.01 27.36
C GLY B 81 15.55 -38.86 27.17
N THR B 82 14.54 -38.80 28.04
CA THR B 82 13.61 -37.67 28.07
C THR B 82 14.01 -36.62 29.08
N GLY B 83 15.07 -36.84 29.84
CA GLY B 83 15.61 -35.83 30.72
C GLY B 83 16.62 -34.90 30.08
N ARG B 84 16.93 -35.11 28.81
CA ARG B 84 17.79 -34.19 28.07
C ARG B 84 16.99 -33.03 27.51
N SER B 85 15.78 -33.32 27.02
CA SER B 85 14.94 -32.27 26.46
C SER B 85 14.61 -31.21 27.50
N LEU B 86 14.33 -31.63 28.74
CA LEU B 86 14.06 -30.66 29.79
C LEU B 86 15.27 -29.77 30.05
N ALA B 87 16.47 -30.35 30.05
CA ALA B 87 17.66 -29.56 30.30
C ALA B 87 17.89 -28.54 29.20
N THR B 88 17.76 -28.95 27.93
CA THR B 88 17.97 -27.98 26.85
C THR B 88 16.90 -26.89 26.87
N ALA B 89 15.64 -27.25 27.18
CA ALA B 89 14.59 -26.24 27.23
C ALA B 89 14.83 -25.24 28.33
N ALA B 90 15.27 -25.69 29.51
CA ALA B 90 15.57 -24.75 30.58
C ALA B 90 16.74 -23.85 30.24
N GLY B 91 17.81 -24.44 29.70
CA GLY B 91 18.98 -23.65 29.34
C GLY B 91 18.67 -22.58 28.32
N ALA B 92 17.76 -22.87 27.38
CA ALA B 92 17.44 -21.88 26.36
C ALA B 92 16.98 -20.55 26.97
N VAL B 93 15.97 -20.60 27.84
CA VAL B 93 15.45 -19.34 28.40
C VAL B 93 16.43 -18.76 29.41
N ALA B 94 17.08 -19.62 30.21
CA ALA B 94 18.00 -19.07 31.19
C ALA B 94 19.23 -18.44 30.56
N GLY B 95 19.49 -18.69 29.28
CA GLY B 95 20.50 -17.96 28.56
C GLY B 95 19.91 -16.79 27.81
N GLY B 96 18.65 -16.93 27.40
CA GLY B 96 17.99 -15.85 26.67
C GLY B 96 17.90 -14.57 27.47
N VAL B 97 17.51 -14.68 28.75
CA VAL B 97 17.41 -13.45 29.53
C VAL B 97 18.80 -12.86 29.81
N ALA B 98 19.81 -13.70 30.02
CA ALA B 98 21.16 -13.17 30.25
C ALA B 98 21.71 -12.49 29.01
N GLY B 99 21.25 -12.88 27.82
CA GLY B 99 21.67 -12.18 26.61
C GLY B 99 21.29 -10.72 26.63
N GLN B 100 20.03 -10.41 26.96
CA GLN B 100 19.63 -9.03 27.13
C GLN B 100 20.29 -8.39 28.33
N GLY B 101 20.63 -9.18 29.34
CA GLY B 101 21.36 -8.63 30.47
C GLY B 101 22.72 -8.07 30.09
N VAL B 102 23.42 -8.77 29.19
CA VAL B 102 24.77 -8.35 28.83
C VAL B 102 24.79 -7.37 27.65
N GLN B 103 23.89 -7.53 26.68
CA GLN B 103 23.96 -6.70 25.47
C GLN B 103 23.62 -5.25 25.73
N SER B 104 23.08 -4.91 26.90
CA SER B 104 22.75 -3.53 27.27
C SER B 104 23.62 -3.03 28.41
N ALA B 105 24.83 -3.55 28.54
CA ALA B 105 25.82 -3.00 29.44
C ALA B 105 27.15 -2.74 28.75
N MET B 106 27.23 -2.99 27.43
CA MET B 106 28.40 -2.63 26.64
C MET B 106 28.11 -1.44 25.74
N ASN B 107 27.00 -0.75 25.94
CA ASN B 107 26.67 0.44 25.16
C ASN B 107 26.51 1.64 26.08
N LYS B 108 27.43 1.81 27.02
CA LYS B 108 27.32 2.82 28.07
C LYS B 108 28.63 3.59 28.17
N THR B 109 28.60 4.88 27.82
CA THR B 109 29.78 5.73 27.82
C THR B 109 29.61 6.87 28.81
N GLN B 110 30.67 7.66 28.99
CA GLN B 110 30.67 8.76 29.94
C GLN B 110 30.87 10.08 29.21
N GLY B 111 30.05 11.07 29.51
CA GLY B 111 30.15 12.38 28.89
C GLY B 111 30.00 13.52 29.88
N VAL B 112 29.89 14.75 29.38
CA VAL B 112 29.75 15.93 30.22
C VAL B 112 28.53 16.73 29.76
N GLU B 113 28.02 17.56 30.67
CA GLU B 113 26.95 18.48 30.37
C GLU B 113 27.41 19.90 30.63
N LEU B 114 27.24 20.77 29.64
CA LEU B 114 27.79 22.12 29.64
C LEU B 114 26.66 23.14 29.57
N GLU B 115 26.78 24.22 30.35
CA GLU B 115 25.84 25.34 30.29
C GLU B 115 26.58 26.55 29.72
N ILE B 116 26.24 26.93 28.50
CA ILE B 116 26.91 28.03 27.80
C ILE B 116 25.96 29.21 27.68
N ARG B 117 26.47 30.40 27.97
CA ARG B 117 25.75 31.66 27.84
C ARG B 117 26.29 32.40 26.62
N LYS B 118 25.43 32.67 25.66
CA LYS B 118 25.87 33.29 24.42
C LYS B 118 26.03 34.80 24.61
N ASP B 119 26.65 35.45 23.62
CA ASP B 119 26.81 36.90 23.65
C ASP B 119 25.52 37.64 23.34
N ASP B 120 24.50 36.95 22.84
CA ASP B 120 23.19 37.56 22.70
C ASP B 120 22.61 37.95 24.05
N GLY B 121 22.75 37.09 25.05
CA GLY B 121 22.18 37.30 26.37
C GLY B 121 21.27 36.14 26.72
N ASN B 122 21.30 35.12 25.87
CA ASN B 122 20.46 33.95 26.00
C ASN B 122 21.30 32.77 26.47
N THR B 123 20.69 31.89 27.25
CA THR B 123 21.37 30.78 27.90
C THR B 123 20.85 29.45 27.39
N ILE B 124 21.76 28.50 27.17
CA ILE B 124 21.41 27.15 26.76
C ILE B 124 22.38 26.17 27.42
N MET B 125 22.06 24.88 27.33
CA MET B 125 22.99 23.84 27.74
C MET B 125 22.96 22.69 26.74
N VAL B 126 24.10 22.02 26.60
CA VAL B 126 24.28 20.94 25.62
C VAL B 126 25.11 19.83 26.27
N VAL B 127 24.86 18.59 25.86
CA VAL B 127 25.47 17.41 26.45
C VAL B 127 26.29 16.69 25.37
N GLN B 128 27.49 16.24 25.75
CA GLN B 128 28.46 15.80 24.74
C GLN B 128 29.43 14.83 25.38
N LYS B 129 29.91 13.88 24.57
CA LYS B 129 30.73 12.79 25.07
C LYS B 129 32.13 13.26 25.46
N GLN B 130 32.66 12.69 26.53
CA GLN B 130 33.99 13.02 27.00
C GLN B 130 35.04 12.57 26.00
N GLY B 131 36.02 13.43 25.74
CA GLY B 131 37.09 13.12 24.81
C GLY B 131 38.47 13.15 25.44
N ASN B 132 39.34 14.01 24.92
CA ASN B 132 40.69 14.16 25.48
C ASN B 132 41.03 15.61 25.80
N THR B 133 40.05 16.50 25.75
CA THR B 133 40.21 17.89 26.18
C THR B 133 39.37 18.15 27.40
N ARG B 134 39.90 18.93 28.33
CA ARG B 134 39.23 19.21 29.59
C ARG B 134 38.59 20.59 29.54
N PHE B 135 37.28 20.66 29.81
CA PHE B 135 36.57 21.92 29.90
C PHE B 135 36.60 22.44 31.33
N SER B 136 36.74 23.75 31.47
CA SER B 136 36.89 24.41 32.75
C SER B 136 35.88 25.54 32.86
N PRO B 137 35.54 25.95 34.09
CA PRO B 137 34.63 27.10 34.25
C PRO B 137 35.35 28.40 33.93
N GLY B 138 34.91 29.06 32.86
CA GLY B 138 35.52 30.30 32.40
C GLY B 138 36.42 30.04 31.21
N GLN B 139 35.91 30.29 30.02
CA GLN B 139 36.59 29.93 28.78
C GLN B 139 35.75 30.46 27.63
N ARG B 140 36.33 30.46 26.44
CA ARG B 140 35.66 30.93 25.24
C ARG B 140 35.48 29.78 24.27
N VAL B 141 34.26 29.58 23.80
CA VAL B 141 33.97 28.49 22.88
C VAL B 141 33.25 29.08 21.67
N VAL B 142 33.35 28.36 20.55
CA VAL B 142 32.71 28.74 19.30
C VAL B 142 31.75 27.63 18.89
N LEU B 143 30.50 28.00 18.65
CA LEU B 143 29.46 27.04 18.32
C LEU B 143 29.31 26.94 16.81
N ALA B 144 29.49 25.74 16.27
CA ALA B 144 29.22 25.47 14.87
C ALA B 144 27.85 24.82 14.79
N SER B 145 26.90 25.48 14.13
CA SER B 145 25.51 25.13 14.24
C SER B 145 24.88 24.88 12.89
N ASN B 146 23.82 24.09 12.90
CA ASN B 146 22.96 23.85 11.75
C ASN B 146 21.53 23.91 12.26
N GLY B 147 20.55 23.49 11.47
CA GLY B 147 19.21 23.41 11.99
C GLY B 147 19.08 22.28 13.00
N SER B 148 18.99 22.63 14.28
CA SER B 148 18.87 21.67 15.38
C SER B 148 20.04 20.68 15.40
N GLN B 149 21.25 21.21 15.28
CA GLN B 149 22.49 20.46 15.47
C GLN B 149 23.56 21.44 15.93
N VAL B 150 24.37 21.02 16.89
CA VAL B 150 25.41 21.89 17.44
C VAL B 150 26.62 21.06 17.82
N THR B 151 27.81 21.60 17.55
CA THR B 151 29.07 21.06 18.05
C THR B 151 29.82 22.15 18.77
N VAL B 152 30.40 21.84 19.92
CA VAL B 152 31.14 22.80 20.73
C VAL B 152 32.60 22.41 20.72
N SER B 153 33.47 23.36 20.42
CA SER B 153 34.91 23.14 20.35
C SER B 153 35.62 24.26 21.08
N PRO B 154 36.77 23.98 21.70
CA PRO B 154 37.44 25.00 22.50
C PRO B 154 38.04 26.09 21.62
N ARG B 155 38.59 27.10 22.29
CA ARG B 155 39.13 28.27 21.62
C ARG B 155 40.14 27.95 20.52
N CYS C 18 12.97 -8.42 29.04
CA CYS C 18 13.24 -7.28 29.91
C CYS C 18 13.20 -5.99 29.12
N VAL C 19 12.87 -4.88 29.79
CA VAL C 19 12.92 -3.55 29.21
C VAL C 19 13.82 -2.70 30.09
N ASN C 20 14.76 -2.00 29.47
CA ASN C 20 15.80 -1.25 30.21
C ASN C 20 15.30 0.18 30.40
N ASN C 21 14.47 0.35 31.42
CA ASN C 21 13.93 1.67 31.74
C ASN C 21 14.78 2.37 32.80
N ASP C 22 16.07 2.48 32.50
CA ASP C 22 16.99 3.27 33.31
C ASP C 22 17.29 4.62 32.65
N THR C 23 16.76 4.86 31.46
CA THR C 23 16.85 6.16 30.82
C THR C 23 15.79 7.12 31.32
N LEU C 24 15.12 6.81 32.42
CA LEU C 24 14.10 7.67 33.01
C LEU C 24 14.59 8.25 34.34
N SER C 25 15.88 8.51 34.44
CA SER C 25 16.48 9.13 35.62
C SER C 25 16.98 10.52 35.26
N GLY C 26 17.49 11.21 36.27
CA GLY C 26 17.99 12.56 36.07
C GLY C 26 19.49 12.59 35.91
N ASP C 27 20.06 11.43 35.58
CA ASP C 27 21.51 11.28 35.51
C ASP C 27 21.92 10.43 34.31
N VAL C 28 21.00 10.17 33.38
CA VAL C 28 21.27 9.34 32.21
C VAL C 28 20.50 9.90 31.04
N TYR C 29 21.18 10.15 29.93
CA TYR C 29 20.56 10.70 28.73
C TYR C 29 20.56 9.64 27.63
N THR C 30 19.42 9.48 26.97
CA THR C 30 19.41 8.66 25.76
C THR C 30 20.26 9.30 24.68
N ALA C 31 20.80 8.49 23.80
CA ALA C 31 21.79 8.97 22.84
C ALA C 31 21.18 9.63 21.62
N SER C 32 19.86 9.68 21.51
CA SER C 32 19.22 10.38 20.42
C SER C 32 18.95 11.84 20.72
N GLU C 33 19.38 12.32 21.88
CA GLU C 33 19.25 13.73 22.27
C GLU C 33 20.56 14.27 22.80
N ALA C 34 21.66 13.81 22.23
CA ALA C 34 22.97 14.42 22.45
C ALA C 34 23.32 15.27 21.23
N LYS C 35 24.09 16.33 21.47
CA LYS C 35 24.41 17.34 20.45
C LYS C 35 23.12 17.98 19.92
N GLN C 36 22.37 18.58 20.84
CA GLN C 36 21.20 19.39 20.50
C GLN C 36 21.13 20.56 21.48
N VAL C 37 20.18 21.45 21.25
CA VAL C 37 20.05 22.67 22.05
C VAL C 37 18.82 22.55 22.95
N GLN C 38 18.97 22.96 24.21
CA GLN C 38 17.92 22.88 25.20
C GLN C 38 17.89 24.16 26.02
N ASN C 39 16.70 24.62 26.37
CA ASN C 39 16.51 25.88 27.08
C ASN C 39 16.60 25.68 28.59
N VAL C 40 16.71 26.79 29.31
CA VAL C 40 17.00 26.76 30.75
C VAL C 40 16.01 27.66 31.48
N SER C 41 15.44 27.17 32.58
CA SER C 41 14.57 27.95 33.45
C SER C 41 14.93 27.64 34.90
N TYR C 42 14.35 28.39 35.83
CA TYR C 42 14.62 28.22 37.25
C TYR C 42 13.29 28.07 38.00
N GLY C 43 13.36 27.49 39.20
CA GLY C 43 12.15 27.27 39.96
C GLY C 43 12.41 26.97 41.41
N THR C 44 11.35 26.51 42.09
CA THR C 44 11.40 26.13 43.49
C THR C 44 10.53 24.88 43.68
N ILE C 45 10.81 24.12 44.73
CA ILE C 45 10.29 22.76 44.87
C ILE C 45 9.42 22.66 46.12
N VAL C 46 8.25 22.02 45.98
CA VAL C 46 7.35 21.75 47.11
C VAL C 46 6.65 20.42 46.89
N ASN C 47 6.34 19.73 48.00
CA ASN C 47 5.40 18.61 48.05
C ASN C 47 5.84 17.44 47.16
N VAL C 48 6.94 16.80 47.58
CA VAL C 48 7.38 15.54 47.00
C VAL C 48 6.66 14.38 47.71
N ARG C 49 6.16 13.43 46.93
CA ARG C 49 5.59 12.21 47.50
C ARG C 49 5.99 11.01 46.64
N PRO C 50 6.13 9.84 47.25
CA PRO C 50 6.63 8.66 46.50
C PRO C 50 5.56 7.95 45.68
N VAL C 51 6.01 7.32 44.61
CA VAL C 51 5.15 6.77 43.57
C VAL C 51 5.88 5.60 42.91
N GLN C 52 5.11 4.66 42.36
CA GLN C 52 5.67 3.52 41.63
C GLN C 52 5.48 3.72 40.13
N ILE C 53 6.35 3.09 39.34
CA ILE C 53 6.36 3.27 37.88
C ILE C 53 6.34 1.90 37.22
N GLN C 54 5.45 1.73 36.24
CA GLN C 54 5.23 0.46 35.56
C GLN C 54 5.56 0.64 34.07
N GLY C 55 6.71 0.11 33.66
CA GLY C 55 7.14 0.20 32.28
C GLY C 55 6.59 -0.93 31.42
N GLY C 56 7.20 -1.10 30.25
CA GLY C 56 6.85 -2.22 29.39
C GLY C 56 5.57 -1.98 28.61
N ASP C 57 4.93 -3.08 28.22
CA ASP C 57 3.70 -3.05 27.46
C ASP C 57 2.66 -3.94 28.12
N ASP C 58 1.38 -3.62 27.88
CA ASP C 58 0.30 -4.28 28.59
C ASP C 58 0.05 -5.71 28.09
N SER C 59 0.12 -5.93 26.77
CA SER C 59 -0.06 -7.26 26.22
C SER C 59 1.28 -7.98 26.24
N ASN C 60 1.48 -8.84 27.23
CA ASN C 60 2.73 -9.55 27.41
C ASN C 60 2.77 -10.75 26.47
N VAL C 61 3.69 -10.73 25.51
CA VAL C 61 3.81 -11.80 24.52
C VAL C 61 5.03 -12.66 24.79
N ILE C 62 6.18 -12.05 25.08
CA ILE C 62 7.40 -12.81 25.27
C ILE C 62 7.31 -13.71 26.50
N GLY C 63 6.61 -13.27 27.55
CA GLY C 63 6.45 -14.12 28.71
C GLY C 63 5.61 -15.34 28.42
N ALA C 64 4.60 -15.20 27.56
CA ALA C 64 3.70 -16.31 27.27
C ALA C 64 4.44 -17.47 26.62
N ILE C 65 5.28 -17.18 25.63
CA ILE C 65 5.96 -18.24 24.90
C ILE C 65 6.99 -18.95 25.78
N GLY C 66 7.77 -18.19 26.54
CA GLY C 66 8.73 -18.81 27.44
C GLY C 66 8.05 -19.69 28.47
N GLY C 67 6.99 -19.18 29.10
CA GLY C 67 6.26 -20.00 30.04
C GLY C 67 5.67 -21.24 29.39
N ALA C 68 5.16 -21.10 28.17
CA ALA C 68 4.53 -22.22 27.48
C ALA C 68 5.54 -23.33 27.21
N VAL C 69 6.70 -22.99 26.64
CA VAL C 69 7.66 -24.05 26.33
C VAL C 69 8.19 -24.68 27.61
N LEU C 70 8.54 -23.87 28.61
CA LEU C 70 9.11 -24.45 29.82
C LEU C 70 8.08 -25.29 30.59
N GLY C 71 6.79 -24.98 30.46
CA GLY C 71 5.79 -25.80 31.10
C GLY C 71 5.47 -27.05 30.32
N GLY C 72 5.48 -26.95 28.99
CA GLY C 72 5.19 -28.10 28.17
C GLY C 72 6.25 -29.18 28.26
N PHE C 73 7.53 -28.78 28.24
CA PHE C 73 8.57 -29.80 28.30
C PHE C 73 8.70 -30.43 29.68
N LEU C 74 7.98 -29.94 30.68
CA LEU C 74 7.89 -30.59 31.98
C LEU C 74 6.74 -31.58 32.06
N GLY C 75 6.02 -31.78 30.96
CA GLY C 75 4.87 -32.66 30.97
C GLY C 75 5.15 -34.07 30.48
N ASN C 76 6.12 -34.24 29.59
CA ASN C 76 6.40 -35.56 29.04
C ASN C 76 6.85 -36.55 30.10
N THR C 77 7.41 -36.08 31.20
CA THR C 77 8.08 -36.98 32.13
C THR C 77 7.14 -37.75 33.05
N VAL C 78 5.81 -37.61 32.87
CA VAL C 78 4.86 -38.39 33.66
C VAL C 78 4.03 -39.25 32.72
N GLY C 79 3.67 -40.43 33.20
CA GLY C 79 2.73 -41.30 32.49
C GLY C 79 3.28 -41.84 31.18
N GLY C 80 2.41 -42.56 30.48
CA GLY C 80 2.74 -43.09 29.18
C GLY C 80 1.50 -43.55 28.46
N GLY C 81 1.56 -43.52 27.14
CA GLY C 81 0.43 -43.93 26.31
C GLY C 81 -0.33 -42.72 25.78
N THR C 82 -1.64 -42.71 26.00
CA THR C 82 -2.47 -41.55 25.69
C THR C 82 -2.69 -40.65 26.90
N GLY C 83 -2.18 -41.02 28.06
CA GLY C 83 -2.20 -40.17 29.21
C GLY C 83 -1.03 -39.22 29.33
N ARG C 84 -0.08 -39.28 28.39
CA ARG C 84 1.01 -38.33 28.36
C ARG C 84 0.61 -37.07 27.61
N SER C 85 -0.16 -37.22 26.53
CA SER C 85 -0.60 -36.07 25.76
C SER C 85 -1.45 -35.13 26.61
N LEU C 86 -2.32 -35.68 27.44
CA LEU C 86 -3.13 -34.85 28.32
C LEU C 86 -2.26 -34.05 29.28
N ALA C 87 -1.23 -34.70 29.84
CA ALA C 87 -0.35 -34.02 30.78
C ALA C 87 0.40 -32.87 30.11
N THR C 88 0.95 -33.11 28.92
CA THR C 88 1.68 -32.03 28.26
C THR C 88 0.74 -30.90 27.85
N ALA C 89 -0.47 -31.22 27.40
CA ALA C 89 -1.41 -30.18 27.03
C ALA C 89 -1.81 -29.33 28.23
N ALA C 90 -2.05 -29.95 29.38
CA ALA C 90 -2.38 -29.16 30.56
C ALA C 90 -1.22 -28.30 31.01
N GLY C 91 -0.01 -28.87 31.04
CA GLY C 91 1.14 -28.11 31.45
C GLY C 91 1.41 -26.91 30.58
N ALA C 92 1.13 -27.02 29.28
CA ALA C 92 1.38 -25.90 28.38
C ALA C 92 0.64 -24.64 28.82
N VAL C 93 -0.68 -24.73 29.03
CA VAL C 93 -1.44 -23.53 29.39
C VAL C 93 -1.15 -23.13 30.84
N ALA C 94 -0.99 -24.11 31.73
CA ALA C 94 -0.74 -23.75 33.12
C ALA C 94 0.63 -23.11 33.31
N GLY C 95 1.52 -23.22 32.33
CA GLY C 95 2.75 -22.44 32.37
C GLY C 95 2.63 -21.16 31.58
N GLY C 96 1.76 -21.18 30.56
CA GLY C 96 1.56 -20.00 29.74
C GLY C 96 1.05 -18.83 30.54
N VAL C 97 0.04 -19.07 31.39
CA VAL C 97 -0.48 -17.94 32.17
C VAL C 97 0.54 -17.46 33.21
N ALA C 98 1.32 -18.38 33.80
CA ALA C 98 2.32 -17.96 34.77
C ALA C 98 3.43 -17.15 34.11
N GLY C 99 3.68 -17.38 32.81
CA GLY C 99 4.65 -16.56 32.12
C GLY C 99 4.29 -15.08 32.14
N GLN C 100 3.05 -14.76 31.80
CA GLN C 100 2.59 -13.38 31.90
C GLN C 100 2.50 -12.93 33.34
N GLY C 101 2.28 -13.86 34.27
CA GLY C 101 2.29 -13.49 35.67
C GLY C 101 3.63 -12.97 36.13
N VAL C 102 4.72 -13.58 35.65
CA VAL C 102 6.05 -13.20 36.12
C VAL C 102 6.67 -12.08 35.27
N GLN C 103 6.42 -12.07 33.96
CA GLN C 103 7.08 -11.11 33.09
C GLN C 103 6.63 -9.68 33.33
N SER C 104 5.56 -9.46 34.07
CA SER C 104 5.05 -8.12 34.39
C SER C 104 5.18 -7.81 35.87
N ALA C 105 6.16 -8.40 36.54
CA ALA C 105 6.52 -8.03 37.90
C ALA C 105 8.01 -7.76 38.05
N MET C 106 8.76 -7.85 36.96
CA MET C 106 10.17 -7.46 36.94
C MET C 106 10.39 -6.15 36.20
N ASN C 107 9.32 -5.43 35.87
CA ASN C 107 9.43 -4.14 35.20
C ASN C 107 8.78 -3.06 36.06
N LYS C 108 9.07 -3.05 37.35
CA LYS C 108 8.40 -2.17 38.31
C LYS C 108 9.44 -1.50 39.18
N THR C 109 9.58 -0.19 39.06
CA THR C 109 10.57 0.59 39.78
C THR C 109 9.87 1.62 40.68
N GLN C 110 10.66 2.32 41.49
CA GLN C 110 10.15 3.30 42.43
C GLN C 110 10.69 4.68 42.10
N GLY C 111 9.79 5.67 42.06
CA GLY C 111 10.18 7.03 41.77
C GLY C 111 9.52 8.05 42.68
N VAL C 112 9.67 9.34 42.37
CA VAL C 112 9.08 10.42 43.15
C VAL C 112 8.28 11.32 42.24
N GLU C 113 7.35 12.06 42.85
CA GLU C 113 6.56 13.08 42.16
C GLU C 113 6.81 14.42 42.81
N LEU C 114 7.16 15.41 42.01
CA LEU C 114 7.60 16.72 42.48
C LEU C 114 6.64 17.80 41.97
N GLU C 115 6.32 18.77 42.83
CA GLU C 115 5.54 19.95 42.44
C GLU C 115 6.44 21.17 42.50
N ILE C 116 6.79 21.72 41.35
CA ILE C 116 7.70 22.85 41.26
C ILE C 116 6.94 24.08 40.82
N ARG C 117 7.20 25.20 41.49
CA ARG C 117 6.63 26.50 41.17
C ARG C 117 7.71 27.35 40.53
N LYS C 118 7.48 27.79 39.30
CA LYS C 118 8.49 28.55 38.58
C LYS C 118 8.50 30.01 39.03
N ASP C 119 9.54 30.73 38.60
CA ASP C 119 9.63 32.16 38.91
C ASP C 119 8.69 33.01 38.07
N ASP C 120 8.10 32.44 37.02
CA ASP C 120 7.04 33.13 36.30
C ASP C 120 5.84 33.39 37.19
N GLY C 121 5.44 32.40 37.99
CA GLY C 121 4.26 32.48 38.82
C GLY C 121 3.33 31.34 38.48
N ASN C 122 3.82 30.42 37.65
CA ASN C 122 3.05 29.30 37.16
C ASN C 122 3.54 28.02 37.84
N THR C 123 2.63 27.09 38.06
CA THR C 123 2.89 25.87 38.82
C THR C 123 2.74 24.65 37.93
N ILE C 124 3.65 23.68 38.09
CA ILE C 124 3.61 22.41 37.39
C ILE C 124 4.09 21.31 38.32
N MET C 125 3.89 20.06 37.90
CA MET C 125 4.48 18.93 38.59
C MET C 125 5.01 17.91 37.58
N VAL C 126 6.07 17.20 37.96
CA VAL C 126 6.76 16.25 37.11
C VAL C 126 7.14 15.03 37.93
N VAL C 127 7.16 13.86 37.29
CA VAL C 127 7.40 12.58 37.95
C VAL C 127 8.67 11.96 37.38
N GLN C 128 9.51 11.40 38.25
CA GLN C 128 10.86 11.04 37.85
C GLN C 128 11.38 9.93 38.76
N LYS C 129 12.24 9.08 38.21
CA LYS C 129 12.69 7.89 38.92
C LYS C 129 13.66 8.24 40.05
N GLN C 130 13.55 7.49 41.15
CA GLN C 130 14.44 7.71 42.29
C GLN C 130 15.87 7.32 41.93
N GLY C 131 16.82 8.15 42.34
CA GLY C 131 18.22 7.89 42.07
C GLY C 131 19.05 7.77 43.33
N ASN C 132 20.06 8.64 43.48
CA ASN C 132 20.91 8.65 44.66
C ASN C 132 21.00 10.03 45.31
N THR C 133 20.17 10.97 44.88
CA THR C 133 20.07 12.29 45.50
C THR C 133 18.69 12.43 46.13
N ARG C 134 18.64 13.06 47.30
CA ARG C 134 17.40 13.23 48.04
C ARG C 134 16.86 14.63 47.83
N PHE C 135 15.61 14.73 47.39
CA PHE C 135 14.93 16.01 47.27
C PHE C 135 14.20 16.35 48.56
N SER C 136 14.22 17.62 48.92
CA SER C 136 13.65 18.11 50.17
C SER C 136 12.71 19.26 49.88
N PRO C 137 11.77 19.55 50.79
CA PRO C 137 10.90 20.71 50.61
C PRO C 137 11.64 22.00 50.88
N GLY C 138 11.81 22.82 49.84
CA GLY C 138 12.55 24.06 49.94
C GLY C 138 13.96 23.91 49.39
N GLN C 139 14.14 24.32 48.14
CA GLN C 139 15.38 24.09 47.42
C GLN C 139 15.26 24.80 46.08
N ARG C 140 16.39 24.92 45.38
CA ARG C 140 16.43 25.58 44.08
C ARG C 140 16.82 24.56 43.02
N VAL C 141 16.03 24.48 41.96
CA VAL C 141 16.29 23.54 40.87
C VAL C 141 16.30 24.31 39.56
N VAL C 142 16.99 23.73 38.58
CA VAL C 142 17.10 24.30 37.25
C VAL C 142 16.51 23.30 36.24
N LEU C 143 15.57 23.77 35.44
CA LEU C 143 14.88 22.91 34.49
C LEU C 143 15.55 23.00 33.13
N ALA C 144 16.01 21.88 32.61
CA ALA C 144 16.52 21.81 31.25
C ALA C 144 15.41 21.25 30.38
N SER C 145 14.94 22.04 29.42
CA SER C 145 13.70 21.75 28.74
C SER C 145 13.89 21.71 27.23
N ASN C 146 13.00 20.96 26.58
CA ASN C 146 12.88 20.92 25.13
C ASN C 146 11.40 21.00 24.81
N GLY C 147 10.99 20.73 23.58
CA GLY C 147 9.57 20.66 23.31
C GLY C 147 8.96 19.43 23.94
N SER C 148 8.20 19.62 25.01
CA SER C 148 7.54 18.54 25.74
C SER C 148 8.53 17.49 26.24
N GLN C 149 9.61 17.97 26.85
CA GLN C 149 10.58 17.13 27.55
C GLN C 149 11.23 17.98 28.63
N VAL C 150 11.43 17.40 29.82
CA VAL C 150 12.00 18.14 30.94
C VAL C 150 12.86 17.20 31.78
N THR C 151 13.99 17.70 32.25
CA THR C 151 14.80 17.04 33.26
C THR C 151 15.05 18.01 34.40
N VAL C 152 14.94 17.51 35.62
CA VAL C 152 15.12 18.32 36.82
C VAL C 152 16.39 17.85 37.53
N SER C 153 17.25 18.79 37.86
CA SER C 153 18.52 18.50 38.53
C SER C 153 18.71 19.48 39.67
N PRO C 154 19.37 19.06 40.74
CA PRO C 154 19.50 19.94 41.91
C PRO C 154 20.45 21.09 41.63
N ARG C 155 20.56 21.98 42.61
CA ARG C 155 21.35 23.20 42.50
C ARG C 155 22.79 22.96 42.06
N CYS D 18 -4.08 -12.66 30.13
CA CYS D 18 -4.34 -11.65 31.15
C CYS D 18 -3.98 -10.27 30.63
N VAL D 19 -4.63 -9.24 31.18
CA VAL D 19 -4.31 -7.85 30.90
C VAL D 19 -4.03 -7.16 32.23
N ASN D 20 -2.91 -6.44 32.29
CA ASN D 20 -2.43 -5.85 33.54
C ASN D 20 -2.99 -4.43 33.64
N ASN D 21 -4.24 -4.34 34.08
CA ASN D 21 -4.89 -3.05 34.25
C ASN D 21 -4.73 -2.53 35.69
N ASP D 22 -3.49 -2.45 36.13
CA ASP D 22 -3.15 -1.81 37.39
C ASP D 22 -2.58 -0.42 37.18
N THR D 23 -2.40 0.00 35.93
CA THR D 23 -2.00 1.36 35.62
C THR D 23 -3.19 2.31 35.60
N LEU D 24 -4.33 1.90 36.14
CA LEU D 24 -5.53 2.73 36.23
C LEU D 24 -5.82 3.11 37.67
N SER D 25 -4.78 3.29 38.46
CA SER D 25 -4.91 3.72 39.84
C SER D 25 -4.33 5.12 40.00
N GLY D 26 -4.44 5.65 41.21
CA GLY D 26 -3.94 6.99 41.48
C GLY D 26 -2.58 6.96 42.14
N ASP D 27 -1.89 5.82 42.00
CA ASP D 27 -0.62 5.60 42.69
C ASP D 27 0.38 4.88 41.77
N VAL D 28 0.10 4.80 40.48
CA VAL D 28 0.95 4.10 39.53
C VAL D 28 0.90 4.84 38.20
N TYR D 29 2.06 5.20 37.66
CA TYR D 29 2.16 5.91 36.40
C TYR D 29 2.75 5.01 35.33
N THR D 30 2.14 4.99 34.15
CA THR D 30 2.77 4.32 33.04
C THR D 30 4.05 5.06 32.65
N ALA D 31 5.00 4.32 32.08
CA ALA D 31 6.33 4.87 31.87
C ALA D 31 6.45 5.71 30.61
N SER D 32 5.38 5.84 29.83
CA SER D 32 5.39 6.71 28.66
C SER D 32 4.97 8.14 28.98
N GLU D 33 4.72 8.45 30.25
CA GLU D 33 4.38 9.79 30.67
C GLU D 33 5.20 10.19 31.89
N ALA D 34 6.45 9.76 31.93
CA ALA D 34 7.43 10.26 32.87
C ALA D 34 8.35 11.24 32.15
N LYS D 35 8.87 12.21 32.90
CA LYS D 35 9.64 13.31 32.34
C LYS D 35 8.82 14.09 31.31
N GLN D 36 7.69 14.62 31.76
CA GLN D 36 6.85 15.52 30.98
C GLN D 36 6.25 16.55 31.92
N VAL D 37 5.54 17.53 31.35
CA VAL D 37 4.98 18.63 32.13
C VAL D 37 3.47 18.48 32.22
N GLN D 38 2.94 18.71 33.41
CA GLN D 38 1.52 18.57 33.69
C GLN D 38 1.05 19.74 34.54
N ASN D 39 -0.17 20.21 34.26
CA ASN D 39 -0.73 21.38 34.92
C ASN D 39 -1.43 20.99 36.22
N VAL D 40 -1.74 21.99 37.04
CA VAL D 40 -2.27 21.77 38.38
C VAL D 40 -3.50 22.64 38.60
N SER D 41 -4.56 22.03 39.17
CA SER D 41 -5.77 22.74 39.56
C SER D 41 -6.22 22.23 40.92
N TYR D 42 -7.21 22.90 41.50
CA TYR D 42 -7.74 22.54 42.81
C TYR D 42 -9.25 22.37 42.74
N GLY D 43 -9.81 21.64 43.69
CA GLY D 43 -11.24 21.40 43.66
C GLY D 43 -11.78 20.89 44.98
N THR D 44 -13.02 20.41 44.95
CA THR D 44 -13.71 19.86 46.10
C THR D 44 -14.53 18.66 45.64
N ILE D 45 -14.82 17.74 46.56
CA ILE D 45 -15.31 16.41 46.23
C ILE D 45 -16.70 16.20 46.80
N VAL D 46 -17.62 15.65 45.99
CA VAL D 46 -18.96 15.29 46.44
C VAL D 46 -19.43 14.04 45.71
N ASN D 47 -20.26 13.25 46.39
CA ASN D 47 -21.06 12.17 45.78
C ASN D 47 -20.18 11.10 45.11
N VAL D 48 -19.47 10.35 45.95
CA VAL D 48 -18.77 9.15 45.52
C VAL D 48 -19.72 7.95 45.59
N ARG D 49 -19.72 7.13 44.54
CA ARG D 49 -20.48 5.88 44.56
C ARG D 49 -19.67 4.79 43.89
N PRO D 50 -19.84 3.53 44.31
CA PRO D 50 -19.00 2.44 43.79
C PRO D 50 -19.47 1.89 42.44
N VAL D 51 -18.50 1.37 41.69
CA VAL D 51 -18.68 1.01 40.28
C VAL D 51 -17.69 -0.11 39.96
N GLN D 52 -18.03 -0.94 38.97
CA GLN D 52 -17.15 -2.00 38.50
C GLN D 52 -16.53 -1.61 37.17
N ILE D 53 -15.36 -2.18 36.87
CA ILE D 53 -14.60 -1.82 35.68
C ILE D 53 -14.23 -3.09 34.92
N GLN D 54 -14.46 -3.09 33.61
CA GLN D 54 -14.27 -4.26 32.75
C GLN D 54 -13.21 -3.91 31.70
N GLY D 55 -12.01 -4.45 31.87
CA GLY D 55 -10.92 -4.21 30.95
C GLY D 55 -10.91 -5.19 29.80
N GLY D 56 -9.77 -5.25 29.10
CA GLY D 56 -9.60 -6.23 28.05
C GLY D 56 -10.28 -5.83 26.75
N ASP D 57 -10.59 -6.83 25.95
CA ASP D 57 -11.25 -6.64 24.65
C ASP D 57 -12.46 -7.55 24.55
N ASP D 58 -13.42 -7.13 23.72
CA ASP D 58 -14.71 -7.82 23.66
C ASP D 58 -14.62 -9.15 22.92
N SER D 59 -13.87 -9.21 21.83
CA SER D 59 -13.70 -10.45 21.08
C SER D 59 -12.56 -11.24 21.70
N ASN D 60 -12.90 -12.23 22.54
CA ASN D 60 -11.90 -13.02 23.25
C ASN D 60 -11.36 -14.09 22.31
N VAL D 61 -10.08 -14.00 21.98
CA VAL D 61 -9.44 -14.95 21.08
C VAL D 61 -8.51 -15.90 21.82
N ILE D 62 -7.70 -15.39 22.75
CA ILE D 62 -6.75 -16.24 23.45
C ILE D 62 -7.45 -17.27 24.32
N GLY D 63 -8.61 -16.93 24.89
CA GLY D 63 -9.35 -17.91 25.67
C GLY D 63 -9.88 -19.04 24.82
N ALA D 64 -10.29 -18.74 23.59
CA ALA D 64 -10.88 -19.76 22.72
C ALA D 64 -9.88 -20.86 22.41
N ILE D 65 -8.65 -20.49 22.06
CA ILE D 65 -7.67 -21.50 21.65
C ILE D 65 -7.24 -22.36 22.84
N GLY D 66 -7.00 -21.74 23.99
CA GLY D 66 -6.65 -22.52 25.16
C GLY D 66 -7.74 -23.49 25.56
N GLY D 67 -8.98 -23.00 25.61
CA GLY D 67 -10.09 -23.89 25.89
C GLY D 67 -10.23 -25.01 24.88
N ALA D 68 -10.02 -24.68 23.60
CA ALA D 68 -10.16 -25.67 22.55
C ALA D 68 -9.15 -26.80 22.70
N VAL D 69 -7.86 -26.46 22.87
CA VAL D 69 -6.87 -27.51 22.98
C VAL D 69 -7.07 -28.33 24.24
N LEU D 70 -7.32 -27.67 25.37
CA LEU D 70 -7.46 -28.43 26.61
C LEU D 70 -8.72 -29.29 26.61
N GLY D 71 -9.75 -28.91 25.87
CA GLY D 71 -10.93 -29.75 25.77
C GLY D 71 -10.77 -30.87 24.78
N GLY D 72 -10.07 -30.60 23.68
CA GLY D 72 -9.86 -31.63 22.68
C GLY D 72 -8.98 -32.76 23.17
N PHE D 73 -7.89 -32.43 23.87
CA PHE D 73 -7.02 -33.51 24.33
C PHE D 73 -7.61 -34.31 25.48
N LEU D 74 -8.77 -33.91 26.01
CA LEU D 74 -9.50 -34.71 26.97
C LEU D 74 -10.51 -35.64 26.29
N GLY D 75 -10.54 -35.67 24.97
CA GLY D 75 -11.50 -36.48 24.26
C GLY D 75 -10.97 -37.83 23.80
N ASN D 76 -9.67 -37.93 23.54
CA ASN D 76 -9.13 -39.19 23.04
C ASN D 76 -9.29 -40.32 24.03
N THR D 77 -9.40 -40.03 25.32
CA THR D 77 -9.30 -41.07 26.33
C THR D 77 -10.57 -41.90 26.51
N VAL D 78 -11.60 -41.67 25.69
CA VAL D 78 -12.81 -42.48 25.75
C VAL D 78 -13.02 -43.17 24.40
N GLY D 79 -13.55 -44.40 24.46
CA GLY D 79 -13.96 -45.11 23.26
C GLY D 79 -12.79 -45.51 22.37
N GLY D 80 -13.15 -46.09 21.23
CA GLY D 80 -12.16 -46.47 20.23
C GLY D 80 -12.83 -46.77 18.91
N GLY D 81 -12.09 -46.59 17.84
CA GLY D 81 -12.61 -46.82 16.51
C GLY D 81 -13.00 -45.51 15.82
N THR D 82 -14.23 -45.46 15.32
CA THR D 82 -14.79 -44.23 14.78
C THR D 82 -15.63 -43.47 15.80
N GLY D 83 -15.80 -44.02 17.00
CA GLY D 83 -16.45 -43.31 18.07
C GLY D 83 -15.53 -42.46 18.90
N ARG D 84 -14.23 -42.45 18.60
CA ARG D 84 -13.30 -41.56 19.28
C ARG D 84 -13.27 -40.19 18.61
N SER D 85 -13.35 -40.17 17.29
CA SER D 85 -13.35 -38.91 16.56
C SER D 85 -14.54 -38.04 16.95
N LEU D 86 -15.71 -38.64 17.11
CA LEU D 86 -16.87 -37.88 17.54
C LEU D 86 -16.65 -37.26 18.91
N ALA D 87 -16.06 -38.03 19.83
CA ALA D 87 -15.82 -37.51 21.17
C ALA D 87 -14.85 -36.34 21.16
N THR D 88 -13.74 -36.46 20.42
CA THR D 88 -12.80 -35.34 20.39
C THR D 88 -13.41 -34.12 19.71
N ALA D 89 -14.20 -34.32 18.65
CA ALA D 89 -14.83 -33.19 17.98
C ALA D 89 -15.81 -32.47 18.89
N ALA D 90 -16.61 -33.22 19.66
CA ALA D 90 -17.53 -32.57 20.59
C ALA D 90 -16.79 -31.83 21.69
N GLY D 91 -15.76 -32.46 22.26
CA GLY D 91 -15.02 -31.82 23.33
C GLY D 91 -14.36 -30.54 22.89
N ALA D 92 -13.91 -30.47 21.63
CA ALA D 92 -13.24 -29.26 21.15
C ALA D 92 -14.13 -28.03 21.31
N VAL D 93 -15.35 -28.08 20.78
CA VAL D 93 -16.22 -26.89 20.85
C VAL D 93 -16.75 -26.69 22.27
N ALA D 94 -17.06 -27.78 22.97
CA ALA D 94 -17.59 -27.61 24.33
C ALA D 94 -16.53 -27.08 25.29
N GLY D 95 -15.25 -27.11 24.92
CA GLY D 95 -14.25 -26.41 25.69
C GLY D 95 -13.97 -25.04 25.13
N GLY D 96 -14.15 -24.89 23.82
CA GLY D 96 -13.91 -23.60 23.19
C GLY D 96 -14.81 -22.51 23.75
N VAL D 97 -16.10 -22.80 23.91
CA VAL D 97 -16.98 -21.75 24.44
C VAL D 97 -16.66 -21.46 25.91
N ALA D 98 -16.30 -22.49 26.69
CA ALA D 98 -15.96 -22.24 28.09
C ALA D 98 -14.68 -21.42 28.22
N GLY D 99 -13.79 -21.50 27.23
CA GLY D 99 -12.62 -20.65 27.26
C GLY D 99 -12.95 -19.17 27.29
N GLN D 100 -13.84 -18.74 26.39
CA GLN D 100 -14.32 -17.36 26.43
C GLN D 100 -15.16 -17.10 27.67
N GLY D 101 -15.81 -18.12 28.20
CA GLY D 101 -16.56 -17.93 29.43
C GLY D 101 -15.66 -17.54 30.60
N VAL D 102 -14.48 -18.15 30.68
CA VAL D 102 -13.59 -17.90 31.81
C VAL D 102 -12.64 -16.72 31.58
N GLN D 103 -12.17 -16.53 30.34
CA GLN D 103 -11.16 -15.50 30.09
C GLN D 103 -11.71 -14.08 30.24
N SER D 104 -13.02 -13.92 30.34
CA SER D 104 -13.64 -12.60 30.52
C SER D 104 -14.31 -12.48 31.88
N ALA D 105 -13.82 -13.21 32.87
CA ALA D 105 -14.23 -13.02 34.25
C ALA D 105 -13.05 -12.86 35.18
N MET D 106 -11.83 -12.85 34.66
CA MET D 106 -10.64 -12.54 35.43
C MET D 106 -10.10 -11.16 35.10
N ASN D 107 -10.84 -10.35 34.37
CA ASN D 107 -10.43 -8.99 34.03
C ASN D 107 -11.44 -7.99 34.56
N LYS D 108 -11.88 -8.16 35.81
CA LYS D 108 -12.97 -7.37 36.37
C LYS D 108 -12.55 -6.87 37.74
N THR D 109 -12.40 -5.56 37.88
CA THR D 109 -11.95 -4.93 39.12
C THR D 109 -13.04 -3.99 39.65
N GLN D 110 -12.80 -3.44 40.84
CA GLN D 110 -13.76 -2.56 41.48
C GLN D 110 -13.16 -1.18 41.68
N GLY D 111 -13.92 -0.14 41.31
CA GLY D 111 -13.46 1.22 41.46
C GLY D 111 -14.52 2.16 42.01
N VAL D 112 -14.25 3.46 41.99
CA VAL D 112 -15.19 4.46 42.49
C VAL D 112 -15.42 5.51 41.42
N GLU D 113 -16.53 6.22 41.55
CA GLU D 113 -16.86 7.36 40.69
C GLU D 113 -17.02 8.59 41.55
N LEU D 114 -16.32 9.67 41.19
CA LEU D 114 -16.22 10.87 41.99
C LEU D 114 -16.78 12.06 41.21
N GLU D 115 -17.53 12.92 41.89
CA GLU D 115 -18.02 14.18 41.31
C GLU D 115 -17.31 15.34 42.00
N ILE D 116 -16.41 16.01 41.29
CA ILE D 116 -15.60 17.09 41.84
C ILE D 116 -16.05 18.42 41.24
N ARG D 117 -16.21 19.42 42.10
CA ARG D 117 -16.55 20.77 41.70
C ARG D 117 -15.31 21.64 41.84
N LYS D 118 -14.87 22.25 40.74
CA LYS D 118 -13.64 23.02 40.76
C LYS D 118 -13.90 24.42 41.35
N ASP D 119 -12.81 25.14 41.63
CA ASP D 119 -12.92 26.50 42.12
C ASP D 119 -13.30 27.50 41.04
N ASP D 120 -13.24 27.10 39.78
CA ASP D 120 -13.77 27.94 38.70
C ASP D 120 -15.26 28.14 38.85
N GLY D 121 -16.00 27.08 39.18
CA GLY D 121 -17.44 27.11 39.29
C GLY D 121 -18.04 26.08 38.35
N ASN D 122 -17.16 25.25 37.79
CA ASN D 122 -17.53 24.23 36.83
C ASN D 122 -17.45 22.86 37.49
N THR D 123 -18.33 21.96 37.06
CA THR D 123 -18.48 20.65 37.68
C THR D 123 -18.12 19.55 36.68
N ILE D 124 -17.41 18.53 37.16
CA ILE D 124 -17.05 17.35 36.38
C ILE D 124 -17.11 16.12 37.27
N MET D 125 -17.03 14.95 36.65
CA MET D 125 -16.87 13.70 37.39
C MET D 125 -15.87 12.80 36.66
N VAL D 126 -15.15 11.99 37.45
CA VAL D 126 -14.10 11.11 36.96
C VAL D 126 -14.19 9.78 37.70
N VAL D 127 -13.81 8.70 37.01
CA VAL D 127 -13.91 7.34 37.52
C VAL D 127 -12.52 6.73 37.62
N GLN D 128 -12.27 6.03 38.72
CA GLN D 128 -10.90 5.64 39.05
C GLN D 128 -10.91 4.40 39.93
N LYS D 129 -9.88 3.58 39.80
CA LYS D 129 -9.84 2.29 40.48
C LYS D 129 -9.62 2.44 41.98
N GLN D 130 -10.27 1.57 42.76
CA GLN D 130 -10.12 1.59 44.20
C GLN D 130 -8.71 1.18 44.60
N GLY D 131 -8.13 1.90 45.55
CA GLY D 131 -6.80 1.60 46.03
C GLY D 131 -6.75 1.29 47.51
N ASN D 132 -5.98 2.07 48.26
CA ASN D 132 -5.89 1.88 49.71
C ASN D 132 -6.18 3.16 50.48
N THR D 133 -6.67 4.20 49.82
CA THR D 133 -7.12 5.43 50.47
C THR D 133 -8.62 5.57 50.29
N ARG D 134 -9.29 6.06 51.33
CA ARG D 134 -10.74 6.20 51.33
C ARG D 134 -11.12 7.64 51.06
N PHE D 135 -11.96 7.85 50.06
CA PHE D 135 -12.49 9.18 49.76
C PHE D 135 -13.79 9.39 50.51
N SER D 136 -14.00 10.60 51.00
CA SER D 136 -15.14 10.96 51.82
C SER D 136 -15.82 12.19 51.24
N PRO D 137 -17.09 12.41 51.55
CA PRO D 137 -17.78 13.63 51.09
C PRO D 137 -17.30 14.83 51.89
N GLY D 138 -16.63 15.77 51.21
CA GLY D 138 -16.08 16.94 51.85
C GLY D 138 -14.60 16.79 52.09
N GLN D 139 -13.78 17.34 51.20
CA GLN D 139 -12.34 17.14 51.20
C GLN D 139 -11.76 18.01 50.11
N ARG D 140 -10.43 18.16 50.13
CA ARG D 140 -9.73 18.97 49.15
C ARG D 140 -8.82 18.07 48.33
N VAL D 141 -8.94 18.17 47.01
CA VAL D 141 -8.13 17.36 46.10
C VAL D 141 -7.44 18.28 45.11
N VAL D 142 -6.33 17.79 44.57
CA VAL D 142 -5.54 18.52 43.57
C VAL D 142 -5.49 17.70 42.30
N LEU D 143 -5.88 18.30 41.19
CA LEU D 143 -5.95 17.61 39.92
C LEU D 143 -4.67 17.84 39.13
N ALA D 144 -3.98 16.75 38.79
CA ALA D 144 -2.83 16.83 37.89
C ALA D 144 -3.30 16.44 36.51
N SER D 145 -3.20 17.37 35.56
CA SER D 145 -3.90 17.23 34.30
C SER D 145 -2.95 17.36 33.12
N ASN D 146 -3.35 16.77 32.02
CA ASN D 146 -2.69 16.91 30.72
C ASN D 146 -3.79 17.10 29.69
N GLY D 147 -3.47 17.02 28.41
CA GLY D 147 -4.53 17.06 27.43
C GLY D 147 -5.37 15.79 27.47
N SER D 148 -6.59 15.88 28.00
CA SER D 148 -7.52 14.76 28.12
C SER D 148 -6.91 13.60 28.93
N GLN D 149 -6.31 13.94 30.07
CA GLN D 149 -5.84 12.97 31.05
C GLN D 149 -5.88 13.64 32.41
N VAL D 150 -6.31 12.92 33.43
CA VAL D 150 -6.44 13.47 34.77
C VAL D 150 -6.13 12.39 35.81
N THR D 151 -5.43 12.78 36.87
CA THR D 151 -5.24 11.94 38.04
C THR D 151 -5.66 12.75 39.27
N VAL D 152 -6.39 12.10 40.18
CA VAL D 152 -6.88 12.76 41.39
C VAL D 152 -6.17 12.13 42.57
N SER D 153 -5.63 12.98 43.45
CA SER D 153 -4.89 12.53 44.63
C SER D 153 -5.34 13.35 45.81
N PRO D 154 -5.34 12.78 47.01
CA PRO D 154 -5.87 13.49 48.18
C PRO D 154 -4.93 14.61 48.59
N ARG D 155 -5.38 15.36 49.60
CA ARG D 155 -4.67 16.54 50.08
C ARG D 155 -3.21 16.28 50.42
N CYS E 18 -19.06 -16.07 21.54
CA CYS E 18 -19.84 -15.18 22.40
C CYS E 18 -19.29 -13.77 22.35
N VAL E 19 -20.16 -12.79 22.60
CA VAL E 19 -19.76 -11.39 22.72
C VAL E 19 -20.24 -10.88 24.07
N ASN E 20 -19.33 -10.24 24.80
CA ASN E 20 -19.60 -9.84 26.19
C ASN E 20 -20.14 -8.42 26.18
N ASN E 21 -21.45 -8.32 25.91
CA ASN E 21 -22.12 -7.02 25.88
C ASN E 21 -22.75 -6.69 27.24
N ASP E 22 -21.91 -6.73 28.27
CA ASP E 22 -22.30 -6.28 29.60
C ASP E 22 -21.73 -4.90 29.90
N THR E 23 -20.93 -4.34 29.01
CA THR E 23 -20.46 -2.97 29.13
C THR E 23 -21.48 -1.96 28.62
N LEU E 24 -22.73 -2.38 28.42
CA LEU E 24 -23.81 -1.51 27.97
C LEU E 24 -24.82 -1.29 29.10
N SER E 25 -24.36 -1.26 30.33
CA SER E 25 -25.21 -1.01 31.48
C SER E 25 -24.82 0.33 32.11
N GLY E 26 -25.56 0.71 33.14
CA GLY E 26 -25.30 1.97 33.81
C GLY E 26 -24.49 1.79 35.07
N ASP E 27 -23.81 0.64 35.16
CA ASP E 27 -23.08 0.26 36.36
C ASP E 27 -21.74 -0.38 36.03
N VAL E 28 -21.30 -0.29 34.78
CA VAL E 28 -20.05 -0.90 34.33
C VAL E 28 -19.43 0.00 33.29
N TYR E 29 -18.16 0.35 33.49
CA TYR E 29 -17.42 1.22 32.58
C TYR E 29 -16.34 0.42 31.87
N THR E 30 -16.24 0.58 30.55
CA THR E 30 -15.10 0.02 29.86
C THR E 30 -13.84 0.73 30.30
N ALA E 31 -12.71 0.02 30.21
CA ALA E 31 -11.47 0.52 30.80
C ALA E 31 -10.73 1.50 29.91
N SER E 32 -11.23 1.79 28.72
CA SER E 32 -10.62 2.79 27.86
C SER E 32 -11.18 4.19 28.10
N GLU E 33 -12.06 4.35 29.08
CA GLU E 33 -12.61 5.65 29.44
C GLU E 33 -12.55 5.85 30.95
N ALA E 34 -11.50 5.35 31.57
CA ALA E 34 -11.17 5.68 32.95
C ALA E 34 -10.03 6.68 32.95
N LYS E 35 -10.00 7.52 33.98
CA LYS E 35 -9.07 8.64 34.07
C LYS E 35 -9.24 9.59 32.88
N GLN E 36 -10.45 10.12 32.73
CA GLN E 36 -10.77 11.16 31.76
C GLN E 36 -11.79 12.09 32.38
N VAL E 37 -12.12 13.16 31.66
CA VAL E 37 -13.03 14.19 32.16
C VAL E 37 -14.35 14.12 31.43
N GLN E 38 -15.45 14.22 32.19
CA GLN E 38 -16.79 14.13 31.66
C GLN E 38 -17.66 15.20 32.28
N ASN E 39 -18.57 15.77 31.48
CA ASN E 39 -19.41 16.88 31.91
C ASN E 39 -20.68 16.36 32.57
N VAL E 40 -21.40 17.27 33.23
CA VAL E 40 -22.54 16.92 34.07
C VAL E 40 -23.73 17.81 33.71
N SER E 41 -24.90 17.20 33.56
CA SER E 41 -26.16 17.92 33.34
C SER E 41 -27.24 17.27 34.18
N TYR E 42 -28.41 17.91 34.24
CA TYR E 42 -29.54 17.42 35.02
C TYR E 42 -30.78 17.34 34.15
N GLY E 43 -31.74 16.53 34.57
CA GLY E 43 -32.94 16.38 33.76
C GLY E 43 -34.09 15.74 34.53
N THR E 44 -35.11 15.34 33.77
CA THR E 44 -36.28 14.68 34.31
C THR E 44 -36.71 13.59 33.33
N ILE E 45 -37.44 12.59 33.83
CA ILE E 45 -37.66 11.33 33.11
C ILE E 45 -39.14 11.13 32.85
N VAL E 46 -39.48 10.73 31.61
CA VAL E 46 -40.85 10.40 31.23
C VAL E 46 -40.83 9.27 30.21
N ASN E 47 -41.87 8.44 30.23
CA ASN E 47 -42.22 7.49 29.17
C ASN E 47 -41.11 6.47 28.91
N VAL E 48 -40.93 5.59 29.90
CA VAL E 48 -40.08 4.41 29.74
C VAL E 48 -40.89 3.27 29.14
N ARG E 49 -40.34 2.59 28.15
CA ARG E 49 -40.96 1.38 27.60
C ARG E 49 -39.90 0.33 27.30
N PRO E 50 -40.24 -0.95 27.40
CA PRO E 50 -39.23 -2.00 27.26
C PRO E 50 -38.92 -2.35 25.81
N VAL E 51 -37.68 -2.83 25.61
CA VAL E 51 -37.09 -3.01 24.29
C VAL E 51 -36.06 -4.13 24.38
N GLN E 52 -35.81 -4.80 23.26
CA GLN E 52 -34.80 -5.85 23.18
C GLN E 52 -33.57 -5.33 22.43
N ILE E 53 -32.41 -5.91 22.72
CA ILE E 53 -31.14 -5.45 22.16
C ILE E 53 -30.40 -6.64 21.55
N GLN E 54 -29.92 -6.46 20.33
CA GLN E 54 -29.27 -7.52 19.55
C GLN E 54 -27.83 -7.11 19.26
N GLY E 55 -26.89 -7.72 19.96
CA GLY E 55 -25.48 -7.43 19.79
C GLY E 55 -24.85 -8.26 18.69
N GLY E 56 -23.52 -8.29 18.70
CA GLY E 56 -22.79 -9.14 17.77
C GLY E 56 -22.70 -8.54 16.38
N ASP E 57 -22.52 -9.42 15.39
CA ASP E 57 -22.40 -9.04 13.99
C ASP E 57 -23.37 -9.86 13.15
N ASP E 58 -23.75 -9.30 12.01
CA ASP E 58 -24.81 -9.90 11.19
C ASP E 58 -24.31 -11.13 10.44
N SER E 59 -23.10 -11.10 9.90
CA SER E 59 -22.54 -12.24 9.19
C SER E 59 -21.88 -13.17 10.21
N ASN E 60 -22.59 -14.23 10.59
CA ASN E 60 -22.10 -15.15 11.61
C ASN E 60 -21.12 -16.12 10.96
N VAL E 61 -19.86 -16.06 11.37
CA VAL E 61 -18.81 -16.92 10.81
C VAL E 61 -18.41 -18.01 11.80
N ILE E 62 -18.21 -17.66 13.08
CA ILE E 62 -17.75 -18.64 14.04
C ILE E 62 -18.79 -19.74 14.27
N GLY E 63 -20.08 -19.41 14.20
CA GLY E 63 -21.10 -20.43 14.33
C GLY E 63 -21.09 -21.42 13.19
N ALA E 64 -20.79 -20.94 11.97
CA ALA E 64 -20.81 -21.81 10.80
C ALA E 64 -19.78 -22.92 10.90
N ILE E 65 -18.56 -22.58 11.31
CA ILE E 65 -17.49 -23.58 11.35
C ILE E 65 -17.74 -24.60 12.45
N GLY E 66 -18.14 -24.14 13.64
CA GLY E 66 -18.45 -25.09 14.71
C GLY E 66 -19.57 -26.03 14.33
N GLY E 67 -20.66 -25.49 13.79
CA GLY E 67 -21.74 -26.35 13.33
C GLY E 67 -21.30 -27.32 12.25
N ALA E 68 -20.45 -26.85 11.33
CA ALA E 68 -20.00 -27.70 10.23
C ALA E 68 -19.19 -28.88 10.74
N VAL E 69 -18.20 -28.64 11.61
CA VAL E 69 -17.38 -29.75 12.07
C VAL E 69 -18.21 -30.70 12.92
N LEU E 70 -19.03 -30.18 13.84
CA LEU E 70 -19.79 -31.08 14.69
C LEU E 70 -20.83 -31.86 13.92
N GLY E 71 -21.34 -31.33 12.80
CA GLY E 71 -22.26 -32.09 12.00
C GLY E 71 -21.59 -33.09 11.10
N GLY E 72 -20.42 -32.72 10.57
CA GLY E 72 -19.69 -33.63 9.70
C GLY E 72 -19.17 -34.85 10.43
N PHE E 73 -18.64 -34.68 11.63
CA PHE E 73 -18.10 -35.85 12.33
C PHE E 73 -19.20 -36.75 12.88
N LEU E 74 -20.47 -36.36 12.77
CA LEU E 74 -21.58 -37.24 13.09
C LEU E 74 -22.07 -38.02 11.88
N GLY E 75 -21.40 -37.88 10.74
CA GLY E 75 -21.83 -38.54 9.53
C GLY E 75 -21.11 -39.84 9.23
N ASN E 76 -19.87 -39.99 9.68
CA ASN E 76 -19.11 -41.19 9.38
C ASN E 76 -19.74 -42.44 9.98
N THR E 77 -20.53 -42.31 11.04
CA THR E 77 -20.95 -43.47 11.81
C THR E 77 -22.10 -44.24 11.17
N VAL E 78 -22.56 -43.86 9.98
CA VAL E 78 -23.60 -44.60 9.29
C VAL E 78 -23.06 -45.11 7.95
N GLY E 79 -23.51 -46.29 7.56
CA GLY E 79 -23.21 -46.83 6.24
C GLY E 79 -21.75 -47.19 6.05
N GLY E 80 -21.44 -47.60 4.82
CA GLY E 80 -20.08 -47.91 4.45
C GLY E 80 -19.94 -48.00 2.95
N GLY E 81 -18.75 -47.72 2.46
CA GLY E 81 -18.48 -47.76 1.03
C GLY E 81 -18.48 -46.36 0.42
N THR E 82 -19.27 -46.18 -0.63
CA THR E 82 -19.48 -44.87 -1.21
C THR E 82 -20.75 -44.20 -0.70
N GLY E 83 -21.51 -44.87 0.15
CA GLY E 83 -22.64 -44.28 0.81
C GLY E 83 -22.32 -43.58 2.11
N ARG E 84 -21.06 -43.60 2.54
CA ARG E 84 -20.63 -42.86 3.71
C ARG E 84 -20.29 -41.42 3.35
N SER E 85 -19.66 -41.23 2.19
CA SER E 85 -19.29 -39.89 1.75
C SER E 85 -20.53 -39.01 1.58
N LEU E 86 -21.61 -39.57 1.01
CA LEU E 86 -22.83 -38.80 0.87
C LEU E 86 -23.38 -38.38 2.23
N ALA E 87 -23.35 -39.27 3.21
CA ALA E 87 -23.85 -38.95 4.53
C ALA E 87 -23.05 -37.83 5.18
N THR E 88 -21.72 -37.91 5.12
CA THR E 88 -20.92 -36.86 5.75
C THR E 88 -21.10 -35.53 5.02
N ALA E 89 -21.22 -35.56 3.69
CA ALA E 89 -21.42 -34.32 2.95
C ALA E 89 -22.75 -33.67 3.29
N ALA E 90 -23.82 -34.46 3.42
CA ALA E 90 -25.10 -33.88 3.80
C ALA E 90 -25.07 -33.33 5.22
N GLY E 91 -24.48 -34.09 6.15
CA GLY E 91 -24.42 -33.62 7.52
C GLY E 91 -23.65 -32.33 7.68
N ALA E 92 -22.61 -32.13 6.86
CA ALA E 92 -21.82 -30.91 6.97
C ALA E 92 -22.68 -29.67 6.80
N VAL E 93 -23.44 -29.58 5.71
CA VAL E 93 -24.23 -28.36 5.48
C VAL E 93 -25.44 -28.31 6.41
N ALA E 94 -26.05 -29.46 6.70
CA ALA E 94 -27.20 -29.43 7.59
C ALA E 94 -26.83 -29.08 9.02
N GLY E 95 -25.55 -29.14 9.37
CA GLY E 95 -25.12 -28.60 10.64
C GLY E 95 -24.60 -27.18 10.51
N GLY E 96 -24.09 -26.86 9.32
CA GLY E 96 -23.57 -25.52 9.09
C GLY E 96 -24.65 -24.46 9.24
N VAL E 97 -25.82 -24.70 8.65
CA VAL E 97 -26.87 -23.67 8.79
C VAL E 97 -27.38 -23.59 10.23
N ALA E 98 -27.46 -24.72 10.93
CA ALA E 98 -27.91 -24.67 12.33
C ALA E 98 -26.91 -23.94 13.22
N GLY E 99 -25.63 -23.94 12.83
CA GLY E 99 -24.66 -23.17 13.60
C GLY E 99 -24.99 -21.69 13.64
N GLN E 100 -25.30 -21.11 12.48
CA GLN E 100 -25.73 -19.72 12.45
C GLN E 100 -27.11 -19.56 13.08
N GLY E 101 -27.92 -20.61 13.05
CA GLY E 101 -29.21 -20.54 13.73
C GLY E 101 -29.07 -20.34 15.22
N VAL E 102 -28.09 -21.02 15.83
CA VAL E 102 -27.94 -20.96 17.28
C VAL E 102 -27.04 -19.81 17.73
N GLN E 103 -25.98 -19.50 16.97
CA GLN E 103 -25.01 -18.50 17.42
C GLN E 103 -25.58 -17.09 17.46
N SER E 104 -26.75 -16.86 16.87
CA SER E 104 -27.41 -15.55 16.88
C SER E 104 -28.69 -15.56 17.69
N ALA E 105 -28.78 -16.43 18.68
CA ALA E 105 -29.87 -16.40 19.65
C ALA E 105 -29.35 -16.41 21.07
N MET E 106 -28.04 -16.40 21.28
CA MET E 106 -27.44 -16.26 22.59
C MET E 106 -26.82 -14.88 22.78
N ASN E 107 -27.09 -13.94 21.88
CA ASN E 107 -26.59 -12.58 22.01
C ASN E 107 -27.75 -11.60 22.05
N LYS E 108 -28.78 -11.90 22.84
CA LYS E 108 -30.01 -11.13 22.85
C LYS E 108 -30.39 -10.83 24.30
N THR E 109 -30.36 -9.55 24.67
CA THR E 109 -30.64 -9.11 26.02
C THR E 109 -31.86 -8.20 26.03
N GLN E 110 -32.30 -7.80 27.23
CA GLN E 110 -33.47 -6.96 27.39
C GLN E 110 -33.08 -5.65 28.05
N GLY E 111 -33.56 -4.53 27.49
CA GLY E 111 -33.27 -3.22 28.03
C GLY E 111 -34.48 -2.31 28.06
N VAL E 112 -34.27 -1.02 28.36
CA VAL E 112 -35.35 -0.05 28.44
C VAL E 112 -35.00 1.14 27.55
N GLU E 113 -36.04 1.89 27.17
CA GLU E 113 -35.88 3.14 26.43
C GLU E 113 -36.50 4.26 27.24
N LEU E 114 -35.73 5.32 27.44
CA LEU E 114 -36.09 6.42 28.32
C LEU E 114 -36.18 7.72 27.55
N GLU E 115 -37.19 8.54 27.83
CA GLU E 115 -37.33 9.88 27.26
C GLU E 115 -37.11 10.90 28.38
N ILE E 116 -35.99 11.61 28.33
CA ILE E 116 -35.62 12.56 29.37
C ILE E 116 -35.70 13.97 28.80
N ARG E 117 -36.30 14.87 29.57
CA ARG E 117 -36.41 16.29 29.24
C ARG E 117 -35.45 17.06 30.13
N LYS E 118 -34.51 17.78 29.52
CA LYS E 118 -33.49 18.48 30.27
C LYS E 118 -34.04 19.80 30.82
N ASP E 119 -33.28 20.41 31.72
CA ASP E 119 -33.66 21.71 32.26
C ASP E 119 -33.43 22.86 31.30
N ASP E 120 -32.71 22.61 30.21
CA ASP E 120 -32.61 23.59 29.13
C ASP E 120 -33.97 23.87 28.51
N GLY E 121 -34.75 22.82 28.27
CA GLY E 121 -36.03 22.92 27.59
C GLY E 121 -36.02 22.04 26.36
N ASN E 122 -34.97 21.24 26.22
CA ASN E 122 -34.77 20.37 25.09
C ASN E 122 -35.01 18.93 25.50
N THR E 123 -35.52 18.13 24.56
CA THR E 123 -35.94 16.76 24.82
C THR E 123 -35.09 15.78 24.04
N ILE E 124 -34.71 14.67 24.69
CA ILE E 124 -33.97 13.59 24.04
C ILE E 124 -34.47 12.26 24.61
N MET E 125 -34.05 11.17 23.96
CA MET E 125 -34.27 9.84 24.51
C MET E 125 -33.04 8.97 24.30
N VAL E 126 -32.82 8.04 25.22
CA VAL E 126 -31.66 7.17 25.24
C VAL E 126 -32.09 5.76 25.64
N VAL E 127 -31.38 4.76 25.11
CA VAL E 127 -31.71 3.35 25.30
C VAL E 127 -30.56 2.66 26.03
N GLN E 128 -30.92 1.81 26.99
CA GLN E 128 -29.92 1.32 27.94
C GLN E 128 -30.38 -0.02 28.51
N LYS E 129 -29.41 -0.87 28.83
CA LYS E 129 -29.71 -2.24 29.24
C LYS E 129 -30.31 -2.29 30.64
N GLN E 130 -31.25 -3.20 30.83
CA GLN E 130 -31.88 -3.37 32.13
C GLN E 130 -30.88 -3.91 33.15
N GLY E 131 -30.91 -3.35 34.36
CA GLY E 131 -30.02 -3.77 35.42
C GLY E 131 -30.74 -4.28 36.64
N ASN E 132 -30.52 -3.63 37.79
CA ASN E 132 -31.18 -4.00 39.03
C ASN E 132 -31.86 -2.81 39.71
N THR E 133 -31.96 -1.68 39.03
CA THR E 133 -32.71 -0.52 39.50
C THR E 133 -33.88 -0.27 38.59
N ARG E 134 -35.02 0.11 39.17
CA ARG E 134 -36.24 0.32 38.43
C ARG E 134 -36.46 1.82 38.21
N PHE E 135 -36.64 2.20 36.94
CA PHE E 135 -36.97 3.58 36.60
C PHE E 135 -38.48 3.76 36.57
N SER E 136 -38.94 4.91 37.04
CA SER E 136 -40.34 5.23 37.18
C SER E 136 -40.64 6.56 36.50
N PRO E 137 -41.89 6.80 36.12
CA PRO E 137 -42.25 8.11 35.55
C PRO E 137 -42.29 9.18 36.63
N GLY E 138 -41.39 10.14 36.54
CA GLY E 138 -41.28 11.20 37.52
C GLY E 138 -40.14 10.94 38.49
N GLN E 139 -38.99 11.56 38.23
CA GLN E 139 -37.77 11.28 38.95
C GLN E 139 -36.70 12.25 38.46
N ARG E 140 -35.60 12.32 39.19
CA ARG E 140 -34.50 13.21 38.84
C ARG E 140 -33.28 12.37 38.50
N VAL E 141 -32.67 12.64 37.34
CA VAL E 141 -31.50 11.90 36.89
C VAL E 141 -30.41 12.90 36.54
N VAL E 142 -29.16 12.42 36.61
CA VAL E 142 -27.99 13.23 36.28
C VAL E 142 -27.26 12.56 35.12
N LEU E 143 -27.01 13.32 34.06
CA LEU E 143 -26.40 12.80 32.86
C LEU E 143 -24.90 13.06 32.90
N ALA E 144 -24.11 11.99 32.82
CA ALA E 144 -22.67 12.11 32.69
C ALA E 144 -22.33 11.92 31.22
N SER E 145 -21.77 12.96 30.61
CA SER E 145 -21.70 13.01 29.16
C SER E 145 -20.27 13.24 28.69
N ASN E 146 -20.01 12.81 27.46
CA ASN E 146 -18.78 13.08 26.75
C ASN E 146 -19.18 13.46 25.32
N GLY E 147 -18.23 13.52 24.39
CA GLY E 147 -18.62 13.73 23.02
C GLY E 147 -19.32 12.52 22.44
N SER E 148 -20.64 12.61 22.27
CA SER E 148 -21.47 11.53 21.74
C SER E 148 -21.35 10.25 22.57
N GLN E 149 -21.46 10.41 23.89
CA GLN E 149 -21.55 9.30 24.84
C GLN E 149 -22.31 9.80 26.05
N VAL E 150 -23.21 8.98 26.58
CA VAL E 150 -24.03 9.37 27.72
C VAL E 150 -24.29 8.16 28.60
N THR E 151 -24.26 8.37 29.92
CA THR E 151 -24.70 7.38 30.90
C THR E 151 -25.72 8.05 31.82
N VAL E 152 -26.80 7.34 32.11
CA VAL E 152 -27.87 7.85 32.96
C VAL E 152 -27.88 7.05 34.26
N SER E 153 -27.88 7.75 35.38
CA SER E 153 -27.87 7.13 36.69
C SER E 153 -28.90 7.82 37.57
N PRO E 154 -29.52 7.09 38.50
CA PRO E 154 -30.59 7.69 39.31
C PRO E 154 -30.04 8.70 40.30
N ARG E 155 -30.96 9.34 41.01
CA ARG E 155 -30.63 10.41 41.95
C ARG E 155 -29.57 10.03 42.96
N CYS F 18 -27.23 -17.57 6.03
CA CYS F 18 -28.37 -16.76 6.46
C CYS F 18 -27.89 -15.38 6.88
N VAL F 19 -28.78 -14.39 6.77
CA VAL F 19 -28.54 -13.05 7.27
C VAL F 19 -29.66 -12.69 8.23
N ASN F 20 -29.29 -12.19 9.41
CA ASN F 20 -30.25 -11.95 10.49
C ASN F 20 -30.74 -10.51 10.38
N ASN F 21 -31.70 -10.31 9.49
CA ASN F 21 -32.29 -8.98 9.29
C ASN F 21 -33.55 -8.79 10.15
N ASP F 22 -33.38 -9.01 11.45
CA ASP F 22 -34.41 -8.70 12.42
C ASP F 22 -34.12 -7.40 13.16
N THR F 23 -32.97 -6.78 12.89
CA THR F 23 -32.67 -5.47 13.42
C THR F 23 -33.29 -4.35 12.60
N LEU F 24 -34.24 -4.67 11.72
CA LEU F 24 -34.94 -3.69 10.91
C LEU F 24 -36.39 -3.55 11.34
N SER F 25 -36.65 -3.71 12.63
CA SER F 25 -37.98 -3.55 13.20
C SER F 25 -38.00 -2.33 14.11
N GLY F 26 -39.19 -2.04 14.64
CA GLY F 26 -39.34 -0.89 15.50
C GLY F 26 -39.30 -1.27 16.96
N ASP F 27 -38.76 -2.46 17.24
CA ASP F 27 -38.77 -3.01 18.59
C ASP F 27 -37.43 -3.69 18.92
N VAL F 28 -36.41 -3.46 18.11
CA VAL F 28 -35.10 -4.08 18.30
C VAL F 28 -34.03 -3.10 17.88
N TYR F 29 -33.07 -2.84 18.76
CA TYR F 29 -31.98 -1.91 18.48
C TYR F 29 -30.67 -2.66 18.35
N THR F 30 -29.91 -2.35 17.31
CA THR F 30 -28.55 -2.88 17.24
C THR F 30 -27.71 -2.30 18.38
N ALA F 31 -26.70 -3.05 18.80
CA ALA F 31 -25.97 -2.71 20.02
C ALA F 31 -24.89 -1.66 19.78
N SER F 32 -24.69 -1.20 18.56
CA SER F 32 -23.75 -0.13 18.28
C SER F 32 -24.37 1.26 18.38
N GLU F 33 -25.65 1.34 18.77
CA GLU F 33 -26.32 2.61 18.96
C GLU F 33 -27.07 2.62 20.28
N ALA F 34 -26.50 1.99 21.29
CA ALA F 34 -26.95 2.13 22.67
C ALA F 34 -25.99 3.06 23.40
N LYS F 35 -26.53 3.76 24.39
CA LYS F 35 -25.81 4.81 25.11
C LYS F 35 -25.35 5.91 24.15
N GLN F 36 -26.31 6.52 23.46
CA GLN F 36 -26.08 7.68 22.61
C GLN F 36 -27.30 8.58 22.72
N VAL F 37 -27.23 9.76 22.09
CA VAL F 37 -28.27 10.76 22.18
C VAL F 37 -29.02 10.85 20.86
N GLN F 38 -30.34 10.92 20.94
CA GLN F 38 -31.22 10.96 19.77
C GLN F 38 -32.30 12.00 19.98
N ASN F 39 -32.65 12.71 18.92
CA ASN F 39 -33.62 13.80 18.97
C ASN F 39 -35.04 13.28 18.80
N VAL F 40 -36.02 14.13 19.11
CA VAL F 40 -37.42 13.74 19.16
C VAL F 40 -38.27 14.73 18.37
N SER F 41 -39.17 14.21 17.54
CA SER F 41 -40.14 15.01 16.80
C SER F 41 -41.49 14.33 16.85
N TYR F 42 -42.53 15.02 16.38
CA TYR F 42 -43.89 14.49 16.38
C TYR F 42 -44.47 14.59 14.98
N GLY F 43 -45.51 13.79 14.71
CA GLY F 43 -46.10 13.80 13.39
C GLY F 43 -47.46 13.14 13.35
N THR F 44 -47.93 12.89 12.12
CA THR F 44 -49.20 12.23 11.87
C THR F 44 -49.02 11.30 10.68
N ILE F 45 -49.88 10.28 10.58
CA ILE F 45 -49.66 9.14 9.71
C ILE F 45 -50.79 9.05 8.67
N VAL F 46 -50.41 8.83 7.41
CA VAL F 46 -51.37 8.62 6.32
C VAL F 46 -50.79 7.63 5.32
N ASN F 47 -51.68 6.86 4.69
CA ASN F 47 -51.40 6.07 3.48
C ASN F 47 -50.30 5.04 3.70
N VAL F 48 -50.64 4.03 4.51
CA VAL F 48 -49.82 2.83 4.67
C VAL F 48 -50.18 1.82 3.58
N ARG F 49 -49.16 1.24 2.95
CA ARG F 49 -49.38 0.15 2.00
C ARG F 49 -48.30 -0.92 2.17
N PRO F 50 -48.62 -2.18 1.90
CA PRO F 50 -47.67 -3.26 2.16
C PRO F 50 -46.63 -3.44 1.06
N VAL F 51 -45.46 -3.95 1.47
CA VAL F 51 -44.26 -4.00 0.65
C VAL F 51 -43.41 -5.18 1.11
N GLN F 52 -42.60 -5.72 0.22
CA GLN F 52 -41.67 -6.80 0.53
C GLN F 52 -40.25 -6.26 0.62
N ILE F 53 -39.40 -6.94 1.39
CA ILE F 53 -38.04 -6.48 1.65
C ILE F 53 -37.06 -7.62 1.35
N GLN F 54 -36.01 -7.32 0.61
CA GLN F 54 -35.03 -8.31 0.14
C GLN F 54 -33.67 -7.94 0.72
N GLY F 55 -33.22 -8.68 1.71
CA GLY F 55 -31.94 -8.45 2.35
C GLY F 55 -30.80 -9.17 1.64
N GLY F 56 -29.68 -9.27 2.34
CA GLY F 56 -28.56 -10.04 1.83
C GLY F 56 -27.76 -9.28 0.79
N ASP F 57 -27.07 -10.04 -0.07
CA ASP F 57 -26.25 -9.49 -1.13
C ASP F 57 -26.60 -10.14 -2.45
N ASP F 58 -26.34 -9.42 -3.54
CA ASP F 58 -26.79 -9.86 -4.87
C ASP F 58 -25.96 -11.02 -5.40
N SER F 59 -24.63 -10.98 -5.22
CA SER F 59 -23.77 -12.06 -5.67
C SER F 59 -23.73 -13.14 -4.60
N ASN F 60 -24.50 -14.20 -4.79
CA ASN F 60 -24.61 -15.26 -3.80
C ASN F 60 -23.42 -16.20 -3.96
N VAL F 61 -22.56 -16.26 -2.95
CA VAL F 61 -21.37 -17.10 -2.99
C VAL F 61 -21.51 -18.32 -2.10
N ILE F 62 -22.03 -18.15 -0.88
CA ILE F 62 -22.13 -19.26 0.06
C ILE F 62 -23.11 -20.32 -0.45
N GLY F 63 -24.17 -19.91 -1.14
CA GLY F 63 -25.09 -20.88 -1.69
C GLY F 63 -24.46 -21.73 -2.78
N ALA F 64 -23.58 -21.12 -3.58
CA ALA F 64 -22.97 -21.84 -4.70
C ALA F 64 -22.12 -23.00 -4.22
N ILE F 65 -21.29 -22.78 -3.19
CA ILE F 65 -20.38 -23.83 -2.74
C ILE F 65 -21.15 -24.97 -2.08
N GLY F 66 -22.13 -24.64 -1.23
CA GLY F 66 -22.94 -25.68 -0.62
C GLY F 66 -23.67 -26.52 -1.64
N GLY F 67 -24.33 -25.86 -2.60
CA GLY F 67 -24.99 -26.60 -3.66
C GLY F 67 -24.03 -27.44 -4.47
N ALA F 68 -22.83 -26.91 -4.74
CA ALA F 68 -21.85 -27.64 -5.54
C ALA F 68 -21.41 -28.92 -4.85
N VAL F 69 -21.02 -28.84 -3.58
CA VAL F 69 -20.55 -30.04 -2.90
C VAL F 69 -21.69 -31.05 -2.75
N LEU F 70 -22.86 -30.60 -2.34
CA LEU F 70 -23.95 -31.55 -2.12
C LEU F 70 -24.42 -32.18 -3.44
N GLY F 71 -24.27 -31.48 -4.57
CA GLY F 71 -24.63 -32.09 -5.83
C GLY F 71 -23.55 -33.00 -6.37
N GLY F 72 -22.29 -32.64 -6.14
CA GLY F 72 -21.19 -33.47 -6.62
C GLY F 72 -21.11 -34.80 -5.90
N PHE F 73 -21.28 -34.80 -4.58
CA PHE F 73 -21.18 -36.08 -3.88
C PHE F 73 -22.38 -36.98 -4.11
N LEU F 74 -23.41 -36.51 -4.81
CA LEU F 74 -24.51 -37.36 -5.25
C LEU F 74 -24.27 -37.95 -6.63
N GLY F 75 -23.10 -37.71 -7.22
CA GLY F 75 -22.82 -38.19 -8.55
C GLY F 75 -22.04 -39.48 -8.60
N ASN F 76 -21.21 -39.75 -7.58
CA ASN F 76 -20.38 -40.95 -7.61
C ASN F 76 -21.21 -42.23 -7.59
N THR F 77 -22.44 -42.19 -7.10
CA THR F 77 -23.18 -43.41 -6.83
C THR F 77 -23.81 -44.03 -8.08
N VAL F 78 -23.58 -43.48 -9.26
CA VAL F 78 -24.08 -44.08 -10.49
C VAL F 78 -22.91 -44.44 -11.40
N GLY F 79 -23.07 -45.54 -12.12
CA GLY F 79 -22.11 -45.93 -13.15
C GLY F 79 -20.76 -46.33 -12.60
N GLY F 80 -19.84 -46.60 -13.52
CA GLY F 80 -18.48 -46.94 -13.15
C GLY F 80 -17.58 -46.85 -14.37
N GLY F 81 -16.31 -46.58 -14.11
CA GLY F 81 -15.33 -46.46 -15.18
C GLY F 81 -15.04 -44.99 -15.50
N THR F 82 -15.15 -44.64 -16.78
CA THR F 82 -15.06 -43.25 -17.21
C THR F 82 -16.42 -42.58 -17.35
N GLY F 83 -17.50 -43.32 -17.12
CA GLY F 83 -18.82 -42.75 -17.07
C GLY F 83 -19.24 -42.24 -15.72
N ARG F 84 -18.39 -42.38 -14.71
CA ARG F 84 -18.66 -41.81 -13.39
C ARG F 84 -18.21 -40.36 -13.33
N SER F 85 -17.07 -40.06 -13.95
CA SER F 85 -16.56 -38.70 -13.95
C SER F 85 -17.53 -37.74 -14.62
N LEU F 86 -18.13 -38.16 -15.73
CA LEU F 86 -19.12 -37.33 -16.39
C LEU F 86 -20.31 -37.04 -15.48
N ALA F 87 -20.77 -38.05 -14.76
CA ALA F 87 -21.92 -37.87 -13.86
C ALA F 87 -21.59 -36.89 -12.75
N THR F 88 -20.43 -37.03 -12.12
CA THR F 88 -20.09 -36.11 -11.03
C THR F 88 -19.89 -34.69 -11.56
N ALA F 89 -19.29 -34.55 -12.74
CA ALA F 89 -19.10 -33.22 -13.30
C ALA F 89 -20.42 -32.54 -13.62
N ALA F 90 -21.38 -33.29 -14.18
CA ALA F 90 -22.69 -32.69 -14.45
C ALA F 90 -23.42 -32.33 -13.17
N GLY F 91 -23.40 -33.22 -12.18
CA GLY F 91 -24.07 -32.93 -10.93
C GLY F 91 -23.52 -31.72 -10.23
N ALA F 92 -22.21 -31.47 -10.34
CA ALA F 92 -21.62 -30.32 -9.67
C ALA F 92 -22.29 -29.02 -10.09
N VAL F 93 -22.37 -28.76 -11.41
CA VAL F 93 -22.94 -27.48 -11.85
C VAL F 93 -24.45 -27.48 -11.68
N ALA F 94 -25.11 -28.62 -11.92
CA ALA F 94 -26.55 -28.64 -11.77
C ALA F 94 -26.99 -28.49 -10.32
N GLY F 95 -26.09 -28.66 -9.37
CA GLY F 95 -26.40 -28.30 -8.00
C GLY F 95 -25.92 -26.91 -7.66
N GLY F 96 -24.86 -26.47 -8.34
CA GLY F 96 -24.33 -25.14 -8.08
C GLY F 96 -25.35 -24.06 -8.38
N VAL F 97 -26.04 -24.16 -9.52
CA VAL F 97 -27.01 -23.10 -9.82
C VAL F 97 -28.20 -23.17 -8.86
N ALA F 98 -28.62 -24.38 -8.46
CA ALA F 98 -29.74 -24.48 -7.52
C ALA F 98 -29.37 -23.91 -6.15
N GLY F 99 -28.09 -23.94 -5.81
CA GLY F 99 -27.67 -23.32 -4.55
C GLY F 99 -28.01 -21.84 -4.49
N GLN F 100 -27.67 -21.10 -5.54
CA GLN F 100 -28.05 -19.70 -5.62
C GLN F 100 -29.55 -19.55 -5.78
N GLY F 101 -30.21 -20.54 -6.37
CA GLY F 101 -31.66 -20.48 -6.46
C GLY F 101 -32.33 -20.48 -5.10
N VAL F 102 -31.81 -21.28 -4.18
CA VAL F 102 -32.45 -21.41 -2.86
C VAL F 102 -31.93 -20.38 -1.85
N GLN F 103 -30.64 -20.03 -1.91
CA GLN F 103 -30.08 -19.15 -0.88
C GLN F 103 -30.61 -17.72 -0.96
N SER F 104 -31.30 -17.36 -2.04
CA SER F 104 -31.88 -16.03 -2.20
C SER F 104 -33.40 -16.07 -2.20
N ALA F 105 -33.98 -17.05 -1.52
CA ALA F 105 -35.42 -17.08 -1.27
C ALA F 105 -35.73 -17.30 0.20
N MET F 106 -34.72 -17.39 1.05
CA MET F 106 -34.91 -17.44 2.50
C MET F 106 -34.51 -16.13 3.16
N ASN F 107 -34.28 -15.08 2.39
CA ASN F 107 -33.94 -13.77 2.94
C ASN F 107 -34.97 -12.74 2.50
N LYS F 108 -36.26 -13.08 2.60
CA LYS F 108 -37.33 -12.25 2.06
C LYS F 108 -38.41 -12.11 3.11
N THR F 109 -38.61 -10.90 3.62
CA THR F 109 -39.57 -10.61 4.67
C THR F 109 -40.63 -9.63 4.15
N GLN F 110 -41.64 -9.37 4.99
CA GLN F 110 -42.74 -8.50 4.62
C GLN F 110 -42.78 -7.30 5.56
N GLY F 111 -42.91 -6.10 4.99
CA GLY F 111 -42.98 -4.88 5.77
C GLY F 111 -44.04 -3.92 5.29
N VAL F 112 -44.04 -2.69 5.81
CA VAL F 112 -45.02 -1.68 5.44
C VAL F 112 -44.28 -0.41 5.05
N GLU F 113 -44.97 0.43 4.29
CA GLU F 113 -44.48 1.75 3.91
C GLU F 113 -45.45 2.80 4.41
N LEU F 114 -44.93 3.80 5.13
CA LEU F 114 -45.72 4.78 5.84
C LEU F 114 -45.41 6.18 5.31
N GLU F 115 -46.44 7.00 5.13
CA GLU F 115 -46.27 8.41 4.76
C GLU F 115 -46.70 9.28 5.94
N ILE F 116 -45.74 9.92 6.59
CA ILE F 116 -45.98 10.72 7.78
C ILE F 116 -45.78 12.20 7.46
N ARG F 117 -46.72 13.01 7.91
CA ARG F 117 -46.66 14.46 7.75
C ARG F 117 -46.33 15.07 9.12
N LYS F 118 -45.22 15.80 9.19
CA LYS F 118 -44.78 16.34 10.46
C LYS F 118 -45.55 17.62 10.79
N ASP F 119 -45.39 18.07 12.04
CA ASP F 119 -46.03 19.31 12.47
C ASP F 119 -45.34 20.56 11.92
N ASP F 120 -44.15 20.41 11.36
CA ASP F 120 -43.52 21.52 10.64
C ASP F 120 -44.36 21.93 9.43
N GLY F 121 -44.87 20.97 8.68
CA GLY F 121 -45.61 21.21 7.46
C GLY F 121 -44.94 20.50 6.31
N ASN F 122 -43.96 19.67 6.64
CA ASN F 122 -43.16 18.94 5.68
C ASN F 122 -43.56 17.47 5.71
N THR F 123 -43.48 16.83 4.54
CA THR F 123 -43.96 15.46 4.36
C THR F 123 -42.80 14.54 4.00
N ILE F 124 -42.79 13.34 4.60
CA ILE F 124 -41.81 12.30 4.30
C ILE F 124 -42.50 10.94 4.34
N MET F 125 -41.78 9.92 3.87
CA MET F 125 -42.24 8.55 4.02
C MET F 125 -41.06 7.65 4.39
N VAL F 126 -41.34 6.60 5.15
CA VAL F 126 -40.34 5.67 5.67
C VAL F 126 -40.89 4.25 5.58
N VAL F 127 -39.99 3.28 5.38
CA VAL F 127 -40.34 1.89 5.17
C VAL F 127 -39.75 1.05 6.29
N GLN F 128 -40.52 0.11 6.81
CA GLN F 128 -40.17 -0.56 8.05
C GLN F 128 -40.83 -1.93 8.12
N LYS F 129 -40.16 -2.86 8.77
CA LYS F 129 -40.60 -4.25 8.79
C LYS F 129 -41.85 -4.44 9.64
N GLN F 130 -42.74 -5.33 9.18
CA GLN F 130 -43.95 -5.62 9.93
C GLN F 130 -43.62 -6.33 11.23
N GLY F 131 -44.30 -5.93 12.31
CA GLY F 131 -44.09 -6.53 13.60
C GLY F 131 -45.33 -7.14 14.20
N ASN F 132 -45.76 -6.66 15.37
CA ASN F 132 -46.97 -7.14 16.01
C ASN F 132 -47.93 -6.01 16.38
N THR F 133 -47.68 -4.80 15.91
CA THR F 133 -48.58 -3.66 16.08
C THR F 133 -49.11 -3.24 14.73
N ARG F 134 -50.38 -2.88 14.68
CA ARG F 134 -51.05 -2.50 13.44
C ARG F 134 -51.14 -0.99 13.33
N PHE F 135 -50.64 -0.44 12.24
CA PHE F 135 -50.76 0.98 11.95
C PHE F 135 -52.03 1.25 11.16
N SER F 136 -52.68 2.36 11.47
CA SER F 136 -53.97 2.73 10.90
C SER F 136 -53.89 4.15 10.35
N PRO F 137 -54.76 4.51 9.41
CA PRO F 137 -54.79 5.89 8.91
C PRO F 137 -55.42 6.82 9.94
N GLY F 138 -54.61 7.74 10.47
CA GLY F 138 -55.05 8.66 11.49
C GLY F 138 -54.59 8.22 12.87
N GLN F 139 -53.49 8.80 13.34
CA GLN F 139 -52.83 8.36 14.56
C GLN F 139 -51.69 9.33 14.82
N ARG F 140 -51.12 9.25 16.02
CA ARG F 140 -50.02 10.12 16.43
C ARG F 140 -48.79 9.26 16.67
N VAL F 141 -47.68 9.64 16.04
CA VAL F 141 -46.43 8.90 16.19
C VAL F 141 -45.34 9.88 16.60
N VAL F 142 -44.30 9.33 17.23
CA VAL F 142 -43.15 10.10 17.68
C VAL F 142 -41.91 9.54 17.00
N LEU F 143 -41.16 10.42 16.33
CA LEU F 143 -39.99 10.02 15.58
C LEU F 143 -38.74 10.19 16.43
N ALA F 144 -38.01 9.09 16.64
CA ALA F 144 -36.72 9.15 17.29
C ALA F 144 -35.65 9.13 16.21
N SER F 145 -34.87 10.20 16.12
CA SER F 145 -34.04 10.43 14.95
C SER F 145 -32.59 10.65 15.33
N ASN F 146 -31.72 10.35 14.38
CA ASN F 146 -30.29 10.64 14.45
C ASN F 146 -29.90 11.22 13.10
N GLY F 147 -28.61 11.34 12.82
CA GLY F 147 -28.21 11.75 11.50
C GLY F 147 -28.48 10.65 10.47
N SER F 148 -29.53 10.84 9.66
CA SER F 148 -29.92 9.87 8.63
C SER F 148 -30.24 8.50 9.22
N GLN F 149 -31.02 8.50 10.30
CA GLN F 149 -31.58 7.29 10.89
C GLN F 149 -32.88 7.67 11.59
N VAL F 150 -33.91 6.84 11.45
CA VAL F 150 -35.21 7.13 12.04
C VAL F 150 -35.87 5.83 12.48
N THR F 151 -36.53 5.88 13.63
CA THR F 151 -37.41 4.80 14.09
C THR F 151 -38.76 5.40 14.41
N VAL F 152 -39.83 4.72 14.01
CA VAL F 152 -41.19 5.18 14.24
C VAL F 152 -41.86 4.23 15.20
N SER F 153 -42.49 4.79 16.24
CA SER F 153 -43.15 4.00 17.27
C SER F 153 -44.50 4.63 17.57
N PRO F 154 -45.49 3.83 17.93
CA PRO F 154 -46.84 4.38 18.12
C PRO F 154 -46.91 5.22 19.39
N ARG F 155 -48.08 5.82 19.58
CA ARG F 155 -48.31 6.75 20.69
C ARG F 155 -47.94 6.19 22.05
N CYS G 18 -25.98 -16.69 -11.52
CA CYS G 18 -27.19 -15.88 -11.63
C CYS G 18 -27.04 -14.59 -10.84
N VAL G 19 -27.76 -13.55 -11.26
CA VAL G 19 -27.83 -12.30 -10.53
C VAL G 19 -29.31 -12.00 -10.28
N ASN G 20 -29.62 -11.67 -9.02
CA ASN G 20 -31.01 -11.51 -8.59
C ASN G 20 -31.40 -10.05 -8.74
N ASN G 21 -31.75 -9.68 -9.97
CA ASN G 21 -32.17 -8.31 -10.26
C ASN G 21 -33.70 -8.17 -10.18
N ASP G 22 -34.23 -8.55 -9.02
CA ASP G 22 -35.63 -8.31 -8.71
C ASP G 22 -35.79 -7.13 -7.75
N THR G 23 -34.69 -6.55 -7.29
CA THR G 23 -34.74 -5.33 -6.51
C THR G 23 -34.86 -4.08 -7.38
N LEU G 24 -35.20 -4.24 -8.66
CA LEU G 24 -35.38 -3.13 -9.58
C LEU G 24 -36.85 -2.97 -9.95
N SER G 25 -37.74 -3.27 -9.03
CA SER G 25 -39.16 -3.11 -9.23
C SER G 25 -39.69 -2.02 -8.31
N GLY G 26 -40.98 -1.73 -8.44
CA GLY G 26 -41.59 -0.68 -7.64
C GLY G 26 -42.33 -1.24 -6.44
N ASP G 27 -41.98 -2.49 -6.08
CA ASP G 27 -42.69 -3.20 -5.03
C ASP G 27 -41.71 -3.99 -4.15
N VAL G 28 -40.42 -3.72 -4.27
CA VAL G 28 -39.40 -4.43 -3.49
C VAL G 28 -38.29 -3.46 -3.16
N TYR G 29 -37.93 -3.36 -1.88
CA TYR G 29 -36.89 -2.47 -1.42
C TYR G 29 -35.69 -3.27 -0.95
N THR G 30 -34.49 -2.87 -1.36
CA THR G 30 -33.30 -3.46 -0.79
C THR G 30 -33.20 -3.07 0.68
N ALA G 31 -32.54 -3.92 1.46
CA ALA G 31 -32.56 -3.77 2.91
C ALA G 31 -31.55 -2.76 3.42
N SER G 32 -30.74 -2.17 2.55
CA SER G 32 -29.82 -1.13 2.97
C SER G 32 -30.43 0.27 2.91
N GLU G 33 -31.71 0.38 2.57
CA GLU G 33 -32.41 1.65 2.56
C GLU G 33 -33.75 1.53 3.28
N ALA G 34 -33.77 0.75 4.34
CA ALA G 34 -34.89 0.74 5.28
C ALA G 34 -34.48 1.52 6.52
N LYS G 35 -35.48 2.12 7.18
CA LYS G 35 -35.26 3.05 8.29
C LYS G 35 -34.38 4.21 7.86
N GLN G 36 -34.85 4.96 6.86
CA GLN G 36 -34.23 6.20 6.43
C GLN G 36 -35.35 7.15 6.01
N VAL G 37 -34.97 8.38 5.68
CA VAL G 37 -35.93 9.43 5.33
C VAL G 37 -35.87 9.72 3.84
N GLN G 38 -37.04 9.85 3.23
CA GLN G 38 -37.16 10.08 1.80
C GLN G 38 -38.22 11.14 1.55
N ASN G 39 -37.97 12.00 0.55
CA ASN G 39 -38.85 13.12 0.25
C ASN G 39 -39.95 12.70 -0.72
N VAL G 40 -40.96 13.56 -0.85
CA VAL G 40 -42.18 13.25 -1.60
C VAL G 40 -42.50 14.37 -2.57
N SER G 41 -42.82 14.01 -3.82
CA SER G 41 -43.26 14.95 -4.84
C SER G 41 -44.43 14.34 -5.60
N TYR G 42 -45.08 15.14 -6.44
CA TYR G 42 -46.22 14.69 -7.22
C TYR G 42 -45.99 14.99 -8.70
N GLY G 43 -46.70 14.29 -9.56
CA GLY G 43 -46.51 14.49 -10.98
C GLY G 43 -47.64 13.91 -11.82
N THR G 44 -47.38 13.84 -13.13
CA THR G 44 -48.33 13.29 -14.09
C THR G 44 -47.53 12.50 -15.14
N ILE G 45 -48.20 11.56 -15.80
CA ILE G 45 -47.52 10.52 -16.58
C ILE G 45 -47.93 10.62 -18.05
N VAL G 46 -46.94 10.55 -18.94
CA VAL G 46 -47.18 10.53 -20.39
C VAL G 46 -46.14 9.64 -21.07
N ASN G 47 -46.55 9.00 -22.17
CA ASN G 47 -45.66 8.35 -23.13
C ASN G 47 -44.82 7.23 -22.51
N VAL G 48 -45.51 6.16 -22.14
CA VAL G 48 -44.88 4.91 -21.74
C VAL G 48 -44.59 4.07 -22.98
N ARG G 49 -43.38 3.51 -23.06
CA ARG G 49 -43.05 2.57 -24.12
C ARG G 49 -42.20 1.43 -23.55
N PRO G 50 -42.30 0.23 -24.12
CA PRO G 50 -41.61 -0.93 -23.54
C PRO G 50 -40.15 -1.03 -23.95
N VAL G 51 -39.36 -1.65 -23.06
CA VAL G 51 -37.91 -1.66 -23.14
C VAL G 51 -37.40 -2.93 -22.45
N GLN G 52 -36.23 -3.40 -22.86
CA GLN G 52 -35.58 -4.56 -22.25
C GLN G 52 -34.43 -4.11 -21.36
N ILE G 53 -34.11 -4.93 -20.36
CA ILE G 53 -33.09 -4.57 -19.36
C ILE G 53 -32.09 -5.72 -19.26
N GLN G 54 -30.80 -5.38 -19.29
CA GLN G 54 -29.70 -6.36 -19.30
C GLN G 54 -28.85 -6.14 -18.06
N GLY G 55 -28.99 -7.03 -17.08
CA GLY G 55 -28.23 -6.94 -15.85
C GLY G 55 -26.89 -7.63 -15.94
N GLY G 56 -26.29 -7.88 -14.78
CA GLY G 56 -25.05 -8.64 -14.73
C GLY G 56 -23.84 -7.79 -15.08
N ASP G 57 -22.79 -8.48 -15.55
CA ASP G 57 -21.54 -7.85 -15.93
C ASP G 57 -21.13 -8.32 -17.31
N ASP G 58 -20.35 -7.48 -18.01
CA ASP G 58 -20.03 -7.72 -19.41
C ASP G 58 -19.01 -8.85 -19.58
N SER G 59 -17.99 -8.90 -18.73
CA SER G 59 -17.00 -9.96 -18.81
C SER G 59 -17.51 -11.17 -18.01
N ASN G 60 -18.05 -12.15 -18.73
CA ASN G 60 -18.63 -13.33 -18.09
C ASN G 60 -17.52 -14.30 -17.73
N VAL G 61 -17.32 -14.53 -16.44
CA VAL G 61 -16.27 -15.42 -15.96
C VAL G 61 -16.84 -16.73 -15.45
N ILE G 62 -17.92 -16.68 -14.67
CA ILE G 62 -18.47 -17.90 -14.09
C ILE G 62 -19.02 -18.83 -15.17
N GLY G 63 -19.57 -18.28 -16.25
CA GLY G 63 -20.03 -19.14 -17.33
C GLY G 63 -18.90 -19.87 -18.03
N ALA G 64 -17.75 -19.22 -18.16
CA ALA G 64 -16.63 -19.81 -18.87
C ALA G 64 -16.14 -21.08 -18.18
N ILE G 65 -15.98 -21.03 -16.86
CA ILE G 65 -15.43 -22.17 -16.14
C ILE G 65 -16.41 -23.34 -16.14
N GLY G 66 -17.70 -23.07 -15.89
CA GLY G 66 -18.68 -24.15 -15.93
C GLY G 66 -18.75 -24.80 -17.30
N GLY G 67 -18.81 -23.99 -18.36
CA GLY G 67 -18.80 -24.55 -19.69
C GLY G 67 -17.54 -25.34 -19.98
N ALA G 68 -16.40 -24.85 -19.52
CA ALA G 68 -15.13 -25.52 -19.78
C ALA G 68 -15.09 -26.90 -19.13
N VAL G 69 -15.43 -26.99 -17.85
CA VAL G 69 -15.36 -28.29 -17.20
C VAL G 69 -16.39 -29.25 -17.80
N LEU G 70 -17.62 -28.79 -18.01
CA LEU G 70 -18.63 -29.70 -18.52
C LEU G 70 -18.32 -30.14 -19.96
N GLY G 71 -17.63 -29.32 -20.74
CA GLY G 71 -17.25 -29.74 -22.07
C GLY G 71 -16.03 -30.64 -22.08
N GLY G 72 -15.08 -30.37 -21.18
CA GLY G 72 -13.88 -31.19 -21.11
C GLY G 72 -14.17 -32.61 -20.66
N PHE G 73 -15.01 -32.76 -19.63
CA PHE G 73 -15.27 -34.12 -19.16
C PHE G 73 -16.15 -34.93 -20.10
N LEU G 74 -16.67 -34.32 -21.17
CA LEU G 74 -17.36 -35.04 -22.22
C LEU G 74 -16.41 -35.47 -23.34
N GLY G 75 -15.11 -35.22 -23.20
CA GLY G 75 -14.16 -35.55 -24.23
C GLY G 75 -13.44 -36.87 -24.03
N ASN G 76 -13.26 -37.30 -22.78
CA ASN G 76 -12.53 -38.54 -22.54
C ASN G 76 -13.21 -39.75 -23.13
N THR G 77 -14.53 -39.71 -23.34
CA THR G 77 -15.27 -40.91 -23.67
C THR G 77 -15.14 -41.33 -25.13
N VAL G 78 -14.33 -40.66 -25.94
CA VAL G 78 -14.10 -41.07 -27.31
C VAL G 78 -12.62 -41.38 -27.51
N GLY G 79 -12.34 -42.37 -28.35
CA GLY G 79 -10.99 -42.68 -28.77
C GLY G 79 -10.12 -43.22 -27.64
N GLY G 80 -8.85 -43.42 -27.98
CA GLY G 80 -7.88 -43.88 -27.01
C GLY G 80 -6.47 -43.69 -27.54
N GLY G 81 -5.53 -43.51 -26.63
CA GLY G 81 -4.14 -43.31 -27.00
C GLY G 81 -3.76 -41.84 -26.92
N THR G 82 -3.18 -41.33 -28.00
CA THR G 82 -2.91 -39.90 -28.13
C THR G 82 -4.01 -39.15 -28.87
N GLY G 83 -5.03 -39.85 -29.34
CA GLY G 83 -6.19 -39.22 -29.92
C GLY G 83 -7.27 -38.86 -28.93
N ARG G 84 -7.07 -39.17 -27.66
CA ARG G 84 -8.01 -38.76 -26.62
C ARG G 84 -7.69 -37.35 -26.12
N SER G 85 -6.39 -37.04 -26.01
CA SER G 85 -5.99 -35.72 -25.56
C SER G 85 -6.49 -34.64 -26.51
N LEU G 86 -6.40 -34.88 -27.82
CA LEU G 86 -6.91 -33.91 -28.78
C LEU G 86 -8.40 -33.68 -28.58
N ALA G 87 -9.16 -34.76 -28.36
CA ALA G 87 -10.59 -34.61 -28.19
C ALA G 87 -10.93 -33.80 -26.94
N THR G 88 -10.27 -34.10 -25.82
CA THR G 88 -10.58 -33.32 -24.61
C THR G 88 -10.16 -31.87 -24.76
N ALA G 89 -9.03 -31.61 -25.42
CA ALA G 89 -8.59 -30.23 -25.61
C ALA G 89 -9.56 -29.45 -26.48
N ALA G 90 -10.07 -30.06 -27.56
CA ALA G 90 -11.05 -29.37 -28.39
C ALA G 90 -12.35 -29.13 -27.64
N GLY G 91 -12.84 -30.14 -26.92
CA GLY G 91 -14.07 -29.97 -26.18
C GLY G 91 -14.00 -28.88 -25.14
N ALA G 92 -12.83 -28.70 -24.52
CA ALA G 92 -12.71 -27.67 -23.49
C ALA G 92 -13.08 -26.29 -24.03
N VAL G 93 -12.46 -25.87 -25.12
CA VAL G 93 -12.74 -24.52 -25.63
C VAL G 93 -14.12 -24.46 -26.28
N ALA G 94 -14.52 -25.52 -26.98
CA ALA G 94 -15.83 -25.48 -27.62
C ALA G 94 -16.97 -25.49 -26.61
N GLY G 95 -16.70 -25.82 -25.35
CA GLY G 95 -17.69 -25.63 -24.31
C GLY G 95 -17.49 -24.31 -23.59
N GLY G 96 -16.24 -23.85 -23.54
CA GLY G 96 -15.95 -22.60 -22.88
C GLY G 96 -16.68 -21.43 -23.51
N VAL G 97 -16.66 -21.35 -24.84
CA VAL G 97 -17.35 -20.21 -25.47
C VAL G 97 -18.87 -20.33 -25.29
N ALA G 98 -19.42 -21.56 -25.33
CA ALA G 98 -20.86 -21.71 -25.14
C ALA G 98 -21.28 -21.35 -23.72
N GLY G 99 -20.37 -21.48 -22.77
CA GLY G 99 -20.68 -21.05 -21.41
C GLY G 99 -21.03 -19.57 -21.34
N GLN G 100 -20.20 -18.73 -21.94
CA GLN G 100 -20.51 -17.31 -22.02
C GLN G 100 -21.71 -17.06 -22.92
N GLY G 101 -21.94 -17.93 -23.90
CA GLY G 101 -23.13 -17.78 -24.72
C GLY G 101 -24.41 -17.92 -23.94
N VAL G 102 -24.43 -18.85 -22.99
CA VAL G 102 -25.67 -19.11 -22.24
C VAL G 102 -25.78 -18.24 -20.98
N GLN G 103 -24.67 -17.96 -20.30
CA GLN G 103 -24.74 -17.24 -19.02
C GLN G 103 -25.18 -15.80 -19.18
N SER G 104 -25.20 -15.26 -20.40
CA SER G 104 -25.64 -13.89 -20.65
C SER G 104 -26.94 -13.85 -21.46
N ALA G 105 -27.77 -14.87 -21.33
CA ALA G 105 -29.12 -14.86 -21.86
C ALA G 105 -30.15 -15.24 -20.82
N MET G 106 -29.74 -15.49 -19.59
CA MET G 106 -30.65 -15.71 -18.48
C MET G 106 -30.70 -14.51 -17.53
N ASN G 107 -30.12 -13.39 -17.92
CA ASN G 107 -30.14 -12.17 -17.11
C ASN G 107 -30.81 -11.05 -17.88
N LYS G 108 -31.94 -11.32 -18.52
CA LYS G 108 -32.59 -10.39 -19.42
C LYS G 108 -34.08 -10.32 -19.09
N THR G 109 -34.52 -9.16 -18.60
CA THR G 109 -35.90 -8.96 -18.18
C THR G 109 -36.55 -7.88 -19.03
N GLN G 110 -37.85 -7.66 -18.83
CA GLN G 110 -38.61 -6.69 -19.59
C GLN G 110 -39.17 -5.62 -18.67
N GLY G 111 -39.00 -4.35 -19.06
CA GLY G 111 -39.49 -3.24 -18.27
C GLY G 111 -40.15 -2.17 -19.10
N VAL G 112 -40.47 -1.02 -18.50
CA VAL G 112 -41.11 0.09 -19.19
C VAL G 112 -40.31 1.35 -18.96
N GLU G 113 -40.51 2.32 -19.85
CA GLU G 113 -39.92 3.65 -19.74
C GLU G 113 -41.03 4.68 -19.68
N LEU G 114 -40.98 5.54 -18.66
CA LEU G 114 -42.04 6.48 -18.35
C LEU G 114 -41.52 7.91 -18.45
N GLU G 115 -42.33 8.80 -19.02
CA GLU G 115 -42.02 10.24 -19.07
C GLU G 115 -43.02 10.97 -18.17
N ILE G 116 -42.55 11.47 -17.04
CA ILE G 116 -43.41 12.13 -16.06
C ILE G 116 -43.09 13.62 -16.03
N ARG G 117 -44.15 14.43 -16.03
CA ARG G 117 -44.05 15.88 -15.94
C ARG G 117 -44.50 16.29 -14.54
N LYS G 118 -43.60 16.95 -13.81
CA LYS G 118 -43.89 17.31 -12.43
C LYS G 118 -44.77 18.57 -12.38
N ASP G 119 -45.29 18.85 -11.19
CA ASP G 119 -46.08 20.06 -10.98
C ASP G 119 -45.24 21.33 -10.92
N ASP G 120 -43.92 21.19 -10.79
CA ASP G 120 -43.03 22.35 -10.92
C ASP G 120 -43.12 22.95 -12.31
N GLY G 121 -43.14 22.11 -13.34
CA GLY G 121 -43.13 22.55 -14.72
C GLY G 121 -41.94 21.95 -15.44
N ASN G 122 -41.26 21.03 -14.76
CA ASN G 122 -40.07 20.38 -15.25
C ASN G 122 -40.39 18.95 -15.63
N THR G 123 -39.70 18.45 -16.66
CA THR G 123 -39.97 17.14 -17.24
C THR G 123 -38.79 16.21 -17.06
N ILE G 124 -39.07 14.95 -16.72
CA ILE G 124 -38.06 13.91 -16.59
C ILE G 124 -38.64 12.59 -17.10
N MET G 125 -37.76 11.60 -17.26
CA MET G 125 -38.20 10.24 -17.54
C MET G 125 -37.37 9.25 -16.75
N VAL G 126 -38.00 8.12 -16.40
CA VAL G 126 -37.40 7.09 -15.56
C VAL G 126 -37.79 5.72 -16.11
N VAL G 127 -36.90 4.74 -15.94
CA VAL G 127 -37.07 3.40 -16.49
C VAL G 127 -37.14 2.40 -15.34
N GLN G 128 -38.05 1.44 -15.45
CA GLN G 128 -38.38 0.61 -14.29
C GLN G 128 -38.96 -0.72 -14.77
N LYS G 129 -38.71 -1.76 -13.99
CA LYS G 129 -39.07 -3.12 -14.40
C LYS G 129 -40.57 -3.34 -14.36
N GLN G 130 -41.07 -4.12 -15.33
CA GLN G 130 -42.50 -4.43 -15.38
C GLN G 130 -42.88 -5.32 -14.21
N GLY G 131 -44.03 -5.01 -13.60
CA GLY G 131 -44.52 -5.78 -12.47
C GLY G 131 -45.89 -6.40 -12.72
N ASN G 132 -46.87 -6.04 -11.88
CA ASN G 132 -48.23 -6.53 -12.05
C ASN G 132 -49.26 -5.41 -12.08
N THR G 133 -48.82 -4.16 -12.19
CA THR G 133 -49.70 -3.01 -12.36
C THR G 133 -49.45 -2.40 -13.73
N ARG G 134 -50.51 -1.96 -14.38
CA ARG G 134 -50.43 -1.39 -15.72
C ARG G 134 -50.48 0.12 -15.66
N PHE G 135 -49.49 0.78 -16.25
CA PHE G 135 -49.48 2.22 -16.36
C PHE G 135 -50.15 2.66 -17.65
N SER G 136 -50.89 3.75 -17.59
CA SER G 136 -51.68 4.26 -18.69
C SER G 136 -51.36 5.73 -18.91
N PRO G 137 -51.60 6.25 -20.12
CA PRO G 137 -51.39 7.68 -20.36
C PRO G 137 -52.49 8.50 -19.70
N GLY G 138 -52.10 9.30 -18.71
CA GLY G 138 -53.04 10.12 -17.96
C GLY G 138 -53.35 9.49 -16.62
N GLN G 139 -52.68 9.94 -15.57
CA GLN G 139 -52.75 9.33 -14.26
C GLN G 139 -51.93 10.18 -13.31
N ARG G 140 -52.09 9.93 -12.02
CA ARG G 140 -51.38 10.68 -10.98
C ARG G 140 -50.44 9.73 -10.25
N VAL G 141 -49.18 10.12 -10.14
CA VAL G 141 -48.17 9.31 -9.47
C VAL G 141 -47.48 10.16 -8.42
N VAL G 142 -46.92 9.49 -7.42
CA VAL G 142 -46.19 10.14 -6.33
C VAL G 142 -44.77 9.60 -6.33
N LEU G 143 -43.80 10.51 -6.37
CA LEU G 143 -42.40 10.15 -6.45
C LEU G 143 -41.79 10.14 -5.06
N ALA G 144 -41.26 8.99 -4.65
CA ALA G 144 -40.50 8.90 -3.42
C ALA G 144 -39.03 8.95 -3.76
N SER G 145 -38.34 9.98 -3.30
CA SER G 145 -37.03 10.31 -3.81
C SER G 145 -36.00 10.39 -2.71
N ASN G 146 -34.74 10.18 -3.09
CA ASN G 146 -33.58 10.38 -2.24
C ASN G 146 -32.54 11.09 -3.09
N GLY G 147 -31.29 11.18 -2.64
CA GLY G 147 -30.27 11.73 -3.50
C GLY G 147 -29.95 10.78 -4.63
N SER G 148 -30.40 11.12 -5.84
CA SER G 148 -30.18 10.32 -7.05
C SER G 148 -30.73 8.90 -6.90
N GLN G 149 -31.97 8.81 -6.41
CA GLN G 149 -32.73 7.57 -6.36
C GLN G 149 -34.20 7.93 -6.41
N VAL G 150 -34.99 7.18 -7.16
CA VAL G 150 -36.42 7.46 -7.31
C VAL G 150 -37.18 6.16 -7.47
N THR G 151 -38.36 6.09 -6.84
CA THR G 151 -39.32 5.02 -7.06
C THR G 151 -40.66 5.65 -7.41
N VAL G 152 -41.34 5.08 -8.41
CA VAL G 152 -42.62 5.58 -8.86
C VAL G 152 -43.69 4.56 -8.53
N SER G 153 -44.77 5.01 -7.90
CA SER G 153 -45.86 4.15 -7.49
C SER G 153 -47.18 4.80 -7.87
N PRO G 154 -48.20 4.01 -8.19
CA PRO G 154 -49.46 4.61 -8.66
C PRO G 154 -50.19 5.29 -7.51
N ARG G 155 -51.31 5.93 -7.89
CA ARG G 155 -52.11 6.72 -6.95
C ARG G 155 -52.49 5.98 -5.69
N CYS H 18 -15.72 -13.71 -25.50
CA CYS H 18 -16.70 -12.83 -26.13
C CYS H 18 -17.02 -11.66 -25.21
N VAL H 19 -17.43 -10.53 -25.80
CA VAL H 19 -17.90 -9.37 -25.06
C VAL H 19 -19.29 -9.03 -25.57
N ASN H 20 -20.23 -8.85 -24.64
CA ASN H 20 -21.64 -8.67 -24.98
C ASN H 20 -21.91 -7.18 -25.11
N ASN H 21 -21.58 -6.64 -26.27
CA ASN H 21 -21.81 -5.23 -26.56
C ASN H 21 -23.15 -5.01 -27.27
N ASP H 22 -24.21 -5.51 -26.63
CA ASP H 22 -25.57 -5.23 -27.06
C ASP H 22 -26.23 -4.18 -26.19
N THR H 23 -25.55 -3.71 -25.14
CA THR H 23 -26.02 -2.60 -24.35
C THR H 23 -25.69 -1.26 -24.97
N LEU H 24 -25.31 -1.23 -26.24
CA LEU H 24 -25.00 0.00 -26.96
C LEU H 24 -26.05 0.28 -28.03
N SER H 25 -27.29 -0.09 -27.76
CA SER H 25 -28.41 0.17 -28.65
C SER H 25 -29.35 1.17 -28.01
N GLY H 26 -30.38 1.54 -28.76
CA GLY H 26 -31.34 2.51 -28.27
C GLY H 26 -32.58 1.84 -27.73
N ASP H 27 -32.47 0.55 -27.40
CA ASP H 27 -33.60 -0.26 -26.98
C ASP H 27 -33.22 -1.19 -25.83
N VAL H 28 -32.06 -0.99 -25.21
CA VAL H 28 -31.59 -1.84 -24.13
C VAL H 28 -30.83 -0.97 -23.13
N TYR H 29 -31.21 -1.06 -21.87
CA TYR H 29 -30.58 -0.28 -20.80
C TYR H 29 -29.80 -1.20 -19.88
N THR H 30 -28.57 -0.82 -19.57
CA THR H 30 -27.84 -1.54 -18.53
C THR H 30 -28.54 -1.35 -17.20
N ALA H 31 -28.38 -2.32 -16.31
CA ALA H 31 -29.16 -2.34 -15.07
C ALA H 31 -28.58 -1.46 -13.98
N SER H 32 -27.45 -0.81 -14.21
CA SER H 32 -26.90 0.12 -13.24
C SER H 32 -27.42 1.54 -13.42
N GLU H 33 -28.34 1.76 -14.35
CA GLU H 33 -28.95 3.06 -14.57
C GLU H 33 -30.46 2.93 -14.67
N ALA H 34 -31.03 2.02 -13.90
CA ALA H 34 -32.46 1.95 -13.69
C ALA H 34 -32.80 2.54 -12.33
N LYS H 35 -33.99 3.12 -12.22
CA LYS H 35 -34.41 3.88 -11.04
C LYS H 35 -33.47 5.05 -10.78
N GLN H 36 -33.35 5.92 -11.77
CA GLN H 36 -32.62 7.18 -11.65
C GLN H 36 -33.37 8.24 -12.45
N VAL H 37 -32.90 9.48 -12.37
CA VAL H 37 -33.55 10.61 -13.02
C VAL H 37 -32.72 11.07 -14.21
N GLN H 38 -33.40 11.35 -15.32
CA GLN H 38 -32.75 11.77 -16.56
C GLN H 38 -33.54 12.91 -17.19
N ASN H 39 -32.83 13.86 -17.78
CA ASN H 39 -33.44 15.06 -18.34
C ASN H 39 -33.87 14.83 -19.78
N VAL H 40 -34.66 15.75 -20.31
CA VAL H 40 -35.29 15.59 -21.62
C VAL H 40 -35.08 16.84 -22.45
N SER H 41 -34.69 16.66 -23.72
CA SER H 41 -34.56 17.74 -24.68
C SER H 41 -35.13 17.29 -26.02
N TYR H 42 -35.26 18.22 -26.96
CA TYR H 42 -35.81 17.94 -28.27
C TYR H 42 -34.84 18.41 -29.35
N GLY H 43 -34.98 17.86 -30.55
CA GLY H 43 -34.08 18.23 -31.62
C GLY H 43 -34.58 17.82 -32.99
N THR H 44 -33.68 17.90 -33.96
CA THR H 44 -33.95 17.53 -35.34
C THR H 44 -32.71 16.83 -35.90
N ILE H 45 -32.90 16.02 -36.94
CA ILE H 45 -31.91 15.05 -37.38
C ILE H 45 -31.49 15.35 -38.82
N VAL H 46 -30.17 15.34 -39.07
CA VAL H 46 -29.62 15.51 -40.41
C VAL H 46 -28.36 14.66 -40.56
N ASN H 47 -28.11 14.18 -41.78
CA ASN H 47 -26.84 13.62 -42.22
C ASN H 47 -26.43 12.39 -41.40
N VAL H 48 -27.19 11.31 -41.60
CA VAL H 48 -26.84 9.99 -41.10
C VAL H 48 -25.92 9.29 -42.10
N ARG H 49 -24.83 8.69 -41.61
CA ARG H 49 -23.99 7.86 -42.45
C ARG H 49 -23.53 6.62 -41.68
N PRO H 50 -23.30 5.50 -42.38
CA PRO H 50 -22.99 4.25 -41.69
C PRO H 50 -21.53 4.12 -41.27
N VAL H 51 -21.32 3.35 -40.20
CA VAL H 51 -20.04 3.28 -39.50
C VAL H 51 -19.95 1.90 -38.83
N GLN H 52 -18.73 1.43 -38.63
CA GLN H 52 -18.48 0.17 -37.93
C GLN H 52 -17.98 0.44 -36.52
N ILE H 53 -18.21 -0.51 -35.62
CA ILE H 53 -17.87 -0.34 -34.20
C ILE H 53 -17.06 -1.55 -33.74
N GLN H 54 -15.95 -1.27 -33.04
CA GLN H 54 -15.00 -2.30 -32.61
C GLN H 54 -14.93 -2.28 -31.09
N GLY H 55 -15.53 -3.28 -30.46
CA GLY H 55 -15.54 -3.39 -29.01
C GLY H 55 -14.34 -4.13 -28.49
N GLY H 56 -14.43 -4.55 -27.23
CA GLY H 56 -13.39 -5.38 -26.63
C GLY H 56 -12.19 -4.56 -26.18
N ASP H 57 -11.05 -5.24 -26.13
CA ASP H 57 -9.79 -4.64 -25.70
C ASP H 57 -8.71 -4.94 -26.72
N ASP H 58 -7.70 -4.07 -26.78
CA ASP H 58 -6.69 -4.16 -27.82
C ASP H 58 -5.70 -5.31 -27.59
N SER H 59 -5.28 -5.52 -26.35
CA SER H 59 -4.37 -6.62 -26.02
C SER H 59 -5.20 -7.88 -25.80
N ASN H 60 -5.27 -8.74 -26.80
CA ASN H 60 -6.07 -9.95 -26.73
C ASN H 60 -5.29 -11.02 -25.98
N VAL H 61 -5.80 -11.42 -24.82
CA VAL H 61 -5.14 -12.42 -23.98
C VAL H 61 -5.88 -13.75 -24.03
N ILE H 62 -7.20 -13.74 -23.93
CA ILE H 62 -7.96 -14.99 -23.90
C ILE H 62 -7.83 -15.75 -25.21
N GLY H 63 -7.75 -15.04 -26.34
CA GLY H 63 -7.56 -15.72 -27.61
C GLY H 63 -6.21 -16.42 -27.70
N ALA H 64 -5.18 -15.82 -27.12
CA ALA H 64 -3.83 -16.39 -27.22
C ALA H 64 -3.75 -17.75 -26.55
N ILE H 65 -4.32 -17.88 -25.34
CA ILE H 65 -4.20 -19.13 -24.60
C ILE H 65 -5.02 -20.24 -25.27
N GLY H 66 -6.24 -19.93 -25.71
CA GLY H 66 -7.03 -20.93 -26.40
C GLY H 66 -6.36 -21.41 -27.68
N GLY H 67 -5.87 -20.47 -28.48
CA GLY H 67 -5.15 -20.86 -29.68
C GLY H 67 -3.91 -21.68 -29.37
N ALA H 68 -3.19 -21.31 -28.31
CA ALA H 68 -1.97 -22.01 -27.96
C ALA H 68 -2.25 -23.46 -27.58
N VAL H 69 -3.21 -23.69 -26.69
CA VAL H 69 -3.47 -25.07 -26.28
C VAL H 69 -4.00 -25.88 -27.45
N LEU H 70 -4.95 -25.34 -28.22
CA LEU H 70 -5.52 -26.12 -29.30
C LEU H 70 -4.51 -26.39 -30.40
N GLY H 71 -3.51 -25.52 -30.58
CA GLY H 71 -2.48 -25.80 -31.56
C GLY H 71 -1.42 -26.75 -31.06
N GLY H 72 -1.09 -26.65 -29.76
CA GLY H 72 -0.10 -27.53 -29.19
C GLY H 72 -0.55 -28.97 -29.14
N PHE H 73 -1.79 -29.21 -28.75
CA PHE H 73 -2.24 -30.60 -28.67
C PHE H 73 -2.47 -31.23 -30.03
N LEU H 74 -2.37 -30.47 -31.11
CA LEU H 74 -2.39 -31.02 -32.46
C LEU H 74 -0.99 -31.36 -32.96
N GLY H 75 0.03 -31.20 -32.13
CA GLY H 75 1.39 -31.45 -32.54
C GLY H 75 1.93 -32.81 -32.18
N ASN H 76 1.43 -33.41 -31.09
CA ASN H 76 1.95 -34.70 -30.66
C ASN H 76 1.71 -35.80 -31.69
N THR H 77 0.70 -35.66 -32.54
CA THR H 77 0.27 -36.77 -33.37
C THR H 77 1.15 -37.00 -34.59
N VAL H 78 2.26 -36.28 -34.75
CA VAL H 78 3.18 -36.53 -35.84
C VAL H 78 4.54 -36.90 -35.27
N GLY H 79 5.24 -37.78 -35.97
CA GLY H 79 6.61 -38.11 -35.66
C GLY H 79 6.77 -38.84 -34.33
N GLY H 80 8.04 -39.07 -33.97
CA GLY H 80 8.37 -39.69 -32.71
C GLY H 80 9.84 -39.51 -32.40
N GLY H 81 10.15 -39.51 -31.11
CA GLY H 81 11.53 -39.34 -30.66
C GLY H 81 11.78 -37.91 -30.20
N THR H 82 12.82 -37.29 -30.75
CA THR H 82 13.10 -35.87 -30.52
C THR H 82 12.54 -34.98 -31.61
N GLY H 83 11.94 -35.56 -32.64
CA GLY H 83 11.23 -34.81 -33.65
C GLY H 83 9.79 -34.50 -33.34
N ARG H 84 9.29 -34.99 -32.20
CA ARG H 84 7.95 -34.66 -31.77
C ARG H 84 7.93 -33.35 -30.99
N SER H 85 8.97 -33.12 -30.18
CA SER H 85 9.05 -31.89 -29.40
C SER H 85 9.10 -30.67 -30.31
N LEU H 86 9.86 -30.76 -31.41
CA LEU H 86 9.91 -29.64 -32.35
C LEU H 86 8.55 -29.36 -32.95
N ALA H 87 7.81 -30.41 -33.29
CA ALA H 87 6.48 -30.22 -33.88
C ALA H 87 5.53 -29.55 -32.90
N THR H 88 5.50 -30.01 -31.64
CA THR H 88 4.60 -29.39 -30.69
C THR H 88 5.00 -27.95 -30.40
N ALA H 89 6.31 -27.67 -30.32
CA ALA H 89 6.75 -26.30 -30.07
C ALA H 89 6.37 -25.37 -31.21
N ALA H 90 6.51 -25.82 -32.46
CA ALA H 90 6.10 -24.98 -33.59
C ALA H 90 4.60 -24.75 -33.60
N GLY H 91 3.83 -25.82 -33.39
CA GLY H 91 2.38 -25.68 -33.39
C GLY H 91 1.87 -24.73 -32.33
N ALA H 92 2.54 -24.70 -31.17
CA ALA H 92 2.08 -23.81 -30.09
C ALA H 92 2.02 -22.36 -30.55
N VAL H 93 3.12 -21.82 -31.10
CA VAL H 93 3.12 -20.42 -31.50
C VAL H 93 2.29 -20.20 -32.76
N ALA H 94 2.34 -21.15 -33.70
CA ALA H 94 1.56 -20.95 -34.91
C ALA H 94 0.06 -21.02 -34.66
N GLY H 95 -0.36 -21.53 -33.51
CA GLY H 95 -1.76 -21.42 -33.13
C GLY H 95 -1.99 -20.21 -32.24
N GLY H 96 -0.96 -19.83 -31.48
CA GLY H 96 -1.09 -18.68 -30.61
C GLY H 96 -1.40 -17.41 -31.36
N VAL H 97 -0.69 -17.16 -32.46
CA VAL H 97 -0.98 -15.92 -33.19
C VAL H 97 -2.36 -15.98 -33.86
N ALA H 98 -2.77 -17.16 -34.35
CA ALA H 98 -4.09 -17.26 -34.96
C ALA H 98 -5.20 -17.05 -33.94
N GLY H 99 -4.93 -17.36 -32.66
CA GLY H 99 -5.93 -17.08 -31.64
C GLY H 99 -6.29 -15.61 -31.56
N GLN H 100 -5.27 -14.74 -31.52
CA GLN H 100 -5.53 -13.31 -31.56
C GLN H 100 -6.08 -12.88 -32.91
N GLY H 101 -5.74 -13.61 -33.97
CA GLY H 101 -6.31 -13.30 -35.26
C GLY H 101 -7.82 -13.46 -35.29
N VAL H 102 -8.33 -14.50 -34.63
CA VAL H 102 -9.77 -14.78 -34.68
C VAL H 102 -10.54 -14.07 -33.57
N GLN H 103 -9.96 -13.94 -32.38
CA GLN H 103 -10.70 -13.38 -31.24
C GLN H 103 -11.02 -11.90 -31.40
N SER H 104 -10.42 -11.23 -32.37
CA SER H 104 -10.68 -9.81 -32.64
C SER H 104 -11.36 -9.60 -33.99
N ALA H 105 -12.12 -10.59 -34.45
CA ALA H 105 -12.98 -10.43 -35.61
C ALA H 105 -14.39 -10.88 -35.33
N MET H 106 -14.69 -11.31 -34.11
CA MET H 106 -16.05 -11.61 -33.67
C MET H 106 -16.61 -10.55 -32.74
N ASN H 107 -15.92 -9.41 -32.61
CA ASN H 107 -16.40 -8.31 -31.78
C ASN H 107 -16.58 -7.06 -32.63
N LYS H 108 -17.20 -7.20 -33.80
CA LYS H 108 -17.31 -6.12 -34.77
C LYS H 108 -18.74 -6.01 -35.25
N THR H 109 -19.40 -4.91 -34.93
CA THR H 109 -20.80 -4.69 -35.27
C THR H 109 -20.92 -3.46 -36.18
N GLN H 110 -22.14 -3.21 -36.65
CA GLN H 110 -22.40 -2.11 -37.57
C GLN H 110 -23.39 -1.14 -36.94
N GLY H 111 -23.06 0.16 -37.00
CA GLY H 111 -23.92 1.19 -36.45
C GLY H 111 -24.06 2.39 -37.36
N VAL H 112 -24.67 3.47 -36.86
CA VAL H 112 -24.88 4.69 -37.62
C VAL H 112 -24.34 5.87 -36.85
N GLU H 113 -24.07 6.95 -37.57
CA GLU H 113 -23.65 8.22 -36.99
C GLU H 113 -24.64 9.30 -37.38
N LEU H 114 -25.15 10.01 -36.39
CA LEU H 114 -26.24 10.97 -36.56
C LEU H 114 -25.77 12.37 -36.17
N GLU H 115 -26.17 13.37 -36.95
CA GLU H 115 -25.92 14.78 -36.64
C GLU H 115 -27.25 15.45 -36.32
N ILE H 116 -27.47 15.78 -35.05
CA ILE H 116 -28.72 16.35 -34.58
C ILE H 116 -28.50 17.81 -34.20
N ARG H 117 -29.40 18.67 -34.63
CA ARG H 117 -29.40 20.09 -34.31
C ARG H 117 -30.52 20.35 -33.31
N LYS H 118 -30.16 20.86 -32.13
CA LYS H 118 -31.15 21.06 -31.08
C LYS H 118 -31.94 22.34 -31.32
N ASP H 119 -33.01 22.51 -30.56
CA ASP H 119 -33.81 23.73 -30.64
C ASP H 119 -33.16 24.93 -29.98
N ASP H 120 -32.10 24.70 -29.19
CA ASP H 120 -31.30 25.81 -28.69
C ASP H 120 -30.66 26.59 -29.83
N GLY H 121 -30.11 25.89 -30.81
CA GLY H 121 -29.39 26.50 -31.91
C GLY H 121 -27.98 25.93 -31.97
N ASN H 122 -27.76 24.89 -31.16
CA ASN H 122 -26.46 24.25 -31.04
C ASN H 122 -26.51 22.89 -31.72
N THR H 123 -25.38 22.49 -32.29
CA THR H 123 -25.27 21.28 -33.10
C THR H 123 -24.34 20.28 -32.44
N ILE H 124 -24.74 18.99 -32.49
CA ILE H 124 -23.93 17.89 -31.98
C ILE H 124 -24.12 16.69 -32.89
N MET H 125 -23.27 15.68 -32.71
CA MET H 125 -23.47 14.39 -33.36
C MET H 125 -23.17 13.26 -32.38
N VAL H 126 -23.86 12.13 -32.56
CA VAL H 126 -23.77 10.97 -31.69
C VAL H 126 -23.79 9.71 -32.54
N VAL H 127 -23.10 8.67 -32.06
CA VAL H 127 -22.92 7.42 -32.79
C VAL H 127 -23.56 6.29 -31.99
N GLN H 128 -24.27 5.40 -32.69
CA GLN H 128 -25.14 4.45 -32.01
C GLN H 128 -25.36 3.22 -32.88
N LYS H 129 -25.53 2.08 -32.25
CA LYS H 129 -25.60 0.81 -32.96
C LYS H 129 -26.89 0.66 -33.74
N GLN H 130 -26.80 0.04 -34.92
CA GLN H 130 -27.97 -0.19 -35.75
C GLN H 130 -28.90 -1.19 -35.08
N GLY H 131 -30.19 -0.90 -35.14
CA GLY H 131 -31.20 -1.78 -34.55
C GLY H 131 -32.21 -2.28 -35.54
N ASN H 132 -33.50 -1.98 -35.32
CA ASN H 132 -34.55 -2.37 -36.23
C ASN H 132 -35.43 -1.20 -36.65
N THR H 133 -35.03 0.02 -36.33
CA THR H 133 -35.71 1.23 -36.80
C THR H 133 -34.78 2.00 -37.72
N ARG H 134 -35.36 2.57 -38.78
CA ARG H 134 -34.60 3.29 -39.79
C ARG H 134 -34.71 4.79 -39.56
N PHE H 135 -33.56 5.46 -39.44
CA PHE H 135 -33.52 6.90 -39.33
C PHE H 135 -33.42 7.53 -40.72
N SER H 136 -34.10 8.65 -40.90
CA SER H 136 -34.21 9.33 -42.18
C SER H 136 -33.84 10.80 -42.00
N PRO H 137 -33.44 11.48 -43.07
CA PRO H 137 -33.16 12.91 -42.98
C PRO H 137 -34.45 13.71 -42.88
N GLY H 138 -34.65 14.35 -41.74
CA GLY H 138 -35.86 15.12 -41.49
C GLY H 138 -36.83 14.34 -40.61
N GLN H 139 -36.81 14.62 -39.32
CA GLN H 139 -37.55 13.85 -38.33
C GLN H 139 -37.38 14.54 -36.99
N ARG H 140 -38.18 14.14 -36.02
CA ARG H 140 -38.14 14.71 -34.68
C ARG H 140 -37.70 13.63 -33.69
N VAL H 141 -36.69 13.94 -32.88
CA VAL H 141 -36.18 12.99 -31.91
C VAL H 141 -36.16 13.67 -30.55
N VAL H 142 -36.19 12.85 -29.50
CA VAL H 142 -36.16 13.32 -28.12
C VAL H 142 -34.94 12.71 -27.45
N LEU H 143 -34.11 13.56 -26.86
CA LEU H 143 -32.86 13.13 -26.24
C LEU H 143 -33.08 12.91 -24.74
N ALA H 144 -32.82 11.71 -24.27
CA ALA H 144 -32.84 11.42 -22.85
C ALA H 144 -31.40 11.44 -22.37
N SER H 145 -31.08 12.36 -21.47
CA SER H 145 -29.69 12.69 -21.17
C SER H 145 -29.40 12.57 -19.69
N ASN H 146 -28.13 12.34 -19.39
CA ASN H 146 -27.59 12.36 -18.05
C ASN H 146 -26.27 13.13 -18.12
N GLY H 147 -25.46 13.08 -17.07
CA GLY H 147 -24.14 13.68 -17.19
C GLY H 147 -23.26 12.87 -18.11
N SER H 148 -23.00 13.39 -19.31
CA SER H 148 -22.17 12.73 -20.32
C SER H 148 -22.69 11.33 -20.67
N GLN H 149 -24.00 11.24 -20.91
CA GLN H 149 -24.65 10.05 -21.44
C GLN H 149 -25.88 10.49 -22.20
N VAL H 150 -26.14 9.89 -23.35
CA VAL H 150 -27.28 10.27 -24.19
C VAL H 150 -27.83 9.03 -24.89
N THR H 151 -29.15 8.94 -24.98
CA THR H 151 -29.84 7.97 -25.82
C THR H 151 -30.80 8.71 -26.73
N VAL H 152 -30.84 8.31 -27.99
CA VAL H 152 -31.71 8.93 -28.99
C VAL H 152 -32.76 7.93 -29.40
N SER H 153 -34.02 8.35 -29.38
CA SER H 153 -35.15 7.51 -29.73
C SER H 153 -36.09 8.28 -30.63
N PRO H 154 -36.77 7.59 -31.56
CA PRO H 154 -37.60 8.31 -32.52
C PRO H 154 -38.84 8.88 -31.86
N ARG H 155 -39.61 9.62 -32.67
CA ARG H 155 -40.79 10.33 -32.20
C ARG H 155 -41.77 9.46 -31.43
N CYS I 18 0.31 -9.56 -31.50
CA CYS I 18 -0.22 -8.56 -32.41
C CYS I 18 -0.99 -7.50 -31.65
N VAL I 19 -1.05 -6.29 -32.21
CA VAL I 19 -1.86 -5.21 -31.68
C VAL I 19 -2.79 -4.73 -32.79
N ASN I 20 -4.08 -4.61 -32.47
CA ASN I 20 -5.10 -4.32 -33.48
C ASN I 20 -5.30 -2.81 -33.53
N ASN I 21 -4.41 -2.15 -34.27
CA ASN I 21 -4.48 -0.70 -34.43
C ASN I 21 -5.26 -0.33 -35.70
N ASP I 22 -6.48 -0.84 -35.78
CA ASP I 22 -7.41 -0.44 -36.82
C ASP I 22 -8.45 0.53 -36.30
N THR I 23 -8.44 0.82 -35.00
CA THR I 23 -9.29 1.85 -34.42
C THR I 23 -8.69 3.25 -34.60
N LEU I 24 -7.70 3.41 -35.46
CA LEU I 24 -7.08 4.70 -35.74
C LEU I 24 -7.42 5.17 -37.15
N SER I 25 -8.62 4.83 -37.62
CA SER I 25 -9.09 5.26 -38.93
C SER I 25 -10.26 6.23 -38.74
N GLY I 26 -10.75 6.74 -39.86
CA GLY I 26 -11.84 7.70 -39.82
C GLY I 26 -13.17 7.04 -40.10
N ASP I 27 -13.21 5.70 -39.94
CA ASP I 27 -14.38 4.92 -40.29
C ASP I 27 -14.64 3.82 -39.26
N VAL I 28 -13.99 3.90 -38.10
CA VAL I 28 -14.14 2.89 -37.06
C VAL I 28 -14.04 3.58 -35.70
N TYR I 29 -15.03 3.36 -34.84
CA TYR I 29 -15.06 3.96 -33.52
C TYR I 29 -14.86 2.89 -32.46
N THR I 30 -13.99 3.17 -31.50
CA THR I 30 -13.91 2.28 -30.34
C THR I 30 -15.21 2.35 -29.55
N ALA I 31 -15.51 1.26 -28.84
CA ALA I 31 -16.83 1.12 -28.23
C ALA I 31 -16.93 1.83 -26.89
N SER I 32 -15.87 2.44 -26.40
CA SER I 32 -15.92 3.21 -25.17
C SER I 32 -16.30 4.67 -25.41
N GLU I 33 -16.59 5.06 -26.65
CA GLU I 33 -17.02 6.40 -26.97
C GLU I 33 -18.24 6.37 -27.87
N ALA I 34 -19.12 5.40 -27.64
CA ALA I 34 -20.45 5.39 -28.22
C ALA I 34 -21.45 5.83 -27.17
N LYS I 35 -22.54 6.45 -27.63
CA LYS I 35 -23.53 7.08 -26.76
C LYS I 35 -22.89 8.15 -25.88
N GLN I 36 -22.29 9.14 -26.53
CA GLN I 36 -21.76 10.33 -25.89
C GLN I 36 -21.99 11.51 -26.81
N VAL I 37 -21.65 12.71 -26.34
CA VAL I 37 -21.90 13.94 -27.06
C VAL I 37 -20.58 14.51 -27.57
N GLN I 38 -20.57 14.96 -28.82
CA GLN I 38 -19.38 15.48 -29.47
C GLN I 38 -19.74 16.73 -30.25
N ASN I 39 -18.86 17.72 -30.25
CA ASN I 39 -19.09 19.00 -30.88
C ASN I 39 -18.68 18.98 -32.36
N VAL I 40 -19.11 20.00 -33.10
CA VAL I 40 -18.96 20.04 -34.54
C VAL I 40 -18.36 21.38 -34.96
N SER I 41 -17.36 21.32 -35.85
CA SER I 41 -16.75 22.51 -36.45
C SER I 41 -16.54 22.26 -37.94
N TYR I 42 -16.17 23.32 -38.66
CA TYR I 42 -15.93 23.23 -40.10
C TYR I 42 -14.56 23.77 -40.43
N GLY I 43 -14.04 23.38 -41.59
CA GLY I 43 -12.71 23.83 -41.97
C GLY I 43 -12.41 23.63 -43.44
N THR I 44 -11.13 23.78 -43.78
CA THR I 44 -10.64 23.59 -45.13
C THR I 44 -9.27 22.92 -45.05
N ILE I 45 -8.88 22.23 -46.13
CA ILE I 45 -7.78 21.28 -46.11
C ILE I 45 -6.67 21.74 -47.06
N VAL I 46 -5.42 21.68 -46.58
CA VAL I 46 -4.24 21.98 -47.40
C VAL I 46 -3.08 21.09 -46.98
N ASN I 47 -2.21 20.76 -47.95
CA ASN I 47 -0.89 20.18 -47.72
C ASN I 47 -0.95 18.83 -46.98
N VAL I 48 -1.47 17.85 -47.69
CA VAL I 48 -1.41 16.46 -47.26
C VAL I 48 -0.09 15.84 -47.72
N ARG I 49 0.59 15.12 -46.82
CA ARG I 49 1.78 14.36 -47.19
C ARG I 49 1.78 13.01 -46.48
N PRO I 50 2.36 11.98 -47.08
CA PRO I 50 2.29 10.63 -46.51
C PRO I 50 3.32 10.38 -45.42
N VAL I 51 2.94 9.47 -44.50
CA VAL I 51 3.66 9.24 -43.26
C VAL I 51 3.41 7.79 -42.83
N GLN I 52 4.36 7.23 -42.08
CA GLN I 52 4.22 5.88 -41.54
C GLN I 52 3.90 5.95 -40.05
N ILE I 53 3.25 4.90 -39.53
CA ILE I 53 2.79 4.88 -38.15
C ILE I 53 3.27 3.58 -37.49
N GLN I 54 3.84 3.71 -36.29
CA GLN I 54 4.44 2.58 -35.57
C GLN I 54 3.69 2.41 -34.25
N GLY I 55 2.87 1.38 -34.17
CA GLY I 55 2.10 1.09 -32.97
C GLY I 55 2.86 0.22 -31.99
N GLY I 56 2.12 -0.35 -31.04
CA GLY I 56 2.72 -1.30 -30.11
C GLY I 56 3.49 -0.61 -29.00
N ASP I 57 4.44 -1.35 -28.43
CA ASP I 57 5.27 -0.87 -27.34
C ASP I 57 6.74 -1.11 -27.67
N ASP I 58 7.61 -0.29 -27.08
CA ASP I 58 9.02 -0.31 -27.44
C ASP I 58 9.75 -1.52 -26.88
N SER I 59 9.46 -1.91 -25.64
CA SER I 59 10.09 -3.09 -25.04
C SER I 59 9.29 -4.32 -25.45
N ASN I 60 9.79 -5.04 -26.45
CA ASN I 60 9.09 -6.21 -26.98
C ASN I 60 9.37 -7.40 -26.08
N VAL I 61 8.34 -7.92 -25.41
CA VAL I 61 8.48 -9.05 -24.50
C VAL I 61 7.91 -10.32 -25.10
N ILE I 62 6.72 -10.25 -25.72
CA ILE I 62 6.09 -11.45 -26.26
C ILE I 62 6.91 -12.05 -27.40
N GLY I 63 7.55 -11.21 -28.20
CA GLY I 63 8.40 -11.73 -29.26
C GLY I 63 9.61 -12.49 -28.74
N ALA I 64 10.17 -12.02 -27.61
CA ALA I 64 11.37 -12.65 -27.07
C ALA I 64 11.11 -14.09 -26.65
N ILE I 65 10.00 -14.33 -25.95
CA ILE I 65 9.73 -15.67 -25.44
C ILE I 65 9.42 -16.64 -26.57
N GLY I 66 8.59 -16.21 -27.53
CA GLY I 66 8.30 -17.07 -28.67
C GLY I 66 9.56 -17.43 -29.45
N GLY I 67 10.38 -16.42 -29.76
CA GLY I 67 11.63 -16.70 -30.43
C GLY I 67 12.53 -17.62 -29.64
N ALA I 68 12.58 -17.42 -28.32
CA ALA I 68 13.45 -18.22 -27.47
C ALA I 68 13.04 -19.69 -27.49
N VAL I 69 11.77 -19.98 -27.29
CA VAL I 69 11.35 -21.39 -27.26
C VAL I 69 11.53 -22.02 -28.63
N LEU I 70 11.11 -21.33 -29.70
CA LEU I 70 11.22 -21.94 -31.01
C LEU I 70 12.67 -22.13 -31.45
N GLY I 71 13.59 -21.29 -30.96
CA GLY I 71 14.98 -21.50 -31.28
C GLY I 71 15.64 -22.57 -30.42
N GLY I 72 15.24 -22.64 -29.16
CA GLY I 72 15.81 -23.65 -28.27
C GLY I 72 15.42 -25.06 -28.67
N PHE I 73 14.16 -25.27 -29.02
CA PHE I 73 13.76 -26.64 -29.37
C PHE I 73 14.29 -27.08 -30.72
N LEU I 74 14.94 -26.20 -31.47
CA LEU I 74 15.64 -26.57 -32.69
C LEU I 74 17.11 -26.92 -32.42
N GLY I 75 17.52 -26.92 -31.17
CA GLY I 75 18.90 -27.19 -30.84
C GLY I 75 19.20 -28.61 -30.43
N ASN I 76 18.21 -29.32 -29.86
CA ASN I 76 18.46 -30.67 -29.40
C ASN I 76 18.81 -31.62 -30.54
N THR I 77 18.41 -31.32 -31.76
CA THR I 77 18.48 -32.30 -32.84
C THR I 77 19.89 -32.43 -33.44
N VAL I 78 20.89 -31.75 -32.89
CA VAL I 78 22.27 -31.91 -33.36
C VAL I 78 23.13 -32.42 -32.22
N GLY I 79 24.11 -33.25 -32.57
CA GLY I 79 25.11 -33.69 -31.61
C GLY I 79 24.57 -34.58 -30.51
N GLY I 80 25.46 -34.92 -29.58
CA GLY I 80 25.09 -35.71 -28.43
C GLY I 80 26.17 -35.65 -27.37
N GLY I 81 25.76 -35.82 -26.13
CA GLY I 81 26.69 -35.78 -25.01
C GLY I 81 26.63 -34.44 -24.30
N THR I 82 27.80 -33.82 -24.13
CA THR I 82 27.88 -32.47 -23.60
C THR I 82 27.96 -31.41 -24.70
N GLY I 83 28.00 -31.83 -25.95
CA GLY I 83 27.93 -30.91 -27.06
C GLY I 83 26.53 -30.58 -27.52
N ARG I 84 25.51 -31.17 -26.90
CA ARG I 84 24.13 -30.82 -27.18
C ARG I 84 23.69 -29.62 -26.36
N SER I 85 24.14 -29.55 -25.10
CA SER I 85 23.78 -28.43 -24.25
C SER I 85 24.28 -27.11 -24.83
N LEU I 86 25.50 -27.10 -25.35
CA LEU I 86 26.02 -25.89 -25.98
C LEU I 86 25.16 -25.46 -27.15
N ALA I 87 24.73 -26.41 -27.98
CA ALA I 87 23.91 -26.08 -29.13
C ALA I 87 22.57 -25.49 -28.72
N THR I 88 21.90 -26.10 -27.74
CA THR I 88 20.62 -25.55 -27.33
C THR I 88 20.78 -24.18 -26.67
N ALA I 89 21.84 -23.99 -25.89
CA ALA I 89 22.06 -22.69 -25.27
C ALA I 89 22.31 -21.60 -26.30
N ALA I 90 23.11 -21.90 -27.33
CA ALA I 90 23.33 -20.90 -28.39
C ALA I 90 22.06 -20.60 -29.15
N GLY I 91 21.31 -21.64 -29.52
CA GLY I 91 20.07 -21.43 -30.26
C GLY I 91 19.08 -20.59 -29.50
N ALA I 92 19.03 -20.73 -28.17
CA ALA I 92 18.06 -19.96 -27.39
C ALA I 92 18.22 -18.47 -27.62
N VAL I 93 19.43 -17.94 -27.43
CA VAL I 93 19.61 -16.49 -27.57
C VAL I 93 19.56 -16.07 -29.03
N ALA I 94 20.12 -16.89 -29.94
CA ALA I 94 20.09 -16.51 -31.34
C ALA I 94 18.68 -16.53 -31.93
N GLY I 95 17.72 -17.15 -31.24
CA GLY I 95 16.34 -17.01 -31.64
C GLY I 95 15.64 -15.92 -30.85
N GLY I 96 16.12 -15.68 -29.62
CA GLY I 96 15.52 -14.65 -28.80
C GLY I 96 15.63 -13.27 -29.42
N VAL I 97 16.81 -12.94 -29.95
CA VAL I 97 16.93 -11.60 -30.55
C VAL I 97 16.11 -11.50 -31.84
N ALA I 98 16.04 -12.59 -32.62
CA ALA I 98 15.23 -12.54 -33.85
C ALA I 98 13.75 -12.40 -33.53
N GLY I 99 13.31 -12.87 -32.36
CA GLY I 99 11.93 -12.67 -31.98
C GLY I 99 11.55 -11.20 -31.90
N GLN I 100 12.37 -10.40 -31.22
CA GLN I 100 12.15 -8.96 -31.21
C GLN I 100 12.39 -8.34 -32.57
N GLY I 101 13.25 -8.95 -33.38
CA GLY I 101 13.43 -8.45 -34.73
C GLY I 101 12.17 -8.53 -35.57
N VAL I 102 11.41 -9.62 -35.41
CA VAL I 102 10.22 -9.81 -36.24
C VAL I 102 8.96 -9.20 -35.62
N GLN I 103 8.83 -9.25 -34.29
CA GLN I 103 7.58 -8.80 -33.66
C GLN I 103 7.37 -7.30 -33.77
N SER I 104 8.38 -6.54 -34.17
CA SER I 104 8.27 -5.09 -34.34
C SER I 104 8.40 -4.68 -35.80
N ALA I 105 8.01 -5.56 -36.71
CA ALA I 105 7.89 -5.21 -38.12
C ALA I 105 6.55 -5.62 -38.69
N MET I 106 5.65 -6.17 -37.87
CA MET I 106 4.28 -6.46 -38.26
C MET I 106 3.30 -5.48 -37.62
N ASN I 107 3.79 -4.41 -37.00
CA ASN I 107 2.92 -3.40 -36.41
C ASN I 107 3.18 -2.05 -37.04
N LYS I 108 3.27 -2.00 -38.37
CA LYS I 108 3.69 -0.81 -39.10
C LYS I 108 2.71 -0.56 -40.24
N THR I 109 1.96 0.52 -40.16
CA THR I 109 0.95 0.86 -41.16
C THR I 109 1.29 2.20 -41.82
N GLN I 110 0.51 2.57 -42.83
CA GLN I 110 0.74 3.79 -43.58
C GLN I 110 -0.44 4.73 -43.44
N GLY I 111 -0.16 6.00 -43.16
CA GLY I 111 -1.20 7.00 -43.00
C GLY I 111 -0.87 8.31 -43.69
N VAL I 112 -1.67 9.35 -43.43
CA VAL I 112 -1.47 10.67 -44.03
C VAL I 112 -1.44 11.71 -42.92
N GLU I 113 -0.85 12.86 -43.25
CA GLU I 113 -0.83 14.02 -42.36
C GLU I 113 -1.49 15.19 -43.07
N LEU I 114 -2.45 15.81 -42.41
CA LEU I 114 -3.31 16.83 -42.99
C LEU I 114 -3.15 18.14 -42.24
N GLU I 115 -3.09 19.25 -42.97
CA GLU I 115 -3.07 20.59 -42.38
C GLU I 115 -4.39 21.29 -42.72
N ILE I 116 -5.24 21.47 -41.72
CA ILE I 116 -6.56 22.05 -41.90
C ILE I 116 -6.60 23.44 -41.27
N ARG I 117 -7.16 24.39 -42.00
CA ARG I 117 -7.36 25.76 -41.53
C ARG I 117 -8.84 25.95 -41.25
N LYS I 118 -9.16 26.29 -40.00
CA LYS I 118 -10.56 26.41 -39.60
C LYS I 118 -11.13 27.76 -40.04
N ASP I 119 -12.45 27.88 -39.94
CA ASP I 119 -13.11 29.14 -40.27
C ASP I 119 -12.93 30.21 -39.20
N ASP I 120 -12.43 29.83 -38.03
CA ASP I 120 -12.05 30.83 -37.03
C ASP I 120 -10.92 31.70 -37.54
N GLY I 121 -9.92 31.10 -38.18
CA GLY I 121 -8.74 31.80 -38.64
C GLY I 121 -7.50 31.17 -38.04
N ASN I 122 -7.70 30.04 -37.38
CA ASN I 122 -6.66 29.31 -36.69
C ASN I 122 -6.32 28.05 -37.46
N THR I 123 -5.04 27.67 -37.41
CA THR I 123 -4.51 26.56 -38.20
C THR I 123 -4.04 25.43 -37.30
N ILE I 124 -4.33 24.19 -37.70
CA ILE I 124 -3.88 22.99 -37.01
C ILE I 124 -3.54 21.92 -38.03
N MET I 125 -2.90 20.85 -37.57
CA MET I 125 -2.70 19.67 -38.39
C MET I 125 -2.94 18.41 -37.56
N VAL I 126 -3.40 17.36 -38.23
CA VAL I 126 -3.77 16.09 -37.61
C VAL I 126 -3.31 14.95 -38.50
N VAL I 127 -2.95 13.82 -37.87
CA VAL I 127 -2.40 12.66 -38.57
C VAL I 127 -3.34 11.47 -38.38
N GLN I 128 -3.55 10.73 -39.46
CA GLN I 128 -4.64 9.75 -39.47
C GLN I 128 -4.33 8.65 -40.48
N LYS I 129 -4.80 7.44 -40.19
CA LYS I 129 -4.45 6.28 -40.99
C LYS I 129 -5.14 6.30 -42.35
N GLN I 130 -4.43 5.83 -43.37
CA GLN I 130 -4.98 5.77 -44.71
C GLN I 130 -6.11 4.74 -44.78
N GLY I 131 -7.19 5.10 -45.46
CA GLY I 131 -8.32 4.22 -45.61
C GLY I 131 -8.66 3.89 -47.05
N ASN I 132 -9.88 4.24 -47.48
CA ASN I 132 -10.30 4.01 -48.86
C ASN I 132 -10.84 5.28 -49.52
N THR I 133 -10.69 6.43 -48.87
CA THR I 133 -11.05 7.72 -49.45
C THR I 133 -9.78 8.55 -49.65
N ARG I 134 -9.73 9.27 -50.76
CA ARG I 134 -8.57 10.08 -51.12
C ARG I 134 -8.81 11.53 -50.77
N PHE I 135 -7.90 12.12 -50.00
CA PHE I 135 -7.96 13.54 -49.69
C PHE I 135 -7.16 14.33 -50.71
N SER I 136 -7.67 15.49 -51.08
CA SER I 136 -7.10 16.34 -52.12
C SER I 136 -6.91 17.74 -51.58
N PRO I 137 -6.01 18.53 -52.18
CA PRO I 137 -5.85 19.93 -51.76
C PRO I 137 -7.01 20.77 -52.25
N GLY I 138 -7.80 21.28 -51.31
CA GLY I 138 -8.98 22.07 -51.62
C GLY I 138 -10.24 21.25 -51.49
N GLN I 139 -10.92 21.36 -50.36
CA GLN I 139 -12.05 20.52 -50.02
C GLN I 139 -12.62 21.02 -48.71
N ARG I 140 -13.81 20.55 -48.36
CA ARG I 140 -14.49 20.95 -47.14
C ARG I 140 -14.62 19.73 -46.23
N VAL I 141 -14.18 19.88 -44.98
CA VAL I 141 -14.25 18.79 -44.01
C VAL I 141 -14.96 19.30 -42.76
N VAL I 142 -15.52 18.35 -42.01
CA VAL I 142 -16.23 18.64 -40.77
C VAL I 142 -15.53 17.89 -39.64
N LEU I 143 -15.16 18.62 -38.60
CA LEU I 143 -14.41 18.05 -37.48
C LEU I 143 -15.38 17.67 -36.38
N ALA I 144 -15.38 16.39 -36.01
CA ALA I 144 -16.13 15.93 -34.86
C ALA I 144 -15.16 15.81 -33.69
N SER I 145 -15.38 16.60 -32.65
CA SER I 145 -14.37 16.80 -31.63
C SER I 145 -14.90 16.49 -30.24
N ASN I 146 -13.96 16.16 -29.36
CA ASN I 146 -14.22 15.99 -27.94
C ASN I 146 -13.08 16.68 -27.20
N GLY I 147 -12.94 16.46 -25.91
CA GLY I 147 -11.77 17.00 -25.23
C GLY I 147 -10.52 16.26 -25.65
N SER I 148 -9.68 16.91 -26.47
CA SER I 148 -8.42 16.33 -26.97
C SER I 148 -8.65 15.02 -27.72
N GLN I 149 -9.64 15.03 -28.62
CA GLN I 149 -9.89 13.95 -29.56
C GLN I 149 -10.55 14.56 -30.79
N VAL I 150 -10.15 14.11 -31.97
CA VAL I 150 -10.68 14.65 -33.22
C VAL I 150 -10.75 13.54 -34.26
N THR I 151 -11.83 13.55 -35.05
CA THR I 151 -11.95 12.72 -36.24
C THR I 151 -12.31 13.61 -37.41
N VAL I 152 -11.67 13.37 -38.55
CA VAL I 152 -11.89 14.16 -39.76
C VAL I 152 -12.56 13.28 -40.80
N SER I 153 -13.65 13.77 -41.38
CA SER I 153 -14.42 13.03 -42.37
C SER I 153 -14.74 13.96 -43.53
N PRO I 154 -14.82 13.43 -44.74
CA PRO I 154 -15.04 14.30 -45.91
C PRO I 154 -16.45 14.86 -45.92
N ARG I 155 -16.69 15.73 -46.90
CA ARG I 155 -17.97 16.44 -47.03
C ARG I 155 -19.18 15.53 -47.01
N CYS J 18 17.00 -5.57 -27.59
CA CYS J 18 17.02 -4.44 -28.51
C CYS J 18 15.94 -3.43 -28.12
N VAL J 19 16.16 -2.17 -28.46
CA VAL J 19 15.17 -1.12 -28.30
C VAL J 19 14.96 -0.46 -29.65
N ASN J 20 13.69 -0.32 -30.04
CA ASN J 20 13.34 0.16 -31.38
C ASN J 20 13.18 1.67 -31.34
N ASN J 21 14.31 2.38 -31.40
CA ASN J 21 14.30 3.83 -31.38
C ASN J 21 14.31 4.40 -32.80
N ASP J 22 13.32 3.96 -33.58
CA ASP J 22 13.07 4.54 -34.89
C ASP J 22 11.88 5.50 -34.86
N THR J 23 11.22 5.62 -33.72
CA THR J 23 10.17 6.62 -33.55
C THR J 23 10.73 7.99 -33.20
N LEU J 24 12.03 8.20 -33.38
CA LEU J 24 12.68 9.48 -33.12
C LEU J 24 13.12 10.13 -34.42
N SER J 25 12.36 9.93 -35.48
CA SER J 25 12.64 10.55 -36.77
C SER J 25 11.53 11.54 -37.10
N GLY J 26 11.68 12.22 -38.23
CA GLY J 26 10.72 13.21 -38.65
C GLY J 26 9.74 12.67 -39.67
N ASP J 27 9.66 11.33 -39.73
CA ASP J 27 8.86 10.66 -40.74
C ASP J 27 8.12 9.46 -40.15
N VAL J 28 8.06 9.35 -38.82
CA VAL J 28 7.40 8.23 -38.16
C VAL J 28 6.77 8.74 -36.88
N TYR J 29 5.48 8.47 -36.70
CA TYR J 29 4.74 8.90 -35.53
C TYR J 29 4.38 7.70 -34.68
N THR J 30 4.60 7.80 -33.37
CA THR J 30 4.09 6.78 -32.47
C THR J 30 2.57 6.82 -32.48
N ALA J 31 1.95 5.67 -32.20
CA ALA J 31 0.51 5.54 -32.37
C ALA J 31 -0.30 6.08 -31.21
N SER J 32 0.34 6.57 -30.17
CA SER J 32 -0.38 7.18 -29.05
C SER J 32 -0.60 8.67 -29.25
N GLU J 33 -0.20 9.22 -30.39
CA GLU J 33 -0.43 10.62 -30.71
C GLU J 33 -0.99 10.77 -32.11
N ALA J 34 -1.84 9.82 -32.51
CA ALA J 34 -2.66 9.95 -33.69
C ALA J 34 -4.08 10.31 -33.28
N LYS J 35 -4.77 11.05 -34.16
CA LYS J 35 -6.08 11.61 -33.85
C LYS J 35 -6.02 12.52 -32.64
N GLN J 36 -5.18 13.56 -32.75
CA GLN J 36 -5.10 14.63 -31.75
C GLN J 36 -4.83 15.93 -32.50
N VAL J 37 -4.82 17.03 -31.76
CA VAL J 37 -4.66 18.37 -32.34
C VAL J 37 -3.29 18.91 -32.00
N GLN J 38 -2.63 19.51 -32.98
CA GLN J 38 -1.29 20.05 -32.83
C GLN J 38 -1.21 21.40 -33.52
N ASN J 39 -0.47 22.34 -32.92
CA ASN J 39 -0.36 23.70 -33.40
C ASN J 39 0.75 23.83 -34.43
N VAL J 40 0.76 24.96 -35.13
CA VAL J 40 1.65 25.17 -36.27
C VAL J 40 2.35 26.52 -36.13
N SER J 41 3.67 26.52 -36.36
CA SER J 41 4.47 27.74 -36.39
C SER J 41 5.44 27.67 -37.56
N TYR J 42 6.12 28.78 -37.83
CA TYR J 42 7.08 28.86 -38.93
C TYR J 42 8.41 29.37 -38.42
N GLY J 43 9.48 29.09 -39.17
CA GLY J 43 10.79 29.52 -38.73
C GLY J 43 11.82 29.48 -39.85
N THR J 44 13.09 29.60 -39.44
CA THR J 44 14.22 29.56 -40.34
C THR J 44 15.36 28.81 -39.66
N ILE J 45 16.27 28.24 -40.45
CA ILE J 45 17.22 27.24 -39.98
C ILE J 45 18.64 27.75 -40.13
N VAL J 46 19.46 27.56 -39.09
CA VAL J 46 20.88 27.90 -39.12
C VAL J 46 21.66 26.90 -38.28
N ASN J 47 22.92 26.65 -38.68
CA ASN J 47 23.94 25.98 -37.87
C ASN J 47 23.53 24.55 -37.47
N VAL J 48 23.47 23.69 -38.47
CA VAL J 48 23.33 22.25 -38.26
C VAL J 48 24.70 21.63 -38.05
N ARG J 49 24.82 20.77 -37.03
CA ARG J 49 26.04 20.00 -36.82
C ARG J 49 25.69 18.57 -36.40
N PRO J 50 26.53 17.59 -36.74
CA PRO J 50 26.19 16.19 -36.48
C PRO J 50 26.49 15.75 -35.06
N VAL J 51 25.71 14.76 -34.61
CA VAL J 51 25.67 14.33 -33.21
C VAL J 51 25.27 12.86 -33.18
N GLN J 52 25.69 12.16 -32.12
CA GLN J 52 25.31 10.76 -31.92
C GLN J 52 24.26 10.66 -30.82
N ILE J 53 23.45 9.60 -30.87
CA ILE J 53 22.32 9.42 -29.96
C ILE J 53 22.42 8.03 -29.32
N GLN J 54 22.27 7.97 -28.00
CA GLN J 54 22.42 6.75 -27.23
C GLN J 54 21.11 6.44 -26.53
N GLY J 55 20.37 5.46 -27.04
CA GLY J 55 19.10 5.06 -26.47
C GLY J 55 19.25 4.04 -25.36
N GLY J 56 18.14 3.40 -25.02
CA GLY J 56 18.16 2.32 -24.06
C GLY J 56 18.22 2.81 -22.62
N ASP J 57 18.75 1.96 -21.75
CA ASP J 57 18.88 2.26 -20.33
C ASP J 57 20.30 1.98 -19.87
N ASP J 58 20.71 2.66 -18.80
CA ASP J 58 22.10 2.62 -18.38
C ASP J 58 22.46 1.31 -17.68
N SER J 59 21.56 0.78 -16.84
CA SER J 59 21.81 -0.49 -16.17
C SER J 59 21.36 -1.62 -17.10
N ASN J 60 22.32 -2.24 -17.78
CA ASN J 60 22.03 -3.29 -18.75
C ASN J 60 21.83 -4.60 -17.99
N VAL J 61 20.61 -5.13 -18.05
CA VAL J 61 20.27 -6.36 -17.37
C VAL J 61 20.12 -7.53 -18.34
N ILE J 62 19.44 -7.32 -19.46
CA ILE J 62 19.20 -8.41 -20.41
C ILE J 62 20.51 -8.91 -21.02
N GLY J 63 21.47 -8.01 -21.25
CA GLY J 63 22.75 -8.44 -21.77
C GLY J 63 23.52 -9.33 -20.80
N ALA J 64 23.40 -9.03 -19.50
CA ALA J 64 24.15 -9.78 -18.49
C ALA J 64 23.73 -11.25 -18.47
N ILE J 65 22.43 -11.51 -18.49
CA ILE J 65 21.96 -12.89 -18.38
C ILE J 65 22.30 -13.69 -19.63
N GLY J 66 22.10 -13.11 -20.81
CA GLY J 66 22.47 -13.80 -22.03
C GLY J 66 23.95 -14.12 -22.09
N GLY J 67 24.79 -13.13 -21.77
CA GLY J 67 26.22 -13.39 -21.73
C GLY J 67 26.59 -14.45 -20.70
N ALA J 68 25.93 -14.42 -19.55
CA ALA J 68 26.24 -15.37 -18.49
C ALA J 68 25.93 -16.80 -18.92
N VAL J 69 24.74 -17.04 -19.45
CA VAL J 69 24.41 -18.41 -19.83
C VAL J 69 25.29 -18.88 -20.98
N LEU J 70 25.48 -18.03 -22.00
CA LEU J 70 26.28 -18.49 -23.14
C LEU J 70 27.74 -18.70 -22.76
N GLY J 71 28.25 -17.98 -21.77
CA GLY J 71 29.61 -18.23 -21.33
C GLY J 71 29.74 -19.42 -20.41
N GLY J 72 28.73 -19.63 -19.56
CA GLY J 72 28.77 -20.77 -18.66
C GLY J 72 28.68 -22.09 -19.38
N PHE J 73 27.79 -22.20 -20.36
CA PHE J 73 27.67 -23.48 -21.04
C PHE J 73 28.84 -23.78 -21.97
N LEU J 74 29.76 -22.85 -22.14
CA LEU J 74 31.01 -23.11 -22.85
C LEU J 74 32.12 -23.57 -21.90
N GLY J 75 31.81 -23.74 -20.63
CA GLY J 75 32.83 -24.12 -19.66
C GLY J 75 32.88 -25.60 -19.36
N ASN J 76 31.76 -26.32 -19.49
CA ASN J 76 31.75 -27.73 -19.16
C ASN J 76 32.67 -28.55 -20.06
N THR J 77 32.96 -28.08 -21.26
CA THR J 77 33.62 -28.91 -22.25
C THR J 77 35.12 -29.05 -22.04
N VAL J 78 35.68 -28.50 -20.96
CA VAL J 78 37.09 -28.68 -20.67
C VAL J 78 37.25 -29.36 -19.32
N GLY J 79 38.27 -30.21 -19.22
CA GLY J 79 38.64 -30.80 -17.94
C GLY J 79 37.61 -31.80 -17.42
N GLY J 80 37.89 -32.29 -16.22
CA GLY J 80 36.98 -33.20 -15.55
C GLY J 80 37.34 -33.33 -14.09
N GLY J 81 36.34 -33.64 -13.28
CA GLY J 81 36.55 -33.79 -11.84
C GLY J 81 36.10 -32.54 -11.09
N THR J 82 36.99 -32.01 -10.25
CA THR J 82 36.75 -30.74 -9.58
C THR J 82 37.38 -29.56 -10.32
N GLY J 83 38.08 -29.82 -11.42
CA GLY J 83 38.58 -28.77 -12.26
C GLY J 83 37.62 -28.31 -13.34
N ARG J 84 36.44 -28.92 -13.42
CA ARG J 84 35.41 -28.46 -14.35
C ARG J 84 34.58 -27.35 -13.72
N SER J 85 34.30 -27.46 -12.43
CA SER J 85 33.52 -26.44 -11.73
C SER J 85 34.23 -25.09 -11.78
N LEU J 86 35.55 -25.08 -11.59
CA LEU J 86 36.29 -23.83 -11.68
C LEU J 86 36.17 -23.21 -13.06
N ALA J 87 36.25 -24.03 -14.11
CA ALA J 87 36.16 -23.51 -15.46
C ALA J 87 34.79 -22.90 -15.73
N THR J 88 33.72 -23.59 -15.34
CA THR J 88 32.40 -23.03 -15.60
C THR J 88 32.17 -21.77 -14.78
N ALA J 89 32.66 -21.73 -13.53
CA ALA J 89 32.49 -20.53 -12.72
C ALA J 89 33.23 -19.34 -13.31
N ALA J 90 34.44 -19.55 -13.82
CA ALA J 90 35.17 -18.44 -14.43
C ALA J 90 34.49 -17.98 -15.72
N GLY J 91 34.06 -18.92 -16.55
CA GLY J 91 33.40 -18.55 -17.79
C GLY J 91 32.13 -17.77 -17.57
N ALA J 92 31.40 -18.06 -16.50
CA ALA J 92 30.15 -17.35 -16.24
C ALA J 92 30.37 -15.85 -16.15
N VAL J 93 31.30 -15.41 -15.28
CA VAL J 93 31.49 -13.97 -15.11
C VAL J 93 32.22 -13.37 -16.32
N ALA J 94 33.18 -14.10 -16.89
CA ALA J 94 33.89 -13.55 -18.04
C ALA J 94 33.00 -13.42 -19.27
N GLY J 95 31.83 -14.07 -19.28
CA GLY J 95 30.86 -13.80 -20.31
C GLY J 95 29.83 -12.78 -19.88
N GLY J 96 29.59 -12.73 -18.56
CA GLY J 96 28.63 -11.77 -18.04
C GLY J 96 29.02 -10.34 -18.32
N VAL J 97 30.29 -10.00 -18.10
CA VAL J 97 30.69 -8.61 -18.37
C VAL J 97 30.66 -8.31 -19.87
N ALA J 98 31.03 -9.28 -20.71
CA ALA J 98 30.99 -9.04 -22.15
C ALA J 98 29.56 -8.86 -22.65
N GLY J 99 28.59 -9.45 -21.95
CA GLY J 99 27.20 -9.22 -22.33
C GLY J 99 26.82 -7.75 -22.27
N GLN J 100 27.14 -7.09 -21.16
CA GLN J 100 26.91 -5.66 -21.07
C GLN J 100 27.82 -4.89 -22.01
N GLY J 101 28.98 -5.44 -22.33
CA GLY J 101 29.84 -4.78 -23.29
C GLY J 101 29.21 -4.69 -24.67
N VAL J 102 28.51 -5.74 -25.09
CA VAL J 102 27.94 -5.76 -26.43
C VAL J 102 26.53 -5.17 -26.48
N GLN J 103 25.72 -5.38 -25.44
CA GLN J 103 24.32 -4.95 -25.49
C GLN J 103 24.15 -3.43 -25.50
N SER J 104 25.22 -2.68 -25.21
CA SER J 104 25.18 -1.22 -25.22
C SER J 104 26.06 -0.64 -26.32
N ALA J 105 26.23 -1.37 -27.41
CA ALA J 105 26.86 -0.85 -28.61
C ALA J 105 26.02 -1.11 -29.85
N MET J 106 24.84 -1.71 -29.70
CA MET J 106 23.89 -1.87 -30.78
C MET J 106 22.69 -0.93 -30.63
N ASN J 107 22.77 0.02 -29.71
CA ASN J 107 21.70 1.00 -29.53
C ASN J 107 22.23 2.41 -29.74
N LYS J 108 23.00 2.61 -30.81
CA LYS J 108 23.71 3.86 -31.05
C LYS J 108 23.48 4.30 -32.49
N THR J 109 22.77 5.41 -32.67
CA THR J 109 22.43 5.92 -33.99
C THR J 109 23.04 7.31 -34.19
N GLN J 110 22.90 7.85 -35.40
CA GLN J 110 23.48 9.13 -35.75
C GLN J 110 22.37 10.11 -36.12
N GLY J 111 22.44 11.32 -35.56
CA GLY J 111 21.45 12.35 -35.83
C GLY J 111 22.07 13.71 -36.07
N VAL J 112 21.23 14.75 -36.13
CA VAL J 112 21.68 16.12 -36.35
C VAL J 112 21.12 17.02 -35.27
N GLU J 113 21.77 18.16 -35.07
CA GLU J 113 21.30 19.20 -34.16
C GLU J 113 21.09 20.48 -34.95
N LEU J 114 19.90 21.07 -34.82
CA LEU J 114 19.46 22.19 -35.62
C LEU J 114 19.18 23.39 -34.72
N GLU J 115 19.59 24.58 -35.16
CA GLU J 115 19.27 25.84 -34.47
C GLU J 115 18.32 26.64 -35.36
N ILE J 116 17.06 26.74 -34.93
CA ILE J 116 16.02 27.41 -35.71
C ILE J 116 15.63 28.71 -35.00
N ARG J 117 15.52 29.77 -35.79
CA ARG J 117 15.07 31.08 -35.31
C ARG J 117 13.66 31.31 -35.82
N LYS J 118 12.72 31.51 -34.90
CA LYS J 118 11.33 31.66 -35.28
C LYS J 118 11.05 33.08 -35.77
N ASP J 119 9.87 33.27 -36.35
CA ASP J 119 9.45 34.58 -36.81
C ASP J 119 9.03 35.51 -35.67
N ASP J 120 8.84 34.97 -34.47
CA ASP J 120 8.62 35.80 -33.29
C ASP J 120 9.84 36.67 -33.02
N GLY J 121 11.04 36.10 -33.12
CA GLY J 121 12.27 36.79 -32.79
C GLY J 121 13.01 36.02 -31.72
N ASN J 122 12.52 34.82 -31.43
CA ASN J 122 13.05 33.96 -30.39
C ASN J 122 13.78 32.79 -31.03
N THR J 123 14.84 32.33 -30.37
CA THR J 123 15.73 31.31 -30.91
C THR J 123 15.67 30.05 -30.05
N ILE J 124 15.67 28.89 -30.71
CA ILE J 124 15.70 27.59 -30.05
C ILE J 124 16.56 26.64 -30.88
N MET J 125 16.88 25.49 -30.31
CA MET J 125 17.50 24.41 -31.05
C MET J 125 16.89 23.07 -30.65
N VAL J 126 16.86 22.13 -31.59
CA VAL J 126 16.25 20.82 -31.42
C VAL J 126 17.14 19.78 -32.09
N VAL J 127 17.13 18.56 -31.52
CA VAL J 127 17.99 17.47 -31.98
C VAL J 127 17.12 16.32 -32.48
N GLN J 128 17.50 15.72 -33.59
CA GLN J 128 16.61 14.81 -34.30
C GLN J 128 17.43 13.84 -35.13
N LYS J 129 16.90 12.63 -35.30
CA LYS J 129 17.64 11.56 -35.95
C LYS J 129 17.77 11.78 -37.45
N GLN J 130 18.93 11.40 -37.99
CA GLN J 130 19.16 11.54 -39.43
C GLN J 130 18.26 10.59 -40.20
N GLY J 131 17.69 11.09 -41.29
CA GLY J 131 16.82 10.30 -42.13
C GLY J 131 17.30 10.17 -43.57
N ASN J 132 16.48 10.63 -44.52
CA ASN J 132 16.86 10.61 -45.93
C ASN J 132 16.71 11.97 -46.60
N THR J 133 16.49 13.03 -45.83
CA THR J 133 16.46 14.40 -46.32
C THR J 133 17.62 15.17 -45.73
N ARG J 134 18.23 16.02 -46.53
CA ARG J 134 19.39 16.80 -46.11
C ARG J 134 18.98 18.21 -45.76
N PHE J 135 19.32 18.65 -44.55
CA PHE J 135 19.09 20.02 -44.12
C PHE J 135 20.30 20.89 -44.47
N SER J 136 20.04 22.11 -44.88
CA SER J 136 21.05 23.05 -45.34
C SER J 136 20.89 24.36 -44.60
N PRO J 137 21.96 25.17 -44.53
CA PRO J 137 21.85 26.50 -43.91
C PRO J 137 21.10 27.45 -44.82
N GLY J 138 19.93 27.88 -44.36
CA GLY J 138 19.07 28.77 -45.15
C GLY J 138 17.95 28.01 -45.81
N GLN J 139 16.78 28.02 -45.19
CA GLN J 139 15.66 27.20 -45.61
C GLN J 139 14.47 27.57 -44.74
N ARG J 140 13.28 27.11 -45.13
CA ARG J 140 12.05 27.40 -44.41
C ARG J 140 11.50 26.09 -43.87
N VAL J 141 11.20 26.05 -42.57
CA VAL J 141 10.66 24.86 -41.94
C VAL J 141 9.39 25.24 -41.19
N VAL J 142 8.54 24.25 -40.99
CA VAL J 142 7.27 24.41 -40.27
C VAL J 142 7.28 23.50 -39.06
N LEU J 143 7.04 24.06 -37.89
CA LEU J 143 7.10 23.33 -36.63
C LEU J 143 5.71 22.86 -36.25
N ALA J 144 5.53 21.54 -36.12
CA ALA J 144 4.30 20.98 -35.60
C ALA J 144 4.51 20.67 -34.14
N SER J 145 3.76 21.33 -33.26
CA SER J 145 4.09 21.35 -31.85
C SER J 145 2.91 20.90 -31.00
N ASN J 146 3.24 20.41 -29.82
CA ASN J 146 2.28 20.08 -28.78
C ASN J 146 2.86 20.61 -27.48
N GLY J 147 2.30 20.23 -26.33
CA GLY J 147 2.93 20.61 -25.09
C GLY J 147 4.23 19.86 -24.88
N SER J 148 5.35 20.57 -25.03
CA SER J 148 6.69 19.99 -24.87
C SER J 148 6.92 18.79 -25.81
N GLN J 149 6.56 18.97 -27.08
CA GLN J 149 6.86 18.03 -28.15
C GLN J 149 6.93 18.82 -29.45
N VAL J 150 7.90 18.50 -30.29
CA VAL J 150 8.10 19.22 -31.55
C VAL J 150 8.60 18.27 -32.61
N THR J 151 8.10 18.42 -33.84
CA THR J 151 8.64 17.75 -35.01
C THR J 151 8.94 18.80 -36.06
N VAL J 152 10.09 18.67 -36.72
CA VAL J 152 10.51 19.63 -37.75
C VAL J 152 10.51 18.91 -39.09
N SER J 153 9.88 19.53 -40.09
CA SER J 153 9.77 18.96 -41.41
C SER J 153 10.07 20.03 -42.44
N PRO J 154 10.65 19.68 -43.57
CA PRO J 154 11.07 20.69 -44.55
C PRO J 154 9.86 21.32 -45.23
N ARG J 155 10.15 22.31 -46.06
CA ARG J 155 9.13 23.10 -46.74
C ARG J 155 8.10 22.27 -47.48
N CYS K 18 29.65 -2.68 -15.11
CA CYS K 18 30.13 -1.44 -15.70
C CYS K 18 28.99 -0.44 -15.83
N VAL K 19 29.33 0.84 -15.82
CA VAL K 19 28.37 1.92 -16.06
C VAL K 19 28.90 2.74 -17.22
N ASN K 20 28.03 3.00 -18.20
CA ASN K 20 28.44 3.66 -19.44
C ASN K 20 28.23 5.17 -19.28
N ASN K 21 29.20 5.81 -18.64
CA ASN K 21 29.15 7.26 -18.43
C ASN K 21 29.90 8.00 -19.54
N ASP K 22 29.49 7.72 -20.77
CA ASP K 22 29.96 8.47 -21.92
C ASP K 22 28.92 9.47 -22.40
N THR K 23 27.75 9.48 -21.79
CA THR K 23 26.75 10.50 -22.06
C THR K 23 27.00 11.79 -21.28
N LEU K 24 28.19 11.96 -20.72
CA LEU K 24 28.57 13.16 -19.98
C LEU K 24 29.62 13.95 -20.74
N SER K 25 29.55 13.92 -22.06
CA SER K 25 30.45 14.68 -22.92
C SER K 25 29.67 15.76 -23.64
N GLY K 26 30.38 16.57 -24.41
CA GLY K 26 29.76 17.66 -25.14
C GLY K 26 29.50 17.30 -26.58
N ASP K 27 29.49 15.99 -26.86
CA ASP K 27 29.37 15.49 -28.23
C ASP K 27 28.45 14.28 -28.29
N VAL K 28 27.71 14.00 -27.23
CA VAL K 28 26.82 12.83 -27.17
C VAL K 28 25.58 13.21 -26.37
N TYR K 29 24.41 12.98 -26.95
CA TYR K 29 23.15 13.30 -26.30
C TYR K 29 22.42 12.01 -25.94
N THR K 30 21.91 11.94 -24.71
CA THR K 30 21.02 10.85 -24.37
C THR K 30 19.74 10.96 -25.18
N ALA K 31 19.10 9.82 -25.43
CA ALA K 31 17.98 9.78 -26.37
C ALA K 31 16.65 10.20 -25.75
N SER K 32 16.63 10.52 -24.46
CA SER K 32 15.42 11.02 -23.83
C SER K 32 15.29 12.53 -23.91
N GLU K 33 16.23 13.21 -24.58
CA GLU K 33 16.18 14.64 -24.78
C GLU K 33 16.44 14.99 -26.23
N ALA K 34 15.96 14.15 -27.14
CA ALA K 34 15.89 14.48 -28.55
C ALA K 34 14.46 14.86 -28.90
N LYS K 35 14.33 15.72 -29.91
CA LYS K 35 13.04 16.32 -30.28
C LYS K 35 12.42 17.06 -29.09
N GLN K 36 13.16 18.05 -28.60
CA GLN K 36 12.68 18.98 -27.59
C GLN K 36 13.26 20.36 -27.89
N VAL K 37 12.85 21.36 -27.12
CA VAL K 37 13.26 22.75 -27.34
C VAL K 37 14.22 23.17 -26.24
N GLN K 38 15.29 23.86 -26.64
CA GLN K 38 16.33 24.31 -25.73
C GLN K 38 16.73 25.73 -26.08
N ASN K 39 17.01 26.53 -25.05
CA ASN K 39 17.32 27.94 -25.22
C ASN K 39 18.82 28.15 -25.47
N VAL K 40 19.17 29.36 -25.90
CA VAL K 40 20.52 29.66 -26.35
C VAL K 40 21.01 30.94 -25.67
N SER K 41 22.25 30.92 -25.17
CA SER K 41 22.90 32.08 -24.59
C SER K 41 24.36 32.10 -25.07
N TYR K 42 25.05 33.21 -24.79
CA TYR K 42 26.44 33.37 -25.19
C TYR K 42 27.29 33.76 -23.98
N GLY K 43 28.59 33.52 -24.09
CA GLY K 43 29.46 33.82 -22.97
C GLY K 43 30.92 33.86 -23.35
N THR K 44 31.77 33.87 -22.32
CA THR K 44 33.21 33.89 -22.48
C THR K 44 33.83 33.00 -21.40
N ILE K 45 35.03 32.50 -21.65
CA ILE K 45 35.62 31.39 -20.90
C ILE K 45 36.88 31.85 -20.20
N VAL K 46 37.02 31.48 -18.91
CA VAL K 46 38.23 31.75 -18.14
C VAL K 46 38.47 30.61 -17.15
N ASN K 47 39.75 30.35 -16.86
CA ASN K 47 40.20 29.53 -15.74
C ASN K 47 39.67 28.09 -15.81
N VAL K 48 40.19 27.36 -16.79
CA VAL K 48 39.99 25.92 -16.89
C VAL K 48 41.05 25.20 -16.06
N ARG K 49 40.63 24.21 -15.27
CA ARG K 49 41.58 23.36 -14.55
C ARG K 49 41.09 21.92 -14.58
N PRO K 50 42.00 20.95 -14.55
CA PRO K 50 41.61 19.54 -14.70
C PRO K 50 41.12 18.90 -13.41
N VAL K 51 40.25 17.91 -13.58
CA VAL K 51 39.48 17.30 -12.49
C VAL K 51 39.16 15.87 -12.88
N GLN K 52 38.97 15.00 -11.88
CA GLN K 52 38.57 13.62 -12.09
C GLN K 52 37.10 13.44 -11.75
N ILE K 53 36.47 12.43 -12.37
CA ILE K 53 35.03 12.19 -12.21
C ILE K 53 34.81 10.74 -11.83
N GLN K 54 33.99 10.52 -10.81
CA GLN K 54 33.73 9.19 -10.25
C GLN K 54 32.25 8.87 -10.41
N GLY K 55 31.93 8.00 -11.35
CA GLY K 55 30.56 7.60 -11.61
C GLY K 55 30.12 6.44 -10.74
N GLY K 56 29.01 5.82 -11.15
CA GLY K 56 28.56 4.62 -10.46
C GLY K 56 27.83 4.92 -9.17
N ASP K 57 27.83 3.94 -8.27
CA ASP K 57 27.17 4.04 -6.98
C ASP K 57 28.14 3.63 -5.88
N ASP K 58 27.89 4.16 -4.67
CA ASP K 58 28.85 3.99 -3.57
C ASP K 58 28.81 2.58 -2.99
N SER K 59 27.61 2.00 -2.84
CA SER K 59 27.50 0.63 -2.32
C SER K 59 27.65 -0.33 -3.48
N ASN K 60 28.84 -0.91 -3.62
CA ASN K 60 29.13 -1.81 -4.72
C ASN K 60 28.59 -3.20 -4.39
N VAL K 61 27.60 -3.66 -5.15
CA VAL K 61 26.98 -4.95 -4.93
C VAL K 61 27.41 -5.98 -5.98
N ILE K 62 27.42 -5.58 -7.26
CA ILE K 62 27.75 -6.53 -8.32
C ILE K 62 29.19 -7.00 -8.20
N GLY K 63 30.11 -6.14 -7.75
CA GLY K 63 31.48 -6.57 -7.57
C GLY K 63 31.63 -7.60 -6.47
N ALA K 64 30.83 -7.47 -5.41
CA ALA K 64 30.95 -8.38 -4.27
C ALA K 64 30.62 -9.81 -4.68
N ILE K 65 29.54 -10.01 -5.42
CA ILE K 65 29.12 -11.37 -5.76
C ILE K 65 30.09 -12.02 -6.74
N GLY K 66 30.54 -11.28 -7.75
CA GLY K 66 31.52 -11.83 -8.67
C GLY K 66 32.81 -12.22 -7.98
N GLY K 67 33.32 -11.31 -7.13
CA GLY K 67 34.52 -11.64 -6.36
C GLY K 67 34.31 -12.84 -5.46
N ALA K 68 33.14 -12.93 -4.84
CA ALA K 68 32.86 -14.03 -3.91
C ALA K 68 32.87 -15.37 -4.63
N VAL K 69 32.14 -15.48 -5.75
CA VAL K 69 32.10 -16.78 -6.43
C VAL K 69 33.47 -17.14 -6.98
N LEU K 70 34.16 -16.18 -7.62
CA LEU K 70 35.45 -16.53 -8.21
C LEU K 70 36.49 -16.86 -7.15
N GLY K 71 36.36 -16.30 -5.94
CA GLY K 71 37.29 -16.66 -4.89
C GLY K 71 36.94 -17.97 -4.21
N GLY K 72 35.64 -18.24 -4.07
CA GLY K 72 35.23 -19.49 -3.44
C GLY K 72 35.56 -20.71 -4.28
N PHE K 73 35.34 -20.64 -5.58
CA PHE K 73 35.63 -21.81 -6.40
C PHE K 73 37.13 -22.05 -6.59
N LEU K 74 37.97 -21.14 -6.11
CA LEU K 74 39.42 -21.37 -6.08
C LEU K 74 39.86 -22.00 -4.76
N GLY K 75 38.93 -22.33 -3.88
CA GLY K 75 39.28 -22.89 -2.59
C GLY K 75 39.20 -24.39 -2.51
N ASN K 76 38.34 -25.02 -3.30
CA ASN K 76 38.19 -26.47 -3.22
C ASN K 76 39.46 -27.22 -3.61
N THR K 77 40.34 -26.60 -4.39
CA THR K 77 41.45 -27.33 -4.97
C THR K 77 42.61 -27.57 -4.02
N VAL K 78 42.50 -27.20 -2.75
CA VAL K 78 43.54 -27.48 -1.77
C VAL K 78 42.96 -28.35 -0.66
N GLY K 79 43.79 -29.24 -0.14
CA GLY K 79 43.44 -30.02 1.04
C GLY K 79 42.32 -31.01 0.79
N GLY K 80 41.92 -31.67 1.87
CA GLY K 80 40.82 -32.61 1.82
C GLY K 80 40.35 -32.95 3.22
N GLY K 81 39.08 -33.31 3.33
CA GLY K 81 38.49 -33.65 4.61
C GLY K 81 37.68 -32.49 5.18
N THR K 82 37.98 -32.11 6.43
CA THR K 82 37.39 -30.93 7.04
C THR K 82 38.28 -29.71 6.90
N GLY K 83 39.47 -29.85 6.33
CA GLY K 83 40.32 -28.72 6.03
C GLY K 83 40.06 -28.08 4.69
N ARG K 84 39.12 -28.62 3.90
CA ARG K 84 38.74 -27.99 2.65
C ARG K 84 37.67 -26.93 2.87
N SER K 85 36.74 -27.19 3.80
CA SER K 85 35.69 -26.22 4.10
C SER K 85 36.28 -24.92 4.62
N LEU K 86 37.30 -25.01 5.48
CA LEU K 86 37.93 -23.80 5.98
C LEU K 86 38.55 -23.00 4.83
N ALA K 87 39.21 -23.68 3.90
CA ALA K 87 39.84 -22.98 2.79
C ALA K 87 38.81 -22.28 1.91
N THR K 88 37.71 -22.96 1.57
CA THR K 88 36.71 -22.31 0.74
C THR K 88 36.06 -21.14 1.47
N ALA K 89 35.81 -21.29 2.77
CA ALA K 89 35.19 -20.20 3.53
C ALA K 89 36.10 -18.97 3.59
N ALA K 90 37.41 -19.19 3.79
CA ALA K 90 38.33 -18.05 3.80
C ALA K 90 38.42 -17.39 2.43
N GLY K 91 38.54 -18.19 1.38
CA GLY K 91 38.62 -17.64 0.04
C GLY K 91 37.41 -16.81 -0.34
N ALA K 92 36.22 -17.22 0.12
CA ALA K 92 35.01 -16.48 -0.23
C ALA K 92 35.12 -15.01 0.18
N VAL K 93 35.43 -14.73 1.45
CA VAL K 93 35.47 -13.34 1.89
C VAL K 93 36.70 -12.63 1.35
N ALA K 94 37.84 -13.34 1.27
CA ALA K 94 39.03 -12.67 0.77
C ALA K 94 38.93 -12.34 -0.71
N GLY K 95 37.97 -12.92 -1.42
CA GLY K 95 37.70 -12.48 -2.78
C GLY K 95 36.57 -11.47 -2.81
N GLY K 96 35.66 -11.57 -1.84
CA GLY K 96 34.55 -10.64 -1.78
C GLY K 96 34.99 -9.21 -1.62
N VAL K 97 35.94 -8.96 -0.71
CA VAL K 97 36.38 -7.58 -0.53
C VAL K 97 37.16 -7.08 -1.75
N ALA K 98 37.94 -7.95 -2.40
CA ALA K 98 38.67 -7.53 -3.59
C ALA K 98 37.73 -7.21 -4.75
N GLY K 99 36.54 -7.84 -4.75
CA GLY K 99 35.56 -7.50 -5.78
C GLY K 99 35.17 -6.03 -5.74
N GLN K 100 34.84 -5.53 -4.55
CA GLN K 100 34.56 -4.11 -4.40
C GLN K 100 35.80 -3.27 -4.60
N GLY K 101 36.97 -3.84 -4.31
CA GLY K 101 38.20 -3.11 -4.58
C GLY K 101 38.40 -2.80 -6.05
N VAL K 102 38.05 -3.77 -6.92
CA VAL K 102 38.28 -3.58 -8.35
C VAL K 102 37.10 -2.92 -9.06
N GLN K 103 35.87 -3.21 -8.65
CA GLN K 103 34.71 -2.71 -9.38
C GLN K 103 34.53 -1.20 -9.26
N SER K 104 35.26 -0.54 -8.36
CA SER K 104 35.19 0.90 -8.18
C SER K 104 36.51 1.57 -8.56
N ALA K 105 37.25 0.97 -9.48
CA ALA K 105 38.41 1.62 -10.09
C ALA K 105 38.37 1.56 -11.60
N MET K 106 37.30 1.00 -12.18
CA MET K 106 37.08 1.05 -13.62
C MET K 106 35.97 2.01 -13.99
N ASN K 107 35.52 2.84 -13.06
CA ASN K 107 34.49 3.83 -13.34
C ASN K 107 35.02 5.23 -13.05
N LYS K 108 36.24 5.52 -13.49
CA LYS K 108 36.93 6.76 -13.16
C LYS K 108 37.49 7.39 -14.42
N THR K 109 36.96 8.56 -14.80
CA THR K 109 37.36 9.24 -16.02
C THR K 109 37.96 10.60 -15.66
N GLN K 110 38.45 11.30 -16.67
CA GLN K 110 39.11 12.59 -16.49
C GLN K 110 38.35 13.67 -17.26
N GLY K 111 38.07 14.79 -16.58
CA GLY K 111 37.36 15.89 -17.20
C GLY K 111 37.96 17.25 -16.88
N VAL K 112 37.27 18.33 -17.24
CA VAL K 112 37.74 19.68 -17.00
C VAL K 112 36.65 20.46 -16.28
N GLU K 113 37.07 21.54 -15.61
CA GLU K 113 36.16 22.47 -14.96
C GLU K 113 36.37 23.86 -15.55
N LEU K 114 35.28 24.48 -15.99
CA LEU K 114 35.31 25.72 -16.75
C LEU K 114 34.56 26.81 -15.98
N GLU K 115 35.11 28.02 -15.96
CA GLU K 115 34.45 29.19 -15.39
C GLU K 115 34.09 30.15 -16.53
N ILE K 116 32.80 30.25 -16.83
CA ILE K 116 32.32 31.08 -17.94
C ILE K 116 31.58 32.29 -17.38
N ARG K 117 31.87 33.45 -17.95
CA ARG K 117 31.21 34.70 -17.61
C ARG K 117 30.27 35.08 -18.76
N LYS K 118 28.99 35.20 -18.45
CA LYS K 118 28.01 35.47 -19.50
C LYS K 118 28.01 36.94 -19.86
N ASP K 119 27.31 37.27 -20.95
CA ASP K 119 27.17 38.66 -21.37
C ASP K 119 26.18 39.44 -20.53
N ASP K 120 25.39 38.76 -19.69
CA ASP K 120 24.56 39.45 -18.71
C ASP K 120 25.42 40.21 -17.72
N GLY K 121 26.50 39.60 -17.24
CA GLY K 121 27.36 40.18 -16.22
C GLY K 121 27.43 39.24 -15.03
N ASN K 122 26.88 38.05 -15.22
CA ASN K 122 26.80 37.03 -14.18
C ASN K 122 27.79 35.92 -14.49
N THR K 123 28.34 35.32 -13.44
CA THR K 123 29.41 34.34 -13.55
C THR K 123 28.94 32.98 -13.03
N ILE K 124 29.32 31.91 -13.75
CA ILE K 124 29.03 30.54 -13.35
C ILE K 124 30.22 29.66 -13.72
N MET K 125 30.20 28.43 -13.22
CA MET K 125 31.16 27.43 -13.66
C MET K 125 30.46 26.08 -13.83
N VAL K 126 30.97 25.28 -14.77
CA VAL K 126 30.39 23.99 -15.13
C VAL K 126 31.52 22.99 -15.35
N VAL K 127 31.26 21.72 -15.06
CA VAL K 127 32.25 20.66 -15.13
C VAL K 127 31.79 19.62 -16.15
N GLN K 128 32.74 19.15 -16.96
CA GLN K 128 32.38 18.39 -18.16
C GLN K 128 33.55 17.49 -18.55
N LYS K 129 33.22 16.34 -19.14
CA LYS K 129 34.22 15.32 -19.42
C LYS K 129 35.13 15.73 -20.59
N GLN K 130 36.40 15.37 -20.48
CA GLN K 130 37.36 15.67 -21.53
C GLN K 130 37.03 14.87 -22.79
N GLY K 131 37.12 15.55 -23.94
CA GLY K 131 36.85 14.91 -25.22
C GLY K 131 38.03 14.95 -26.16
N ASN K 132 37.83 15.56 -27.34
CA ASN K 132 38.90 15.70 -28.32
C ASN K 132 39.11 17.15 -28.77
N THR K 133 38.47 18.11 -28.10
CA THR K 133 38.68 19.52 -28.35
C THR K 133 39.33 20.15 -27.12
N ARG K 134 40.25 21.08 -27.36
CA ARG K 134 40.99 21.72 -26.29
C ARG K 134 40.41 23.11 -26.02
N PHE K 135 40.05 23.37 -24.76
CA PHE K 135 39.59 24.68 -24.35
C PHE K 135 40.77 25.51 -23.87
N SER K 136 40.74 26.80 -24.19
CA SER K 136 41.81 27.73 -23.92
C SER K 136 41.26 28.95 -23.20
N PRO K 137 42.10 29.68 -22.46
CA PRO K 137 41.64 30.92 -21.82
C PRO K 137 41.47 32.02 -22.85
N GLY K 138 40.22 32.45 -23.04
CA GLY K 138 39.90 33.48 -24.02
C GLY K 138 39.32 32.86 -25.28
N GLN K 139 38.00 32.86 -25.39
CA GLN K 139 37.29 32.15 -26.44
C GLN K 139 35.81 32.47 -26.29
N ARG K 140 35.04 32.13 -27.32
CA ARG K 140 33.61 32.37 -27.32
C ARG K 140 32.87 31.04 -27.35
N VAL K 141 31.93 30.86 -26.42
CA VAL K 141 31.17 29.63 -26.35
C VAL K 141 29.69 29.97 -26.35
N VAL K 142 28.88 29.01 -26.76
CA VAL K 142 27.43 29.15 -26.81
C VAL K 142 26.81 28.08 -25.91
N LEU K 143 25.98 28.50 -24.99
CA LEU K 143 25.38 27.60 -24.01
C LEU K 143 24.01 27.17 -24.50
N ALA K 144 23.82 25.86 -24.66
CA ALA K 144 22.51 25.30 -24.95
C ALA K 144 21.91 24.79 -23.66
N SER K 145 20.80 25.37 -23.24
CA SER K 145 20.32 25.19 -21.87
C SER K 145 18.89 24.69 -21.85
N ASN K 146 18.55 24.04 -20.76
CA ASN K 146 17.18 23.62 -20.44
C ASN K 146 16.97 23.95 -18.97
N GLY K 147 15.89 23.46 -18.36
CA GLY K 147 15.75 23.65 -16.93
C GLY K 147 16.76 22.81 -16.16
N SER K 148 17.77 23.47 -15.61
CA SER K 148 18.84 22.81 -14.85
C SER K 148 19.57 21.74 -15.67
N GLN K 149 19.93 22.10 -16.89
CA GLN K 149 20.78 21.29 -17.75
C GLN K 149 21.51 22.23 -18.70
N VAL K 150 22.79 21.98 -18.94
CA VAL K 150 23.60 22.84 -19.78
C VAL K 150 24.63 22.00 -20.53
N THR K 151 24.85 22.33 -21.80
CA THR K 151 25.95 21.79 -22.59
C THR K 151 26.74 22.96 -23.16
N VAL K 152 28.06 22.86 -23.13
CA VAL K 152 28.94 23.90 -23.63
C VAL K 152 29.67 23.37 -24.85
N SER K 153 29.66 24.14 -25.92
CA SER K 153 30.29 23.75 -27.18
C SER K 153 31.06 24.94 -27.73
N PRO K 154 32.18 24.70 -28.41
CA PRO K 154 33.01 25.81 -28.87
C PRO K 154 32.34 26.57 -30.00
N ARG K 155 33.00 27.66 -30.40
CA ARG K 155 32.48 28.57 -31.40
C ARG K 155 32.03 27.89 -32.69
#